data_1ADJ
#
_entry.id   1ADJ
#
_cell.length_a   171.300
_cell.length_b   214.700
_cell.length_c   49.300
_cell.angle_alpha   90.00
_cell.angle_beta   90.00
_cell.angle_gamma   90.00
#
_symmetry.space_group_name_H-M   'P 21 21 2'
#
loop_
_entity.id
_entity.type
_entity.pdbx_description
1 polymer 'HISTIDYL-TRNA SYNTHETASE'
2 non-polymer 'SULFATE ION'
3 non-polymer HISTIDINE
4 water water
#
_entity_poly.entity_id   1
_entity_poly.type   'polypeptide(L)'
_entity_poly.pdbx_seq_one_letter_code
;MTARAVRGTKDLFGKELRMHQRIVATARKVLEAAGALELVTPIFEETQVFEKGVGAATDIVRKEMFTFQDRGGRSLTLRP
EGTAAMVRAYLEHGMKVWPQPVRLWMAGPMFRAERPQKGRYRQFHQVNYEALGSENPILDAEAVVLLYECLKELGLRRLK
VKLSSVGDPEDRARYNAYLREVLSPHREALSEDSKERLEENPMRILDSKSERDQALLKELGVRPMLDFLGEEARAHLKEV
ERHLERLSVPYELEPALVRGLDYYVRTAFEVHHEEIGAQSALGGGGRYDGLSELLGGPRVPGVGFAFGVERVALALEAEG
FGLPEEKGPDLYLIPLTEEAVAEAFYLAEALRPRLRAEYALAPRKPAKGLEEALKRGAAFAGFLGEDELRAGEVTLKRLA
TGEQVRLSREEVPGYLLQALG
;
_entity_poly.pdbx_strand_id   A,B,C,D
#
# COMPACT_ATOMS: atom_id res chain seq x y z
N THR A 2 -27.41 4.96 8.91
CA THR A 2 -26.71 5.45 7.68
C THR A 2 -26.09 4.29 6.88
N ALA A 3 -25.11 3.64 7.48
CA ALA A 3 -24.40 2.53 6.85
C ALA A 3 -25.23 1.36 6.35
N ARG A 4 -24.76 0.77 5.25
CA ARG A 4 -25.39 -0.37 4.61
C ARG A 4 -24.26 -1.38 4.44
N ALA A 5 -24.60 -2.56 3.91
CA ALA A 5 -23.60 -3.58 3.65
C ALA A 5 -22.97 -3.11 2.34
N VAL A 6 -21.64 -3.01 2.31
CA VAL A 6 -20.93 -2.54 1.12
C VAL A 6 -21.37 -3.27 -0.15
N ARG A 7 -21.52 -2.52 -1.24
CA ARG A 7 -21.94 -3.09 -2.51
C ARG A 7 -21.07 -4.29 -2.87
N GLY A 8 -21.70 -5.38 -3.27
CA GLY A 8 -20.97 -6.58 -3.64
C GLY A 8 -20.91 -7.61 -2.51
N THR A 9 -21.37 -7.22 -1.32
CA THR A 9 -21.41 -8.11 -0.17
C THR A 9 -22.83 -8.04 0.36
N LYS A 10 -23.22 -9.03 1.16
CA LYS A 10 -24.56 -9.05 1.72
C LYS A 10 -24.66 -9.97 2.92
N ASP A 11 -25.68 -9.74 3.73
CA ASP A 11 -25.90 -10.55 4.91
C ASP A 11 -26.59 -11.83 4.48
N LEU A 12 -26.11 -12.96 4.96
CA LEU A 12 -26.70 -14.24 4.63
C LEU A 12 -27.56 -14.73 5.77
N PHE A 13 -28.85 -14.92 5.51
CA PHE A 13 -29.78 -15.43 6.51
C PHE A 13 -30.97 -15.96 5.77
N GLY A 14 -31.85 -16.66 6.49
CA GLY A 14 -33.05 -17.21 5.87
C GLY A 14 -32.76 -18.28 4.85
N LYS A 15 -33.69 -18.48 3.92
CA LYS A 15 -33.55 -19.50 2.87
C LYS A 15 -32.24 -19.41 2.11
N GLU A 16 -31.81 -18.20 1.80
CA GLU A 16 -30.57 -18.01 1.06
C GLU A 16 -29.39 -18.65 1.79
N LEU A 17 -29.31 -18.43 3.10
CA LEU A 17 -28.21 -18.98 3.90
C LEU A 17 -28.32 -20.50 3.92
N ARG A 18 -29.54 -20.99 4.09
CA ARG A 18 -29.80 -22.43 4.13
C ARG A 18 -29.40 -23.15 2.84
N MET A 19 -29.62 -22.51 1.69
CA MET A 19 -29.25 -23.13 0.42
C MET A 19 -27.73 -23.29 0.37
N HIS A 20 -27.00 -22.26 0.81
CA HIS A 20 -25.54 -22.30 0.84
C HIS A 20 -25.05 -23.46 1.68
N GLN A 21 -25.71 -23.68 2.81
CA GLN A 21 -25.34 -24.74 3.71
C GLN A 21 -25.60 -26.11 3.10
N ARG A 22 -26.71 -26.24 2.38
CA ARG A 22 -27.03 -27.50 1.72
C ARG A 22 -25.95 -27.79 0.67
N ILE A 23 -25.62 -26.76 -0.10
CA ILE A 23 -24.61 -26.86 -1.15
C ILE A 23 -23.26 -27.31 -0.58
N VAL A 24 -22.80 -26.65 0.48
CA VAL A 24 -21.52 -27.02 1.10
C VAL A 24 -21.60 -28.41 1.73
N ALA A 25 -22.77 -28.74 2.30
CA ALA A 25 -22.98 -30.04 2.94
C ALA A 25 -22.78 -31.18 1.93
N THR A 26 -23.37 -31.00 0.75
CA THR A 26 -23.28 -32.00 -0.32
C THR A 26 -21.83 -32.10 -0.81
N ALA A 27 -21.21 -30.96 -1.07
CA ALA A 27 -19.84 -30.91 -1.53
C ALA A 27 -18.96 -31.66 -0.54
N ARG A 28 -19.22 -31.45 0.75
CA ARG A 28 -18.46 -32.11 1.80
C ARG A 28 -18.56 -33.63 1.69
N LYS A 29 -19.77 -34.12 1.46
CA LYS A 29 -19.99 -35.55 1.35
C LYS A 29 -19.24 -36.17 0.16
N VAL A 30 -19.43 -35.62 -1.04
CA VAL A 30 -18.77 -36.18 -2.22
C VAL A 30 -17.26 -36.09 -2.15
N LEU A 31 -16.76 -34.93 -1.75
CA LEU A 31 -15.32 -34.68 -1.66
C LEU A 31 -14.65 -35.55 -0.61
N GLU A 32 -15.24 -35.65 0.58
CA GLU A 32 -14.66 -36.45 1.63
C GLU A 32 -14.72 -37.96 1.36
N ALA A 33 -15.67 -38.37 0.51
CA ALA A 33 -15.80 -39.78 0.16
C ALA A 33 -14.62 -40.15 -0.74
N ALA A 34 -14.10 -39.17 -1.47
CA ALA A 34 -12.95 -39.37 -2.36
C ALA A 34 -11.65 -39.26 -1.60
N GLY A 35 -11.74 -39.06 -0.29
CA GLY A 35 -10.56 -38.96 0.54
C GLY A 35 -10.05 -37.55 0.82
N ALA A 36 -10.83 -36.53 0.48
CA ALA A 36 -10.40 -35.16 0.70
C ALA A 36 -10.46 -34.78 2.19
N LEU A 37 -9.43 -34.09 2.66
CA LEU A 37 -9.34 -33.62 4.03
C LEU A 37 -9.72 -32.12 4.06
N GLU A 38 -10.57 -31.71 5.01
CA GLU A 38 -10.96 -30.30 5.09
C GLU A 38 -9.82 -29.48 5.68
N LEU A 39 -9.42 -28.43 4.97
CA LEU A 39 -8.34 -27.55 5.37
C LEU A 39 -8.79 -26.13 5.10
N VAL A 40 -8.87 -25.31 6.14
CA VAL A 40 -9.30 -23.93 5.99
C VAL A 40 -8.12 -22.99 6.18
N THR A 41 -7.79 -22.23 5.15
CA THR A 41 -6.69 -21.29 5.20
C THR A 41 -7.18 -19.93 5.67
N PRO A 42 -6.28 -19.07 6.19
CA PRO A 42 -6.62 -17.73 6.68
C PRO A 42 -7.30 -16.89 5.60
N ILE A 43 -8.01 -15.84 6.03
CA ILE A 43 -8.72 -14.95 5.13
C ILE A 43 -7.75 -14.13 4.27
N PHE A 44 -6.53 -13.95 4.76
CA PHE A 44 -5.52 -13.20 4.01
C PHE A 44 -4.16 -13.88 4.06
N GLU A 45 -3.37 -13.63 3.03
CA GLU A 45 -2.03 -14.21 2.90
C GLU A 45 -1.08 -13.06 2.58
N GLU A 46 0.23 -13.32 2.60
CA GLU A 46 1.21 -12.31 2.23
C GLU A 46 0.86 -12.04 0.79
N THR A 47 0.78 -10.77 0.41
CA THR A 47 0.42 -10.39 -0.94
C THR A 47 1.15 -11.17 -2.04
N GLN A 48 2.40 -11.57 -1.75
CA GLN A 48 3.20 -12.32 -2.73
C GLN A 48 2.61 -13.67 -3.12
N VAL A 49 1.96 -14.36 -2.19
CA VAL A 49 1.37 -15.68 -2.46
C VAL A 49 0.42 -15.59 -3.67
N PHE A 50 -0.31 -14.49 -3.78
CA PHE A 50 -1.23 -14.33 -4.89
C PHE A 50 -0.57 -13.69 -6.12
N GLU A 51 0.42 -12.83 -5.89
CA GLU A 51 1.12 -12.18 -6.99
C GLU A 51 1.86 -13.22 -7.81
N LYS A 52 2.76 -13.93 -7.16
CA LYS A 52 3.56 -14.97 -7.79
C LYS A 52 2.69 -16.14 -8.22
N GLY A 53 1.79 -16.55 -7.34
CA GLY A 53 0.91 -17.66 -7.63
C GLY A 53 -0.03 -17.47 -8.81
N VAL A 54 -0.92 -16.49 -8.71
CA VAL A 54 -1.89 -16.23 -9.76
C VAL A 54 -1.26 -15.65 -11.04
N GLY A 55 -0.01 -15.18 -10.94
CA GLY A 55 0.67 -14.62 -12.08
C GLY A 55 0.49 -13.12 -12.17
N ALA A 56 1.60 -12.39 -12.14
CA ALA A 56 1.58 -10.93 -12.20
C ALA A 56 0.94 -10.28 -13.43
N ALA A 57 0.52 -11.09 -14.40
CA ALA A 57 -0.08 -10.59 -15.63
C ALA A 57 -1.61 -10.68 -15.66
N THR A 58 -2.19 -11.31 -14.65
CA THR A 58 -3.64 -11.48 -14.61
C THR A 58 -4.41 -10.29 -14.06
N ASP A 59 -5.65 -10.14 -14.53
CA ASP A 59 -6.55 -9.06 -14.09
C ASP A 59 -6.72 -9.04 -12.58
N ILE A 60 -6.86 -10.24 -12.01
CA ILE A 60 -7.02 -10.41 -10.56
C ILE A 60 -5.89 -9.73 -9.80
N VAL A 61 -4.66 -10.14 -10.06
CA VAL A 61 -3.50 -9.56 -9.38
C VAL A 61 -3.31 -8.07 -9.65
N ARG A 62 -3.41 -7.69 -10.92
CA ARG A 62 -3.21 -6.29 -11.31
C ARG A 62 -4.19 -5.25 -10.81
N LYS A 63 -5.47 -5.60 -10.67
CA LYS A 63 -6.44 -4.61 -10.25
C LYS A 63 -7.69 -5.11 -9.54
N GLU A 64 -7.69 -6.36 -9.07
CA GLU A 64 -8.89 -6.90 -8.41
C GLU A 64 -8.67 -7.52 -7.03
N MET A 65 -7.56 -7.21 -6.39
CA MET A 65 -7.31 -7.78 -5.06
C MET A 65 -7.37 -6.73 -3.97
N PHE A 66 -8.05 -7.08 -2.87
CA PHE A 66 -8.15 -6.17 -1.73
C PHE A 66 -6.85 -6.35 -0.96
N THR A 67 -5.87 -5.51 -1.25
CA THR A 67 -4.60 -5.59 -0.57
C THR A 67 -4.40 -4.37 0.32
N PHE A 68 -3.76 -4.57 1.47
CA PHE A 68 -3.53 -3.50 2.44
C PHE A 68 -2.22 -3.78 3.18
N GLN A 69 -1.79 -2.85 4.01
CA GLN A 69 -0.56 -3.07 4.74
C GLN A 69 -0.72 -3.37 6.22
N ASP A 70 -0.01 -4.41 6.64
CA ASP A 70 0.05 -4.89 8.01
C ASP A 70 0.36 -3.68 8.88
N ARG A 71 -0.21 -3.66 10.09
CA ARG A 71 0.05 -2.58 11.03
C ARG A 71 1.51 -2.76 11.43
N GLY A 72 2.40 -2.39 10.50
CA GLY A 72 3.82 -2.55 10.72
C GLY A 72 4.59 -3.09 9.53
N GLY A 73 4.21 -2.72 8.32
CA GLY A 73 4.95 -3.16 7.15
C GLY A 73 4.35 -4.10 6.12
N ARG A 74 4.59 -5.40 6.31
CA ARG A 74 4.10 -6.45 5.42
C ARG A 74 2.85 -6.16 4.61
N SER A 75 2.85 -6.59 3.37
CA SER A 75 1.70 -6.37 2.49
C SER A 75 0.85 -7.65 2.57
N LEU A 76 -0.40 -7.49 3.00
CA LEU A 76 -1.34 -8.59 3.14
C LEU A 76 -2.47 -8.42 2.14
N THR A 77 -3.01 -9.53 1.65
CA THR A 77 -4.09 -9.46 0.67
C THR A 77 -5.22 -10.43 0.96
N LEU A 78 -6.44 -9.91 0.83
CA LEU A 78 -7.65 -10.70 1.04
C LEU A 78 -7.70 -11.73 -0.08
N ARG A 79 -7.67 -13.00 0.33
CA ARG A 79 -7.72 -14.15 -0.58
C ARG A 79 -8.79 -14.02 -1.67
N PRO A 80 -8.34 -13.96 -2.93
CA PRO A 80 -9.24 -13.84 -4.10
C PRO A 80 -9.56 -15.20 -4.72
N GLU A 81 -8.82 -16.23 -4.31
CA GLU A 81 -8.96 -17.58 -4.82
C GLU A 81 -8.26 -18.53 -3.86
N GLY A 82 -8.62 -19.81 -3.88
CA GLY A 82 -8.04 -20.77 -2.95
C GLY A 82 -6.82 -21.62 -3.26
N THR A 83 -6.59 -21.96 -4.53
CA THR A 83 -5.47 -22.82 -4.91
C THR A 83 -4.07 -22.45 -4.38
N ALA A 84 -3.65 -21.21 -4.63
CA ALA A 84 -2.33 -20.77 -4.17
C ALA A 84 -2.19 -20.97 -2.66
N ALA A 85 -3.23 -20.60 -1.91
CA ALA A 85 -3.23 -20.73 -0.45
C ALA A 85 -3.09 -22.19 -0.05
N MET A 86 -3.83 -23.06 -0.75
CA MET A 86 -3.78 -24.50 -0.49
C MET A 86 -2.37 -25.00 -0.70
N VAL A 87 -1.74 -24.58 -1.79
CA VAL A 87 -0.37 -25.01 -2.09
C VAL A 87 0.59 -24.47 -1.05
N ARG A 88 0.32 -23.24 -0.59
CA ARG A 88 1.13 -22.57 0.44
C ARG A 88 1.05 -23.40 1.71
N ALA A 89 -0.17 -23.85 2.03
CA ALA A 89 -0.40 -24.68 3.21
C ALA A 89 0.32 -26.01 3.05
N TYR A 90 0.19 -26.63 1.87
CA TYR A 90 0.83 -27.91 1.58
C TYR A 90 2.32 -27.80 1.84
N LEU A 91 2.93 -26.77 1.29
CA LEU A 91 4.35 -26.52 1.46
C LEU A 91 4.71 -26.34 2.94
N GLU A 92 4.06 -25.36 3.58
CA GLU A 92 4.30 -25.05 4.98
C GLU A 92 4.19 -26.22 5.96
N HIS A 93 3.16 -27.04 5.80
CA HIS A 93 2.97 -28.16 6.72
C HIS A 93 3.71 -29.44 6.34
N GLY A 94 4.62 -29.33 5.37
CA GLY A 94 5.38 -30.48 4.95
C GLY A 94 4.50 -31.66 4.56
N MET A 95 3.39 -31.37 3.89
CA MET A 95 2.48 -32.43 3.47
C MET A 95 3.14 -33.35 2.45
N LYS A 96 4.27 -32.92 1.91
CA LYS A 96 5.00 -33.70 0.93
C LYS A 96 5.41 -35.05 1.50
N VAL A 97 5.46 -35.17 2.84
CA VAL A 97 5.82 -36.43 3.48
C VAL A 97 4.62 -37.27 3.92
N TRP A 98 3.44 -36.84 3.52
CA TRP A 98 2.20 -37.58 3.83
C TRP A 98 2.03 -38.50 2.63
N PRO A 99 1.22 -39.56 2.75
CA PRO A 99 1.04 -40.42 1.58
C PRO A 99 0.35 -39.63 0.46
N GLN A 100 0.95 -39.66 -0.73
CA GLN A 100 0.43 -38.93 -1.89
C GLN A 100 -0.58 -39.75 -2.69
N PRO A 101 -1.52 -39.09 -3.39
CA PRO A 101 -1.64 -37.64 -3.45
C PRO A 101 -2.45 -37.11 -2.27
N VAL A 102 -2.19 -35.87 -1.88
CA VAL A 102 -2.90 -35.24 -0.77
C VAL A 102 -4.10 -34.48 -1.31
N ARG A 103 -5.31 -34.91 -0.93
CA ARG A 103 -6.53 -34.24 -1.39
C ARG A 103 -7.04 -33.32 -0.29
N LEU A 104 -7.26 -32.05 -0.62
CA LEU A 104 -7.73 -31.05 0.34
C LEU A 104 -8.98 -30.33 -0.18
N TRP A 105 -9.87 -29.95 0.72
CA TRP A 105 -11.07 -29.24 0.32
C TRP A 105 -11.47 -28.23 1.40
N MET A 106 -12.18 -27.19 0.99
CA MET A 106 -12.64 -26.18 1.92
C MET A 106 -13.76 -25.40 1.26
N ALA A 107 -14.52 -24.67 2.06
CA ALA A 107 -15.60 -23.85 1.56
C ALA A 107 -15.48 -22.57 2.35
N GLY A 108 -15.40 -21.44 1.67
CA GLY A 108 -15.27 -20.18 2.36
C GLY A 108 -15.40 -18.98 1.47
N PRO A 109 -15.35 -17.77 2.04
CA PRO A 109 -15.46 -16.52 1.28
C PRO A 109 -14.20 -16.17 0.49
N MET A 110 -14.39 -15.58 -0.68
CA MET A 110 -13.30 -15.17 -1.55
C MET A 110 -13.59 -13.72 -1.84
N PHE A 111 -12.55 -12.91 -1.98
CA PHE A 111 -12.75 -11.48 -2.21
C PHE A 111 -12.07 -10.95 -3.46
N ARG A 112 -12.83 -10.17 -4.22
CA ARG A 112 -12.33 -9.58 -5.44
C ARG A 112 -12.79 -8.13 -5.61
N ALA A 113 -11.83 -7.22 -5.63
CA ALA A 113 -12.10 -5.80 -5.80
C ALA A 113 -12.57 -5.49 -7.21
N GLU A 114 -13.87 -5.47 -7.42
CA GLU A 114 -14.42 -5.18 -8.74
C GLU A 114 -15.08 -3.81 -8.79
N ARG A 115 -15.00 -3.17 -9.95
CA ARG A 115 -15.57 -1.85 -10.16
C ARG A 115 -17.03 -1.76 -9.77
N PRO A 116 -17.34 -0.90 -8.78
CA PRO A 116 -18.69 -0.67 -8.26
C PRO A 116 -19.69 -0.19 -9.30
N GLN A 117 -20.76 -0.98 -9.43
CA GLN A 117 -21.90 -0.76 -10.33
C GLN A 117 -22.56 -2.13 -10.36
N LYS A 118 -22.89 -2.62 -9.16
CA LYS A 118 -23.49 -3.95 -8.97
C LYS A 118 -22.37 -4.94 -9.30
N GLY A 119 -22.18 -5.19 -10.61
CA GLY A 119 -21.14 -6.09 -11.09
C GLY A 119 -21.05 -7.47 -10.45
N ARG A 120 -22.08 -7.85 -9.70
CA ARG A 120 -22.18 -9.14 -9.02
C ARG A 120 -21.63 -9.24 -7.58
N TYR A 121 -20.40 -9.73 -7.39
CA TYR A 121 -19.89 -9.89 -6.02
C TYR A 121 -18.45 -9.53 -5.72
N ARG A 122 -18.24 -8.81 -4.62
CA ARG A 122 -16.90 -8.45 -4.16
C ARG A 122 -16.49 -9.45 -3.09
N GLN A 123 -17.50 -10.09 -2.49
CA GLN A 123 -17.28 -11.15 -1.51
C GLN A 123 -18.25 -12.26 -1.90
N PHE A 124 -17.70 -13.36 -2.38
CA PHE A 124 -18.52 -14.50 -2.77
C PHE A 124 -17.97 -15.71 -2.03
N HIS A 125 -18.62 -16.86 -2.19
CA HIS A 125 -18.16 -18.08 -1.50
C HIS A 125 -17.99 -19.23 -2.47
N GLN A 126 -16.92 -19.99 -2.30
CA GLN A 126 -16.69 -21.12 -3.16
C GLN A 126 -16.19 -22.37 -2.45
N VAL A 127 -16.51 -23.51 -3.03
CA VAL A 127 -16.07 -24.81 -2.53
C VAL A 127 -14.82 -25.05 -3.37
N ASN A 128 -13.74 -25.42 -2.72
CA ASN A 128 -12.47 -25.62 -3.40
C ASN A 128 -11.92 -27.00 -3.12
N TYR A 129 -11.57 -27.72 -4.20
CA TYR A 129 -11.00 -29.07 -4.10
C TYR A 129 -9.60 -29.04 -4.70
N GLU A 130 -8.70 -29.81 -4.13
CA GLU A 130 -7.32 -29.84 -4.56
C GLU A 130 -6.71 -31.23 -4.39
N ALA A 131 -6.00 -31.71 -5.41
CA ALA A 131 -5.32 -33.01 -5.36
C ALA A 131 -3.87 -32.69 -5.67
N LEU A 132 -3.00 -32.82 -4.68
CA LEU A 132 -1.60 -32.47 -4.86
C LEU A 132 -0.62 -33.64 -4.72
N GLY A 133 0.50 -33.52 -5.42
CA GLY A 133 1.53 -34.54 -5.36
C GLY A 133 1.60 -35.59 -6.45
N SER A 134 0.89 -35.40 -7.57
CA SER A 134 0.91 -36.40 -8.65
C SER A 134 0.55 -35.85 -10.04
N GLU A 135 1.26 -36.36 -11.03
CA GLU A 135 1.05 -35.95 -12.42
C GLU A 135 0.01 -36.82 -13.10
N ASN A 136 -0.34 -37.93 -12.47
CA ASN A 136 -1.29 -38.88 -13.03
C ASN A 136 -2.62 -38.28 -13.52
N PRO A 137 -2.95 -38.51 -14.81
CA PRO A 137 -4.19 -37.99 -15.40
C PRO A 137 -5.47 -38.54 -14.80
N ILE A 138 -5.35 -39.56 -13.93
CA ILE A 138 -6.51 -40.13 -13.27
C ILE A 138 -7.08 -39.06 -12.32
N LEU A 139 -6.19 -38.30 -11.69
CA LEU A 139 -6.58 -37.24 -10.78
C LEU A 139 -7.34 -36.12 -11.50
N ASP A 140 -6.93 -35.83 -12.74
CA ASP A 140 -7.60 -34.80 -13.53
C ASP A 140 -9.03 -35.26 -13.81
N ALA A 141 -9.18 -36.52 -14.20
CA ALA A 141 -10.49 -37.08 -14.48
C ALA A 141 -11.32 -37.04 -13.21
N GLU A 142 -10.71 -37.47 -12.11
CA GLU A 142 -11.36 -37.48 -10.80
C GLU A 142 -11.84 -36.09 -10.41
N ALA A 143 -10.97 -35.11 -10.56
CA ALA A 143 -11.32 -33.74 -10.25
C ALA A 143 -12.55 -33.32 -11.05
N VAL A 144 -12.58 -33.67 -12.32
CA VAL A 144 -13.71 -33.31 -13.19
C VAL A 144 -14.98 -34.02 -12.74
N VAL A 145 -14.86 -35.30 -12.40
CA VAL A 145 -16.01 -36.07 -11.97
C VAL A 145 -16.54 -35.58 -10.62
N LEU A 146 -15.63 -35.19 -9.72
CA LEU A 146 -16.03 -34.71 -8.40
C LEU A 146 -16.83 -33.42 -8.53
N LEU A 147 -16.34 -32.49 -9.35
CA LEU A 147 -17.06 -31.22 -9.55
C LEU A 147 -18.43 -31.52 -10.14
N TYR A 148 -18.45 -32.38 -11.15
CA TYR A 148 -19.68 -32.77 -11.83
C TYR A 148 -20.67 -33.38 -10.84
N GLU A 149 -20.18 -34.30 -10.02
CA GLU A 149 -21.01 -34.95 -9.02
C GLU A 149 -21.53 -34.03 -7.91
N CYS A 150 -20.74 -33.05 -7.48
CA CYS A 150 -21.19 -32.11 -6.46
C CYS A 150 -22.48 -31.44 -6.90
N LEU A 151 -22.52 -31.07 -8.17
CA LEU A 151 -23.65 -30.40 -8.78
C LEU A 151 -24.76 -31.39 -9.07
N LYS A 152 -24.37 -32.56 -9.55
CA LYS A 152 -25.31 -33.63 -9.90
C LYS A 152 -26.10 -34.07 -8.66
N GLU A 153 -25.42 -34.22 -7.53
CA GLU A 153 -26.03 -34.63 -6.27
C GLU A 153 -27.01 -33.60 -5.73
N LEU A 154 -26.79 -32.34 -6.07
CA LEU A 154 -27.67 -31.26 -5.63
C LEU A 154 -29.03 -31.34 -6.32
N GLY A 155 -29.07 -32.09 -7.43
CA GLY A 155 -30.29 -32.24 -8.20
C GLY A 155 -30.23 -31.59 -9.56
N LEU A 156 -29.16 -30.84 -9.82
CA LEU A 156 -28.99 -30.18 -11.10
C LEU A 156 -28.87 -31.23 -12.19
N ARG A 157 -29.51 -30.96 -13.32
CA ARG A 157 -29.50 -31.89 -14.44
C ARG A 157 -28.96 -31.22 -15.71
N ARG A 158 -29.26 -29.95 -15.89
CA ARG A 158 -28.81 -29.22 -17.07
C ARG A 158 -27.44 -28.58 -16.98
N LEU A 159 -26.41 -29.40 -16.85
CA LEU A 159 -25.03 -28.91 -16.79
C LEU A 159 -24.33 -29.14 -18.13
N LYS A 160 -23.32 -28.33 -18.40
CA LYS A 160 -22.55 -28.44 -19.64
C LYS A 160 -21.07 -28.49 -19.27
N VAL A 161 -20.50 -29.69 -19.26
CA VAL A 161 -19.09 -29.88 -18.94
C VAL A 161 -18.25 -29.55 -20.15
N LYS A 162 -17.16 -28.81 -19.94
CA LYS A 162 -16.26 -28.42 -21.00
C LYS A 162 -14.84 -28.76 -20.59
N LEU A 163 -14.13 -29.46 -21.46
CA LEU A 163 -12.76 -29.88 -21.19
C LEU A 163 -11.83 -29.34 -22.27
N SER A 164 -10.55 -29.17 -21.92
CA SER A 164 -9.56 -28.67 -22.86
C SER A 164 -8.19 -28.79 -22.22
N SER A 165 -7.20 -28.19 -22.82
CA SER A 165 -5.86 -28.22 -22.28
C SER A 165 -5.14 -26.95 -22.70
N VAL A 166 -4.15 -26.57 -21.91
CA VAL A 166 -3.36 -25.37 -22.19
C VAL A 166 -1.94 -25.81 -22.48
N GLY A 167 -1.73 -27.12 -22.57
CA GLY A 167 -0.42 -27.64 -22.87
C GLY A 167 0.63 -27.50 -21.79
N ASP A 168 1.89 -27.44 -22.20
CA ASP A 168 3.03 -27.31 -21.29
C ASP A 168 3.57 -25.90 -21.47
N PRO A 169 4.44 -25.44 -20.56
CA PRO A 169 5.00 -24.09 -20.67
C PRO A 169 5.53 -23.77 -22.08
N GLU A 170 6.13 -24.78 -22.72
CA GLU A 170 6.67 -24.62 -24.07
C GLU A 170 5.54 -24.36 -25.08
N ASP A 171 4.51 -25.19 -25.03
CA ASP A 171 3.36 -25.08 -25.93
C ASP A 171 2.64 -23.75 -25.68
N ARG A 172 2.56 -23.38 -24.41
CA ARG A 172 1.92 -22.14 -23.98
C ARG A 172 2.67 -20.96 -24.60
N ALA A 173 4.00 -21.04 -24.54
CA ALA A 173 4.86 -20.00 -25.10
C ALA A 173 4.66 -19.84 -26.60
N ARG A 174 4.73 -20.95 -27.33
CA ARG A 174 4.55 -20.93 -28.77
C ARG A 174 3.19 -20.40 -29.21
N TYR A 175 2.14 -20.75 -28.48
CA TYR A 175 0.82 -20.25 -28.83
C TYR A 175 0.78 -18.74 -28.64
N ASN A 176 1.42 -18.25 -27.58
CA ASN A 176 1.47 -16.81 -27.31
C ASN A 176 2.18 -16.10 -28.46
N ALA A 177 3.32 -16.64 -28.88
CA ALA A 177 4.10 -16.09 -29.98
C ALA A 177 3.20 -15.99 -31.23
N TYR A 178 2.50 -17.09 -31.52
CA TYR A 178 1.58 -17.17 -32.65
C TYR A 178 0.56 -16.04 -32.59
N LEU A 179 -0.05 -15.87 -31.42
CA LEU A 179 -1.06 -14.83 -31.21
C LEU A 179 -0.51 -13.44 -31.48
N ARG A 180 0.72 -13.19 -31.03
CA ARG A 180 1.35 -11.90 -31.26
C ARG A 180 1.55 -11.68 -32.76
N GLU A 181 2.13 -12.68 -33.42
CA GLU A 181 2.38 -12.60 -34.87
C GLU A 181 1.13 -12.34 -35.69
N VAL A 182 0.01 -12.96 -35.33
CA VAL A 182 -1.23 -12.79 -36.07
C VAL A 182 -1.97 -11.51 -35.68
N LEU A 183 -1.92 -11.16 -34.41
CA LEU A 183 -2.62 -9.99 -33.90
C LEU A 183 -1.90 -8.64 -33.98
N SER A 184 -0.60 -8.60 -33.70
CA SER A 184 0.16 -7.35 -33.73
C SER A 184 -0.03 -6.45 -34.96
N PRO A 185 0.01 -7.01 -36.18
CA PRO A 185 -0.19 -6.12 -37.34
C PRO A 185 -1.61 -5.56 -37.41
N HIS A 186 -2.52 -6.16 -36.63
CA HIS A 186 -3.91 -5.72 -36.56
C HIS A 186 -4.18 -5.14 -35.17
N ARG A 187 -3.09 -4.79 -34.46
CA ARG A 187 -3.13 -4.25 -33.11
C ARG A 187 -4.15 -3.12 -32.93
N GLU A 188 -4.24 -2.26 -33.93
CA GLU A 188 -5.15 -1.12 -33.90
C GLU A 188 -6.65 -1.44 -33.85
N ALA A 189 -7.01 -2.71 -34.06
CA ALA A 189 -8.42 -3.08 -34.03
C ALA A 189 -8.80 -3.76 -32.71
N LEU A 190 -7.90 -3.74 -31.75
CA LEU A 190 -8.13 -4.37 -30.46
C LEU A 190 -8.66 -3.39 -29.41
N SER A 191 -9.36 -3.93 -28.42
CA SER A 191 -9.90 -3.11 -27.33
C SER A 191 -8.69 -2.70 -26.48
N GLU A 192 -8.73 -1.50 -25.92
CA GLU A 192 -7.64 -0.99 -25.08
C GLU A 192 -7.14 -2.07 -24.12
N ASP A 193 -8.09 -2.78 -23.50
CA ASP A 193 -7.77 -3.85 -22.56
C ASP A 193 -6.91 -4.92 -23.25
N SER A 194 -7.37 -5.38 -24.41
CA SER A 194 -6.68 -6.40 -25.19
C SER A 194 -5.28 -5.98 -25.63
N LYS A 195 -5.12 -4.70 -25.97
CA LYS A 195 -3.82 -4.17 -26.41
C LYS A 195 -2.75 -4.33 -25.33
N GLU A 196 -3.17 -4.31 -24.07
CA GLU A 196 -2.24 -4.48 -22.95
C GLU A 196 -1.93 -5.97 -22.82
N ARG A 197 -2.98 -6.78 -22.85
CA ARG A 197 -2.85 -8.24 -22.73
C ARG A 197 -1.99 -8.82 -23.83
N LEU A 198 -1.90 -8.10 -24.96
CA LEU A 198 -1.09 -8.54 -26.09
C LEU A 198 0.39 -8.55 -25.71
N GLU A 199 0.75 -7.79 -24.68
CA GLU A 199 2.13 -7.70 -24.21
C GLU A 199 2.55 -8.91 -23.37
N GLU A 200 1.77 -9.20 -22.33
CA GLU A 200 2.06 -10.34 -21.46
C GLU A 200 0.87 -11.28 -21.39
N ASN A 201 1.08 -12.50 -21.83
CA ASN A 201 0.04 -13.52 -21.82
C ASN A 201 -1.12 -13.16 -22.76
N PRO A 202 -0.84 -13.06 -24.08
CA PRO A 202 -1.82 -12.72 -25.11
C PRO A 202 -3.08 -13.58 -25.11
N MET A 203 -2.99 -14.82 -24.64
CA MET A 203 -4.14 -15.73 -24.60
C MET A 203 -5.42 -15.13 -24.02
N ARG A 204 -5.26 -14.22 -23.07
CA ARG A 204 -6.40 -13.57 -22.43
C ARG A 204 -7.30 -12.86 -23.44
N ILE A 205 -6.68 -12.33 -24.50
CA ILE A 205 -7.42 -11.63 -25.54
C ILE A 205 -8.49 -12.55 -26.14
N LEU A 206 -8.29 -13.85 -26.01
CA LEU A 206 -9.27 -14.81 -26.51
C LEU A 206 -10.51 -14.75 -25.64
N ASP A 207 -10.29 -14.85 -24.33
CA ASP A 207 -11.39 -14.80 -23.36
C ASP A 207 -11.85 -13.40 -22.95
N SER A 208 -11.64 -12.42 -23.80
CA SER A 208 -12.06 -11.05 -23.47
C SER A 208 -13.47 -10.75 -23.98
N LYS A 209 -14.02 -9.64 -23.51
CA LYS A 209 -15.37 -9.22 -23.90
C LYS A 209 -15.33 -8.28 -25.11
N SER A 210 -16.40 -7.53 -25.31
CA SER A 210 -16.54 -6.57 -26.41
C SER A 210 -16.60 -7.25 -27.77
N GLU A 211 -17.30 -6.61 -28.70
CA GLU A 211 -17.44 -7.15 -30.04
C GLU A 211 -16.17 -6.89 -30.83
N ARG A 212 -15.48 -5.81 -30.47
CA ARG A 212 -14.25 -5.35 -31.11
C ARG A 212 -13.16 -6.42 -31.21
N ASP A 213 -13.11 -7.31 -30.23
CA ASP A 213 -12.14 -8.39 -30.21
C ASP A 213 -12.67 -9.64 -30.90
N GLN A 214 -13.87 -10.07 -30.50
CA GLN A 214 -14.49 -11.27 -31.05
C GLN A 214 -14.60 -11.32 -32.57
N ALA A 215 -15.11 -10.26 -33.17
CA ALA A 215 -15.26 -10.22 -34.62
C ALA A 215 -13.90 -10.33 -35.32
N LEU A 216 -12.90 -9.64 -34.79
CA LEU A 216 -11.56 -9.67 -35.36
C LEU A 216 -10.99 -11.09 -35.32
N LEU A 217 -11.04 -11.70 -34.14
CA LEU A 217 -10.54 -13.05 -33.96
C LEU A 217 -11.18 -14.00 -34.97
N LYS A 218 -12.48 -13.81 -35.20
CA LYS A 218 -13.23 -14.62 -36.15
C LYS A 218 -12.70 -14.47 -37.57
N GLU A 219 -12.64 -13.25 -38.08
CA GLU A 219 -12.16 -13.06 -39.44
C GLU A 219 -10.68 -13.43 -39.62
N LEU A 220 -9.87 -13.21 -38.60
CA LEU A 220 -8.45 -13.55 -38.69
C LEU A 220 -8.21 -15.05 -38.71
N GLY A 221 -9.23 -15.81 -38.32
CA GLY A 221 -9.10 -17.27 -38.29
C GLY A 221 -8.07 -17.72 -37.28
N VAL A 222 -8.15 -17.16 -36.07
CA VAL A 222 -7.22 -17.52 -34.99
C VAL A 222 -7.48 -18.97 -34.58
N ARG A 223 -6.42 -19.76 -34.64
CA ARG A 223 -6.46 -21.18 -34.33
C ARG A 223 -6.42 -21.47 -32.82
N PRO A 224 -7.24 -22.43 -32.35
CA PRO A 224 -7.39 -22.87 -30.96
C PRO A 224 -6.09 -23.31 -30.30
N MET A 225 -5.99 -23.10 -28.99
CA MET A 225 -4.82 -23.51 -28.21
C MET A 225 -4.60 -25.02 -28.36
N LEU A 226 -5.69 -25.76 -28.60
CA LEU A 226 -5.63 -27.20 -28.78
C LEU A 226 -4.66 -27.65 -29.89
N ASP A 227 -4.67 -26.98 -31.04
CA ASP A 227 -3.77 -27.41 -32.10
C ASP A 227 -2.29 -27.21 -31.78
N PHE A 228 -2.00 -26.43 -30.74
CA PHE A 228 -0.60 -26.19 -30.38
C PHE A 228 -0.07 -27.06 -29.25
N LEU A 229 -0.83 -28.07 -28.86
CA LEU A 229 -0.40 -28.95 -27.80
C LEU A 229 0.78 -29.79 -28.27
N GLY A 230 1.73 -30.03 -27.37
CA GLY A 230 2.89 -30.84 -27.73
C GLY A 230 2.45 -32.29 -27.63
N GLU A 231 3.39 -33.21 -27.78
CA GLU A 231 3.08 -34.64 -27.72
C GLU A 231 2.62 -35.11 -26.34
N GLU A 232 3.47 -34.87 -25.33
CA GLU A 232 3.16 -35.28 -23.95
C GLU A 232 1.87 -34.68 -23.40
N ALA A 233 1.61 -33.42 -23.71
CA ALA A 233 0.40 -32.76 -23.26
C ALA A 233 -0.80 -33.44 -23.92
N ARG A 234 -0.67 -33.71 -25.22
CA ARG A 234 -1.71 -34.36 -26.02
C ARG A 234 -2.02 -35.76 -25.50
N ALA A 235 -0.99 -36.44 -25.03
CA ALA A 235 -1.11 -37.79 -24.49
C ALA A 235 -1.90 -37.75 -23.19
N HIS A 236 -1.47 -36.85 -22.31
CA HIS A 236 -2.09 -36.66 -21.01
C HIS A 236 -3.57 -36.35 -21.14
N LEU A 237 -3.91 -35.41 -22.02
CA LEU A 237 -5.31 -35.04 -22.23
C LEU A 237 -6.13 -36.21 -22.74
N LYS A 238 -5.54 -37.05 -23.60
CA LYS A 238 -6.26 -38.19 -24.13
C LYS A 238 -6.60 -39.15 -23.01
N GLU A 239 -5.67 -39.30 -22.07
CA GLU A 239 -5.86 -40.18 -20.92
C GLU A 239 -7.06 -39.72 -20.11
N VAL A 240 -7.16 -38.40 -19.94
CA VAL A 240 -8.25 -37.81 -19.19
C VAL A 240 -9.58 -38.09 -19.91
N GLU A 241 -9.61 -37.94 -21.22
CA GLU A 241 -10.83 -38.19 -21.99
C GLU A 241 -11.20 -39.66 -21.91
N ARG A 242 -10.19 -40.53 -21.90
CA ARG A 242 -10.40 -41.96 -21.81
C ARG A 242 -11.18 -42.25 -20.53
N HIS A 243 -10.70 -41.69 -19.42
CA HIS A 243 -11.33 -41.88 -18.11
C HIS A 243 -12.73 -41.32 -18.02
N LEU A 244 -12.93 -40.11 -18.53
CA LEU A 244 -14.25 -39.49 -18.49
C LEU A 244 -15.28 -40.26 -19.30
N GLU A 245 -14.89 -40.71 -20.47
CA GLU A 245 -15.79 -41.49 -21.34
C GLU A 245 -16.18 -42.77 -20.61
N ARG A 246 -15.20 -43.44 -19.99
CA ARG A 246 -15.44 -44.67 -19.25
C ARG A 246 -16.41 -44.41 -18.10
N LEU A 247 -16.25 -43.27 -17.43
CA LEU A 247 -17.13 -42.91 -16.32
C LEU A 247 -18.44 -42.30 -16.84
N SER A 248 -18.57 -42.25 -18.16
CA SER A 248 -19.78 -41.72 -18.81
C SER A 248 -20.12 -40.28 -18.47
N VAL A 249 -19.09 -39.45 -18.26
CA VAL A 249 -19.30 -38.03 -17.96
C VAL A 249 -19.43 -37.29 -19.28
N PRO A 250 -20.64 -36.84 -19.63
CA PRO A 250 -20.84 -36.12 -20.90
C PRO A 250 -20.10 -34.78 -20.94
N TYR A 251 -19.17 -34.65 -21.87
CA TYR A 251 -18.41 -33.42 -21.98
C TYR A 251 -18.26 -32.98 -23.42
N GLU A 252 -17.72 -31.79 -23.61
CA GLU A 252 -17.50 -31.23 -24.92
C GLU A 252 -16.07 -30.74 -24.88
N LEU A 253 -15.28 -31.07 -25.89
CA LEU A 253 -13.90 -30.63 -25.91
C LEU A 253 -13.87 -29.24 -26.52
N GLU A 254 -13.43 -28.27 -25.74
CA GLU A 254 -13.35 -26.89 -26.20
C GLU A 254 -12.04 -26.58 -26.89
N PRO A 255 -12.11 -25.82 -27.99
CA PRO A 255 -10.95 -25.43 -28.78
C PRO A 255 -9.89 -24.72 -27.95
N ALA A 256 -10.33 -23.77 -27.16
CA ALA A 256 -9.42 -23.03 -26.31
C ALA A 256 -10.20 -22.63 -25.09
N LEU A 257 -9.88 -23.25 -23.97
CA LEU A 257 -10.56 -22.93 -22.73
C LEU A 257 -9.57 -22.13 -21.92
N VAL A 258 -9.47 -20.84 -22.22
CA VAL A 258 -8.58 -19.98 -21.47
C VAL A 258 -9.22 -19.86 -20.10
N ARG A 259 -8.42 -20.02 -19.07
CA ARG A 259 -8.94 -19.91 -17.72
C ARG A 259 -8.47 -18.57 -17.16
N GLY A 260 -9.04 -18.15 -16.04
CA GLY A 260 -8.69 -16.86 -15.46
C GLY A 260 -7.41 -16.73 -14.66
N LEU A 261 -6.58 -17.76 -14.63
CA LEU A 261 -5.34 -17.72 -13.86
C LEU A 261 -4.14 -18.23 -14.68
N ASP A 262 -2.95 -17.73 -14.37
CA ASP A 262 -1.73 -18.09 -15.09
C ASP A 262 -0.96 -19.32 -14.64
N TYR A 263 -1.27 -19.86 -13.47
CA TYR A 263 -0.57 -21.05 -12.97
C TYR A 263 -0.98 -22.37 -13.64
N TYR A 264 -2.04 -22.33 -14.44
CA TYR A 264 -2.56 -23.50 -15.13
C TYR A 264 -1.64 -24.09 -16.19
N VAL A 265 -1.60 -25.41 -16.23
CA VAL A 265 -0.79 -26.13 -17.18
C VAL A 265 -1.56 -27.42 -17.49
N ARG A 266 -1.69 -27.74 -18.77
CA ARG A 266 -2.40 -28.94 -19.21
C ARG A 266 -3.91 -28.86 -19.04
N THR A 267 -4.52 -29.83 -18.35
CA THR A 267 -5.97 -29.88 -18.18
C THR A 267 -6.63 -28.60 -17.66
N ALA A 268 -7.76 -28.26 -18.26
CA ALA A 268 -8.55 -27.09 -17.90
C ALA A 268 -9.98 -27.50 -18.18
N PHE A 269 -10.87 -27.25 -17.22
CA PHE A 269 -12.28 -27.61 -17.38
C PHE A 269 -13.20 -26.63 -16.68
N GLU A 270 -14.47 -26.62 -17.10
CA GLU A 270 -15.49 -25.75 -16.55
C GLU A 270 -16.86 -26.38 -16.76
N VAL A 271 -17.76 -26.17 -15.81
CA VAL A 271 -19.12 -26.69 -15.94
C VAL A 271 -20.03 -25.46 -15.97
N HIS A 272 -20.83 -25.33 -17.02
CA HIS A 272 -21.72 -24.19 -17.18
C HIS A 272 -23.18 -24.55 -17.11
N HIS A 273 -24.01 -23.53 -16.90
CA HIS A 273 -25.45 -23.69 -16.81
C HIS A 273 -26.04 -22.48 -17.52
N GLU A 274 -26.62 -22.70 -18.67
CA GLU A 274 -27.19 -21.62 -19.48
C GLU A 274 -28.53 -21.07 -19.02
N GLU A 275 -28.66 -20.75 -17.73
CA GLU A 275 -29.90 -20.19 -17.18
C GLU A 275 -29.59 -19.28 -16.00
N ILE A 276 -28.48 -18.57 -16.12
CA ILE A 276 -28.00 -17.63 -15.10
C ILE A 276 -27.70 -16.32 -15.83
N GLY A 277 -27.75 -16.36 -17.16
CA GLY A 277 -27.45 -15.19 -17.95
C GLY A 277 -25.96 -15.25 -18.20
N ALA A 278 -25.31 -14.11 -18.35
CA ALA A 278 -23.87 -14.09 -18.56
C ALA A 278 -23.32 -14.66 -17.25
N GLN A 279 -22.10 -15.18 -17.28
CA GLN A 279 -21.51 -15.79 -16.10
C GLN A 279 -22.31 -17.08 -15.81
N SER A 280 -22.18 -18.02 -16.75
CA SER A 280 -22.85 -19.30 -16.69
C SER A 280 -21.96 -20.37 -16.05
N ALA A 281 -20.72 -20.01 -15.81
CA ALA A 281 -19.77 -20.94 -15.22
C ALA A 281 -20.16 -21.16 -13.78
N LEU A 282 -20.56 -22.39 -13.45
CA LEU A 282 -20.90 -22.71 -12.07
C LEU A 282 -19.58 -22.89 -11.35
N GLY A 283 -18.61 -23.44 -12.07
CA GLY A 283 -17.30 -23.66 -11.50
C GLY A 283 -16.34 -24.22 -12.54
N GLY A 284 -15.08 -24.37 -12.14
CA GLY A 284 -14.08 -24.88 -13.05
C GLY A 284 -12.79 -25.20 -12.32
N GLY A 285 -11.76 -25.55 -13.08
CA GLY A 285 -10.49 -25.89 -12.49
C GLY A 285 -9.53 -26.41 -13.54
N GLY A 286 -8.44 -27.01 -13.09
CA GLY A 286 -7.45 -27.54 -14.00
C GLY A 286 -6.17 -27.91 -13.28
N ARG A 287 -5.17 -28.31 -14.04
CA ARG A 287 -3.90 -28.71 -13.47
C ARG A 287 -3.02 -27.47 -13.32
N TYR A 288 -2.07 -27.51 -12.39
CA TYR A 288 -1.22 -26.36 -12.14
C TYR A 288 0.13 -26.72 -11.54
N ASP A 289 0.87 -27.58 -12.22
CA ASP A 289 2.18 -27.98 -11.75
C ASP A 289 3.08 -26.74 -11.88
N GLY A 290 4.03 -26.57 -10.96
CA GLY A 290 4.90 -25.41 -11.06
C GLY A 290 4.50 -24.27 -10.15
N LEU A 291 3.25 -24.26 -9.71
CA LEU A 291 2.74 -23.22 -8.80
C LEU A 291 3.53 -23.25 -7.49
N SER A 292 3.76 -24.45 -6.95
CA SER A 292 4.51 -24.59 -5.73
C SER A 292 5.88 -23.95 -5.86
N GLU A 293 6.50 -24.15 -7.02
CA GLU A 293 7.82 -23.60 -7.30
C GLU A 293 7.78 -22.08 -7.32
N LEU A 294 6.70 -21.51 -7.85
CA LEU A 294 6.55 -20.07 -7.89
C LEU A 294 6.50 -19.50 -6.47
N LEU A 295 6.04 -20.33 -5.53
CA LEU A 295 5.96 -19.93 -4.13
C LEU A 295 7.25 -20.34 -3.38
N GLY A 296 8.26 -20.73 -4.16
CA GLY A 296 9.54 -21.12 -3.59
C GLY A 296 9.63 -22.53 -3.04
N GLY A 297 8.79 -23.43 -3.52
CA GLY A 297 8.84 -24.79 -3.03
C GLY A 297 9.32 -25.75 -4.10
N PRO A 298 9.40 -27.05 -3.78
CA PRO A 298 9.83 -28.09 -4.73
C PRO A 298 8.74 -28.25 -5.78
N ARG A 299 8.95 -29.14 -6.75
CA ARG A 299 7.92 -29.37 -7.75
C ARG A 299 6.83 -30.22 -7.11
N VAL A 300 5.61 -29.73 -7.15
CA VAL A 300 4.48 -30.46 -6.61
C VAL A 300 3.35 -30.31 -7.62
N PRO A 301 3.03 -31.41 -8.32
CA PRO A 301 1.96 -31.39 -9.32
C PRO A 301 0.61 -31.26 -8.59
N GLY A 302 -0.41 -30.77 -9.30
CA GLY A 302 -1.71 -30.65 -8.69
C GLY A 302 -2.83 -30.30 -9.65
N VAL A 303 -4.04 -30.74 -9.30
CA VAL A 303 -5.23 -30.47 -10.08
C VAL A 303 -6.31 -30.16 -9.05
N GLY A 304 -7.35 -29.48 -9.47
CA GLY A 304 -8.43 -29.19 -8.56
C GLY A 304 -9.49 -28.37 -9.25
N PHE A 305 -10.47 -27.93 -8.49
CA PHE A 305 -11.53 -27.11 -9.03
C PHE A 305 -12.11 -26.28 -7.91
N ALA A 306 -13.05 -25.42 -8.25
CA ALA A 306 -13.73 -24.58 -7.28
C ALA A 306 -15.01 -24.16 -7.95
N PHE A 307 -16.06 -23.98 -7.17
CA PHE A 307 -17.31 -23.53 -7.76
C PHE A 307 -17.97 -22.48 -6.87
N GLY A 308 -18.62 -21.52 -7.51
CA GLY A 308 -19.29 -20.46 -6.77
C GLY A 308 -20.59 -20.93 -6.17
N VAL A 309 -20.69 -20.88 -4.84
CA VAL A 309 -21.90 -21.28 -4.16
C VAL A 309 -23.09 -20.44 -4.62
N GLU A 310 -22.89 -19.13 -4.78
CA GLU A 310 -23.97 -18.25 -5.25
C GLU A 310 -24.45 -18.67 -6.63
N ARG A 311 -23.50 -18.93 -7.53
CA ARG A 311 -23.80 -19.37 -8.91
C ARG A 311 -24.62 -20.66 -8.85
N VAL A 312 -24.16 -21.61 -8.06
CA VAL A 312 -24.84 -22.89 -7.91
C VAL A 312 -26.25 -22.68 -7.36
N ALA A 313 -26.40 -21.73 -6.45
CA ALA A 313 -27.71 -21.44 -5.86
C ALA A 313 -28.67 -20.94 -6.94
N LEU A 314 -28.18 -20.08 -7.82
CA LEU A 314 -28.97 -19.53 -8.92
C LEU A 314 -29.41 -20.68 -9.83
N ALA A 315 -28.46 -21.57 -10.14
CA ALA A 315 -28.73 -22.71 -10.99
C ALA A 315 -29.83 -23.57 -10.37
N LEU A 316 -29.74 -23.79 -9.07
CA LEU A 316 -30.74 -24.57 -8.35
C LEU A 316 -32.11 -23.92 -8.46
N GLU A 317 -32.14 -22.61 -8.24
CA GLU A 317 -33.38 -21.85 -8.30
C GLU A 317 -33.98 -21.96 -9.70
N ALA A 318 -33.12 -21.80 -10.71
CA ALA A 318 -33.54 -21.89 -12.11
C ALA A 318 -34.15 -23.25 -12.40
N GLU A 319 -33.61 -24.31 -11.80
CA GLU A 319 -34.16 -25.62 -12.04
C GLU A 319 -35.34 -25.93 -11.12
N GLY A 320 -35.86 -24.88 -10.49
CA GLY A 320 -37.01 -25.01 -9.60
C GLY A 320 -36.83 -25.63 -8.22
N PHE A 321 -35.59 -25.76 -7.76
CA PHE A 321 -35.33 -26.34 -6.45
C PHE A 321 -35.55 -25.31 -5.37
N GLY A 322 -36.53 -25.59 -4.51
CA GLY A 322 -36.83 -24.67 -3.45
C GLY A 322 -36.43 -25.19 -2.09
N LEU A 323 -36.74 -24.41 -1.07
CA LEU A 323 -36.44 -24.76 0.29
C LEU A 323 -37.77 -24.72 1.02
N PRO A 324 -37.98 -25.67 1.95
CA PRO A 324 -39.22 -25.70 2.68
C PRO A 324 -39.30 -24.76 3.83
N GLU A 325 -40.27 -25.14 4.63
CA GLU A 325 -40.53 -24.30 5.74
C GLU A 325 -39.66 -24.45 6.95
N GLU A 326 -39.15 -23.30 7.35
CA GLU A 326 -38.31 -23.15 8.51
C GLU A 326 -39.13 -23.67 9.68
N LYS A 327 -38.55 -24.57 10.47
CA LYS A 327 -39.26 -25.11 11.63
C LYS A 327 -39.52 -24.02 12.64
N GLY A 328 -40.67 -24.09 13.30
CA GLY A 328 -40.99 -23.12 14.32
C GLY A 328 -40.65 -23.72 15.67
N PRO A 329 -40.90 -23.00 16.77
CA PRO A 329 -40.59 -23.54 18.10
C PRO A 329 -41.55 -24.65 18.49
N ASP A 330 -41.08 -25.58 19.31
CA ASP A 330 -41.93 -26.67 19.77
C ASP A 330 -43.02 -26.09 20.66
N LEU A 331 -42.63 -25.08 21.44
CA LEU A 331 -43.54 -24.43 22.36
C LEU A 331 -43.34 -22.91 22.38
N TYR A 332 -44.45 -22.19 22.42
CA TYR A 332 -44.42 -20.74 22.50
C TYR A 332 -45.27 -20.35 23.72
N LEU A 333 -44.60 -19.93 24.78
CA LEU A 333 -45.27 -19.53 26.01
C LEU A 333 -45.78 -18.11 25.91
N ILE A 334 -47.06 -17.94 26.22
CA ILE A 334 -47.70 -16.64 26.19
C ILE A 334 -48.14 -16.28 27.60
N PRO A 335 -47.56 -15.21 28.18
CA PRO A 335 -47.87 -14.74 29.55
C PRO A 335 -49.17 -13.95 29.54
N LEU A 336 -50.03 -14.21 30.52
CA LEU A 336 -51.31 -13.53 30.59
C LEU A 336 -51.29 -12.36 31.60
N THR A 337 -50.27 -12.34 32.45
CA THR A 337 -50.08 -11.29 33.44
C THR A 337 -48.61 -10.88 33.37
N GLU A 338 -48.27 -9.73 33.92
CA GLU A 338 -46.88 -9.26 33.89
C GLU A 338 -45.97 -10.19 34.68
N GLU A 339 -46.47 -10.68 35.81
CA GLU A 339 -45.67 -11.58 36.65
C GLU A 339 -45.30 -12.85 35.88
N ALA A 340 -46.16 -13.20 34.93
CA ALA A 340 -45.96 -14.41 34.12
C ALA A 340 -44.85 -14.36 33.09
N VAL A 341 -44.56 -13.18 32.54
CA VAL A 341 -43.52 -13.05 31.52
C VAL A 341 -42.19 -13.66 32.00
N ALA A 342 -41.78 -13.33 33.22
CA ALA A 342 -40.53 -13.85 33.75
C ALA A 342 -40.65 -15.35 33.99
N GLU A 343 -41.82 -15.77 34.45
CA GLU A 343 -42.05 -17.19 34.70
C GLU A 343 -41.98 -17.98 33.42
N ALA A 344 -42.46 -17.38 32.33
CA ALA A 344 -42.43 -18.02 31.01
C ALA A 344 -40.96 -18.20 30.64
N PHE A 345 -40.16 -17.16 30.86
CA PHE A 345 -38.75 -17.22 30.57
C PHE A 345 -38.10 -18.35 31.36
N TYR A 346 -38.42 -18.45 32.65
CA TYR A 346 -37.84 -19.49 33.49
C TYR A 346 -38.23 -20.87 33.00
N LEU A 347 -39.50 -21.03 32.67
CA LEU A 347 -40.01 -22.32 32.18
C LEU A 347 -39.32 -22.69 30.87
N ALA A 348 -39.22 -21.72 29.97
CA ALA A 348 -38.56 -21.93 28.69
C ALA A 348 -37.15 -22.45 28.93
N GLU A 349 -36.43 -21.81 29.85
CA GLU A 349 -35.08 -22.22 30.18
C GLU A 349 -34.98 -23.65 30.70
N ALA A 350 -36.01 -24.12 31.40
CA ALA A 350 -36.03 -25.47 31.95
C ALA A 350 -36.19 -26.50 30.84
N LEU A 351 -36.88 -26.09 29.78
CA LEU A 351 -37.15 -26.94 28.63
C LEU A 351 -36.00 -27.02 27.61
N ARG A 352 -35.22 -25.95 27.49
CA ARG A 352 -34.10 -25.91 26.54
C ARG A 352 -32.85 -26.59 27.09
N PRO A 353 -31.96 -27.07 26.21
CA PRO A 353 -32.07 -26.99 24.74
C PRO A 353 -32.71 -28.22 24.09
N ARG A 354 -33.08 -29.22 24.89
CA ARG A 354 -33.70 -30.45 24.38
C ARG A 354 -34.98 -30.11 23.62
N LEU A 355 -35.64 -29.04 24.01
CA LEU A 355 -36.87 -28.58 23.41
C LEU A 355 -36.67 -27.13 23.02
N ARG A 356 -37.24 -26.73 21.89
CA ARG A 356 -37.11 -25.35 21.44
C ARG A 356 -38.32 -24.61 21.99
N ALA A 357 -38.06 -23.80 23.01
CA ALA A 357 -39.11 -23.05 23.70
C ALA A 357 -38.88 -21.55 23.62
N GLU A 358 -39.92 -20.83 23.19
CA GLU A 358 -39.88 -19.39 23.08
C GLU A 358 -41.04 -18.81 23.88
N TYR A 359 -41.04 -17.49 24.10
CA TYR A 359 -42.09 -16.86 24.88
C TYR A 359 -42.24 -15.38 24.51
N ALA A 360 -43.37 -14.80 24.89
CA ALA A 360 -43.64 -13.39 24.63
C ALA A 360 -43.05 -12.60 25.80
N LEU A 361 -42.52 -11.41 25.52
CA LEU A 361 -41.92 -10.56 26.56
C LEU A 361 -42.88 -9.58 27.24
N ALA A 362 -44.17 -9.72 26.95
CA ALA A 362 -45.18 -8.85 27.51
C ALA A 362 -46.48 -9.62 27.57
N PRO A 363 -47.34 -9.31 28.54
CA PRO A 363 -48.63 -10.00 28.68
C PRO A 363 -49.52 -9.70 27.49
N ARG A 364 -50.44 -10.62 27.19
CA ARG A 364 -51.37 -10.41 26.08
C ARG A 364 -52.59 -11.32 26.20
N LYS A 365 -53.65 -10.96 25.48
CA LYS A 365 -54.87 -11.74 25.50
C LYS A 365 -54.63 -13.08 24.84
N PRO A 366 -55.24 -14.14 25.37
CA PRO A 366 -55.10 -15.51 24.84
C PRO A 366 -55.14 -15.58 23.31
N ALA A 367 -56.18 -15.02 22.71
CA ALA A 367 -56.34 -15.03 21.27
C ALA A 367 -55.16 -14.44 20.52
N LYS A 368 -54.67 -13.30 21.03
CA LYS A 368 -53.54 -12.60 20.41
C LYS A 368 -52.28 -13.45 20.49
N GLY A 369 -51.98 -13.95 21.69
CA GLY A 369 -50.81 -14.79 21.86
C GLY A 369 -50.88 -16.05 21.03
N LEU A 370 -52.10 -16.56 20.85
CA LEU A 370 -52.31 -17.76 20.06
C LEU A 370 -51.99 -17.46 18.60
N GLU A 371 -52.39 -16.28 18.13
CA GLU A 371 -52.13 -15.87 16.76
C GLU A 371 -50.61 -15.76 16.55
N GLU A 372 -49.92 -15.22 17.54
CA GLU A 372 -48.46 -15.07 17.48
C GLU A 372 -47.76 -16.42 17.44
N ALA A 373 -48.31 -17.40 18.16
CA ALA A 373 -47.74 -18.74 18.20
C ALA A 373 -47.86 -19.33 16.81
N LEU A 374 -49.02 -19.11 16.19
CA LEU A 374 -49.31 -19.59 14.85
C LEU A 374 -48.37 -18.92 13.84
N LYS A 375 -48.22 -17.61 13.95
CA LYS A 375 -47.34 -16.85 13.07
C LYS A 375 -45.94 -17.45 13.14
N ARG A 376 -45.50 -17.81 14.35
CA ARG A 376 -44.17 -18.38 14.58
C ARG A 376 -44.04 -19.85 14.21
N GLY A 377 -45.13 -20.47 13.76
CA GLY A 377 -45.10 -21.87 13.39
C GLY A 377 -44.89 -22.81 14.56
N ALA A 378 -45.29 -22.38 15.75
CA ALA A 378 -45.13 -23.19 16.95
C ALA A 378 -46.03 -24.42 16.94
N ALA A 379 -45.54 -25.52 17.50
CA ALA A 379 -46.29 -26.76 17.56
C ALA A 379 -47.33 -26.65 18.65
N PHE A 380 -46.87 -26.18 19.81
CA PHE A 380 -47.73 -25.99 20.96
C PHE A 380 -47.69 -24.56 21.46
N ALA A 381 -48.84 -24.11 21.99
CA ALA A 381 -48.95 -22.79 22.57
C ALA A 381 -49.02 -23.09 24.07
N GLY A 382 -48.42 -22.25 24.89
CA GLY A 382 -48.46 -22.49 26.33
C GLY A 382 -48.96 -21.26 27.03
N PHE A 383 -49.99 -21.40 27.85
CA PHE A 383 -50.55 -20.26 28.58
C PHE A 383 -50.10 -20.20 30.01
N LEU A 384 -49.72 -19.01 30.46
CA LEU A 384 -49.31 -18.79 31.85
C LEU A 384 -50.05 -17.61 32.43
N GLY A 385 -51.19 -17.91 33.05
CA GLY A 385 -51.99 -16.88 33.68
C GLY A 385 -51.92 -17.08 35.19
N GLU A 386 -52.70 -16.30 35.92
CA GLU A 386 -52.73 -16.38 37.36
C GLU A 386 -52.98 -17.82 37.88
N ASP A 387 -53.99 -18.48 37.32
CA ASP A 387 -54.34 -19.83 37.74
C ASP A 387 -53.18 -20.82 37.72
N GLU A 388 -52.59 -21.00 36.54
CA GLU A 388 -51.46 -21.93 36.40
C GLU A 388 -50.24 -21.50 37.19
N LEU A 389 -50.05 -20.19 37.38
CA LEU A 389 -48.92 -19.69 38.16
C LEU A 389 -49.03 -20.16 39.60
N ARG A 390 -50.23 -20.02 40.16
CA ARG A 390 -50.45 -20.41 41.53
C ARG A 390 -50.56 -21.93 41.69
N ALA A 391 -50.99 -22.62 40.65
CA ALA A 391 -51.12 -24.08 40.70
C ALA A 391 -49.83 -24.81 40.29
N GLY A 392 -48.87 -24.07 39.74
CA GLY A 392 -47.61 -24.66 39.31
C GLY A 392 -47.82 -25.52 38.09
N GLU A 393 -48.78 -25.09 37.26
CA GLU A 393 -49.12 -25.80 36.03
C GLU A 393 -48.97 -24.91 34.81
N VAL A 394 -49.24 -25.48 33.64
CA VAL A 394 -49.16 -24.77 32.37
C VAL A 394 -50.28 -25.31 31.48
N THR A 395 -50.92 -24.42 30.73
CA THR A 395 -52.00 -24.85 29.83
C THR A 395 -51.45 -24.95 28.42
N LEU A 396 -51.21 -26.18 27.96
CA LEU A 396 -50.69 -26.41 26.61
C LEU A 396 -51.82 -26.60 25.60
N LYS A 397 -51.55 -26.23 24.36
CA LYS A 397 -52.55 -26.36 23.30
C LYS A 397 -51.85 -26.68 22.00
N ARG A 398 -52.07 -27.89 21.46
CA ARG A 398 -51.47 -28.23 20.19
C ARG A 398 -52.24 -27.40 19.16
N LEU A 399 -51.53 -26.52 18.48
CA LEU A 399 -52.15 -25.63 17.51
C LEU A 399 -52.80 -26.37 16.34
N ALA A 400 -52.29 -27.58 16.09
CA ALA A 400 -52.77 -28.44 15.02
C ALA A 400 -54.16 -29.04 15.29
N THR A 401 -54.30 -29.81 16.36
CA THR A 401 -55.58 -30.43 16.68
C THR A 401 -56.44 -29.64 17.67
N GLY A 402 -55.90 -28.55 18.21
CA GLY A 402 -56.64 -27.75 19.17
C GLY A 402 -56.72 -28.42 20.54
N GLU A 403 -56.09 -29.59 20.66
CA GLU A 403 -56.08 -30.37 21.90
C GLU A 403 -55.42 -29.59 23.04
N GLN A 404 -56.21 -29.26 24.06
CA GLN A 404 -55.71 -28.52 25.21
C GLN A 404 -55.52 -29.40 26.42
N VAL A 405 -54.41 -29.20 27.11
CA VAL A 405 -54.07 -29.99 28.29
C VAL A 405 -53.51 -29.08 29.37
N ARG A 406 -53.93 -29.31 30.60
CA ARG A 406 -53.46 -28.56 31.75
C ARG A 406 -52.65 -29.55 32.57
N LEU A 407 -51.36 -29.32 32.71
CA LEU A 407 -50.51 -30.24 33.46
C LEU A 407 -49.45 -29.50 34.27
N SER A 408 -48.82 -30.20 35.20
CA SER A 408 -47.80 -29.59 36.04
C SER A 408 -46.51 -29.34 35.26
N ARG A 409 -45.78 -28.30 35.66
CA ARG A 409 -44.53 -27.93 35.02
C ARG A 409 -43.63 -29.13 34.76
N GLU A 410 -43.67 -30.11 35.66
CA GLU A 410 -42.85 -31.32 35.54
C GLU A 410 -43.32 -32.19 34.39
N GLU A 411 -44.63 -32.30 34.24
CA GLU A 411 -45.22 -33.12 33.18
C GLU A 411 -45.04 -32.55 31.76
N VAL A 412 -44.62 -31.28 31.65
CA VAL A 412 -44.46 -30.61 30.37
C VAL A 412 -43.36 -31.12 29.42
N PRO A 413 -42.11 -31.26 29.91
CA PRO A 413 -41.04 -31.75 29.03
C PRO A 413 -41.38 -33.10 28.40
N GLY A 414 -41.83 -34.02 29.25
CA GLY A 414 -42.17 -35.35 28.79
C GLY A 414 -43.33 -35.36 27.81
N TYR A 415 -44.41 -34.69 28.16
CA TYR A 415 -45.60 -34.63 27.30
C TYR A 415 -45.25 -34.08 25.91
N LEU A 416 -44.51 -32.98 25.87
CA LEU A 416 -44.12 -32.37 24.61
C LEU A 416 -43.22 -33.29 23.80
N LEU A 417 -42.24 -33.91 24.45
CA LEU A 417 -41.31 -34.81 23.77
C LEU A 417 -41.99 -36.04 23.16
N GLN A 418 -42.90 -36.64 23.90
CA GLN A 418 -43.61 -37.82 23.40
C GLN A 418 -44.62 -37.43 22.33
N ALA A 419 -45.11 -36.19 22.40
CA ALA A 419 -46.09 -35.71 21.44
C ALA A 419 -45.46 -35.20 20.15
N LEU A 420 -44.14 -35.02 20.14
CA LEU A 420 -43.44 -34.51 18.96
C LEU A 420 -42.26 -35.36 18.50
N GLY A 421 -41.81 -36.28 19.36
CA GLY A 421 -40.67 -37.11 19.02
C GLY A 421 -41.05 -38.45 18.41
N THR B 2 8.72 -20.33 0.15
CA THR B 2 9.11 -19.13 0.95
C THR B 2 8.02 -18.72 1.93
N ALA B 3 6.86 -18.32 1.39
CA ALA B 3 5.72 -17.87 2.19
C ALA B 3 5.19 -18.84 3.23
N ARG B 4 4.71 -18.28 4.33
CA ARG B 4 4.13 -18.99 5.45
C ARG B 4 2.79 -18.32 5.71
N ALA B 5 2.03 -18.85 6.66
CA ALA B 5 0.75 -18.25 7.03
C ALA B 5 1.16 -17.08 7.93
N VAL B 6 0.66 -15.89 7.63
CA VAL B 6 1.01 -14.70 8.39
C VAL B 6 0.86 -14.90 9.90
N ARG B 7 1.81 -14.39 10.67
CA ARG B 7 1.79 -14.51 12.13
C ARG B 7 0.44 -14.07 12.68
N GLY B 8 -0.14 -14.88 13.56
CA GLY B 8 -1.43 -14.56 14.13
C GLY B 8 -2.59 -15.25 13.44
N THR B 9 -2.30 -15.94 12.34
CA THR B 9 -3.31 -16.67 11.58
C THR B 9 -2.74 -18.05 11.38
N LYS B 10 -3.61 -19.02 11.09
CA LYS B 10 -3.15 -20.38 10.87
C LYS B 10 -4.17 -21.21 10.11
N ASP B 11 -3.70 -22.28 9.50
CA ASP B 11 -4.58 -23.18 8.75
C ASP B 11 -5.27 -24.10 9.74
N LEU B 12 -6.58 -24.23 9.58
CA LEU B 12 -7.36 -25.09 10.45
C LEU B 12 -7.66 -26.40 9.75
N PHE B 13 -7.21 -27.49 10.35
CA PHE B 13 -7.44 -28.82 9.82
C PHE B 13 -7.22 -29.82 10.95
N GLY B 14 -7.59 -31.07 10.72
CA GLY B 14 -7.40 -32.10 11.73
C GLY B 14 -8.24 -31.88 12.97
N LYS B 15 -7.77 -32.44 14.07
CA LYS B 15 -8.47 -32.33 15.34
C LYS B 15 -8.83 -30.90 15.72
N GLU B 16 -7.89 -29.99 15.51
CA GLU B 16 -8.13 -28.58 15.84
C GLU B 16 -9.38 -28.04 15.14
N LEU B 17 -9.52 -28.32 13.85
CA LEU B 17 -10.66 -27.85 13.06
C LEU B 17 -11.94 -28.50 13.59
N ARG B 18 -11.85 -29.79 13.88
CA ARG B 18 -12.98 -30.54 14.40
C ARG B 18 -13.50 -30.02 15.72
N MET B 19 -12.60 -29.57 16.59
CA MET B 19 -13.01 -29.04 17.88
C MET B 19 -13.81 -27.77 17.64
N HIS B 20 -13.32 -26.93 16.73
CA HIS B 20 -14.02 -25.68 16.41
C HIS B 20 -15.44 -25.96 15.94
N GLN B 21 -15.58 -27.00 15.12
CA GLN B 21 -16.86 -27.36 14.57
C GLN B 21 -17.81 -27.85 15.66
N ARG B 22 -17.28 -28.63 16.61
CA ARG B 22 -18.09 -29.12 17.71
C ARG B 22 -18.60 -27.94 18.54
N ILE B 23 -17.68 -27.02 18.83
CA ILE B 23 -18.00 -25.81 19.59
C ILE B 23 -19.11 -25.00 18.90
N VAL B 24 -18.95 -24.71 17.62
CA VAL B 24 -19.99 -23.96 16.91
C VAL B 24 -21.30 -24.75 16.81
N ALA B 25 -21.20 -26.06 16.69
CA ALA B 25 -22.37 -26.93 16.59
C ALA B 25 -23.22 -26.84 17.84
N THR B 26 -22.56 -26.87 19.00
CA THR B 26 -23.23 -26.78 20.29
C THR B 26 -23.87 -25.40 20.47
N ALA B 27 -23.07 -24.35 20.20
CA ALA B 27 -23.55 -22.99 20.29
C ALA B 27 -24.79 -22.83 19.42
N ARG B 28 -24.77 -23.43 18.23
CA ARG B 28 -25.91 -23.37 17.31
C ARG B 28 -27.16 -23.96 17.96
N LYS B 29 -27.00 -25.10 18.62
CA LYS B 29 -28.12 -25.76 19.26
C LYS B 29 -28.75 -24.93 20.39
N VAL B 30 -27.92 -24.49 21.34
CA VAL B 30 -28.44 -23.73 22.46
C VAL B 30 -29.04 -22.40 22.04
N LEU B 31 -28.35 -21.69 21.16
CA LEU B 31 -28.79 -20.39 20.67
C LEU B 31 -30.07 -20.46 19.87
N GLU B 32 -30.16 -21.43 18.96
CA GLU B 32 -31.35 -21.58 18.14
C GLU B 32 -32.57 -22.09 18.92
N ALA B 33 -32.32 -22.77 20.03
CA ALA B 33 -33.40 -23.26 20.87
C ALA B 33 -34.05 -22.06 21.57
N ALA B 34 -33.28 -21.00 21.75
CA ALA B 34 -33.76 -19.77 22.39
C ALA B 34 -34.41 -18.85 21.36
N GLY B 35 -34.48 -19.30 20.11
CA GLY B 35 -35.11 -18.51 19.08
C GLY B 35 -34.18 -17.67 18.24
N ALA B 36 -32.87 -17.87 18.37
CA ALA B 36 -31.91 -17.10 17.58
C ALA B 36 -31.88 -17.52 16.12
N LEU B 37 -31.83 -16.54 15.23
CA LEU B 37 -31.78 -16.75 13.79
C LEU B 37 -30.32 -16.55 13.34
N GLU B 38 -29.80 -17.45 12.52
CA GLU B 38 -28.42 -17.33 12.03
C GLU B 38 -28.33 -16.24 10.96
N LEU B 39 -27.43 -15.27 11.19
CA LEU B 39 -27.23 -14.14 10.29
C LEU B 39 -25.72 -13.95 10.16
N VAL B 40 -25.21 -14.09 8.95
CA VAL B 40 -23.79 -13.93 8.69
C VAL B 40 -23.54 -12.62 7.93
N THR B 41 -22.80 -11.72 8.55
CA THR B 41 -22.50 -10.43 7.94
C THR B 41 -21.18 -10.53 7.15
N PRO B 42 -20.96 -9.63 6.19
CA PRO B 42 -19.74 -9.61 5.38
C PRO B 42 -18.47 -9.53 6.22
N ILE B 43 -17.34 -9.91 5.61
CA ILE B 43 -16.06 -9.90 6.29
C ILE B 43 -15.59 -8.47 6.58
N PHE B 44 -16.08 -7.51 5.79
CA PHE B 44 -15.72 -6.11 6.00
C PHE B 44 -16.92 -5.19 5.90
N GLU B 45 -16.83 -4.06 6.58
CA GLU B 45 -17.89 -3.07 6.58
C GLU B 45 -17.24 -1.72 6.29
N GLU B 46 -18.06 -0.69 6.06
CA GLU B 46 -17.52 0.66 5.84
C GLU B 46 -16.80 0.95 7.15
N THR B 47 -15.59 1.46 7.08
CA THR B 47 -14.80 1.74 8.28
C THR B 47 -15.58 2.49 9.37
N GLN B 48 -16.55 3.31 8.97
CA GLN B 48 -17.34 4.08 9.93
C GLN B 48 -18.16 3.22 10.90
N VAL B 49 -18.68 2.10 10.42
CA VAL B 49 -19.51 1.22 11.25
C VAL B 49 -18.75 0.86 12.54
N PHE B 50 -17.45 0.64 12.42
CA PHE B 50 -16.64 0.27 13.58
C PHE B 50 -16.12 1.49 14.34
N GLU B 51 -15.85 2.57 13.62
CA GLU B 51 -15.36 3.81 14.25
C GLU B 51 -16.42 4.35 15.21
N LYS B 52 -17.58 4.67 14.64
CA LYS B 52 -18.70 5.19 15.40
C LYS B 52 -19.24 4.16 16.38
N GLY B 53 -19.39 2.93 15.91
CA GLY B 53 -19.90 1.88 16.75
C GLY B 53 -19.05 1.53 17.97
N VAL B 54 -17.84 1.08 17.73
CA VAL B 54 -16.94 0.69 18.82
C VAL B 54 -16.45 1.88 19.65
N GLY B 55 -16.61 3.09 19.12
CA GLY B 55 -16.19 4.29 19.83
C GLY B 55 -14.79 4.67 19.44
N ALA B 56 -14.64 5.90 18.93
CA ALA B 56 -13.35 6.41 18.48
C ALA B 56 -12.24 6.52 19.53
N ALA B 57 -12.55 6.19 20.78
CA ALA B 57 -11.57 6.27 21.87
C ALA B 57 -10.96 4.94 22.26
N THR B 58 -11.48 3.85 21.70
CA THR B 58 -10.98 2.52 22.04
C THR B 58 -9.73 2.09 21.29
N ASP B 59 -8.95 1.22 21.94
CA ASP B 59 -7.70 0.69 21.37
C ASP B 59 -7.95 0.03 20.02
N ILE B 60 -9.05 -0.72 19.93
CA ILE B 60 -9.43 -1.43 18.70
C ILE B 60 -9.50 -0.47 17.52
N VAL B 61 -10.34 0.56 17.63
CA VAL B 61 -10.51 1.55 16.56
C VAL B 61 -9.24 2.34 16.26
N ARG B 62 -8.59 2.82 17.30
CA ARG B 62 -7.39 3.62 17.16
C ARG B 62 -6.15 2.96 16.56
N LYS B 63 -5.92 1.68 16.85
CA LYS B 63 -4.72 1.04 16.34
C LYS B 63 -4.76 -0.47 16.12
N GLU B 64 -5.94 -1.09 16.11
CA GLU B 64 -6.02 -2.53 15.95
C GLU B 64 -6.96 -3.04 14.86
N MET B 65 -7.33 -2.19 13.92
CA MET B 65 -8.22 -2.61 12.85
C MET B 65 -7.51 -2.68 11.51
N PHE B 66 -7.78 -3.76 10.76
CA PHE B 66 -7.18 -3.91 9.43
C PHE B 66 -8.10 -3.13 8.50
N THR B 67 -7.75 -1.87 8.27
CA THR B 67 -8.53 -1.02 7.39
C THR B 67 -7.73 -0.71 6.12
N PHE B 68 -8.43 -0.65 5.00
CA PHE B 68 -7.81 -0.39 3.71
C PHE B 68 -8.78 0.38 2.84
N GLN B 69 -8.30 0.81 1.68
CA GLN B 69 -9.15 1.57 0.79
C GLN B 69 -9.58 0.78 -0.44
N ASP B 70 -10.83 0.97 -0.82
CA ASP B 70 -11.41 0.35 -2.00
C ASP B 70 -10.81 1.09 -3.20
N ARG B 71 -10.54 0.36 -4.27
CA ARG B 71 -9.96 0.94 -5.48
C ARG B 71 -10.83 2.12 -5.94
N GLY B 72 -10.26 3.32 -5.89
CA GLY B 72 -11.01 4.50 -6.27
C GLY B 72 -11.37 5.34 -5.06
N GLY B 73 -12.10 4.76 -4.12
CA GLY B 73 -12.51 5.49 -2.92
C GLY B 73 -13.09 4.57 -1.86
N ARG B 74 -13.77 5.16 -0.88
CA ARG B 74 -14.39 4.42 0.24
C ARG B 74 -13.39 3.63 1.10
N SER B 75 -13.53 3.77 2.42
CA SER B 75 -12.64 3.08 3.36
C SER B 75 -13.39 1.88 3.93
N LEU B 76 -12.78 0.70 3.82
CA LEU B 76 -13.35 -0.54 4.30
C LEU B 76 -12.47 -1.11 5.42
N THR B 77 -13.10 -1.81 6.36
CA THR B 77 -12.36 -2.39 7.47
C THR B 77 -12.77 -3.82 7.76
N LEU B 78 -11.76 -4.65 7.99
CA LEU B 78 -11.94 -6.05 8.33
C LEU B 78 -12.57 -6.11 9.71
N ARG B 79 -13.77 -6.68 9.76
CA ARG B 79 -14.55 -6.81 10.99
C ARG B 79 -13.74 -7.31 12.19
N PRO B 80 -13.60 -6.46 13.23
CA PRO B 80 -12.86 -6.79 14.46
C PRO B 80 -13.75 -7.34 15.56
N GLU B 81 -15.07 -7.20 15.36
CA GLU B 81 -16.06 -7.65 16.33
C GLU B 81 -17.42 -7.71 15.62
N GLY B 82 -18.37 -8.47 16.17
CA GLY B 82 -19.66 -8.62 15.50
C GLY B 82 -20.87 -7.76 15.81
N THR B 83 -20.98 -7.27 17.04
CA THR B 83 -22.14 -6.46 17.43
C THR B 83 -22.54 -5.29 16.51
N ALA B 84 -21.61 -4.39 16.22
CA ALA B 84 -21.91 -3.25 15.36
C ALA B 84 -22.47 -3.71 14.02
N ALA B 85 -21.85 -4.74 13.43
CA ALA B 85 -22.29 -5.28 12.15
C ALA B 85 -23.71 -5.83 12.26
N MET B 86 -23.99 -6.54 13.35
CA MET B 86 -25.31 -7.10 13.59
C MET B 86 -26.34 -5.98 13.64
N VAL B 87 -26.02 -4.91 14.37
CA VAL B 87 -26.92 -3.78 14.49
C VAL B 87 -27.10 -3.11 13.12
N ARG B 88 -26.01 -3.04 12.36
CA ARG B 88 -26.02 -2.45 11.03
C ARG B 88 -26.98 -3.26 10.16
N ALA B 89 -26.92 -4.58 10.29
CA ALA B 89 -27.78 -5.48 9.55
C ALA B 89 -29.23 -5.27 9.98
N TYR B 90 -29.44 -5.21 11.29
CA TYR B 90 -30.77 -5.01 11.86
C TYR B 90 -31.41 -3.78 11.26
N LEU B 91 -30.67 -2.69 11.27
CA LEU B 91 -31.11 -1.43 10.71
C LEU B 91 -31.44 -1.58 9.22
N GLU B 92 -30.45 -2.01 8.46
CA GLU B 92 -30.59 -2.16 7.01
C GLU B 92 -31.76 -3.01 6.54
N HIS B 93 -31.99 -4.13 7.21
CA HIS B 93 -33.07 -5.02 6.80
C HIS B 93 -34.42 -4.69 7.41
N GLY B 94 -34.52 -3.53 8.05
CA GLY B 94 -35.76 -3.13 8.66
C GLY B 94 -36.29 -4.15 9.64
N MET B 95 -35.37 -4.72 10.43
CA MET B 95 -35.74 -5.72 11.41
C MET B 95 -36.61 -5.14 12.51
N LYS B 96 -36.62 -3.82 12.60
CA LYS B 96 -37.43 -3.14 13.60
C LYS B 96 -38.89 -3.53 13.44
N VAL B 97 -39.25 -4.02 12.27
CA VAL B 97 -40.62 -4.40 11.98
C VAL B 97 -40.98 -5.87 12.30
N TRP B 98 -39.98 -6.71 12.49
CA TRP B 98 -40.23 -8.12 12.81
C TRP B 98 -40.70 -8.15 14.27
N PRO B 99 -41.32 -9.25 14.70
CA PRO B 99 -41.76 -9.31 16.10
C PRO B 99 -40.52 -9.26 17.01
N GLN B 100 -40.54 -8.33 17.97
CA GLN B 100 -39.44 -8.12 18.89
C GLN B 100 -39.51 -9.03 20.13
N PRO B 101 -38.36 -9.36 20.75
CA PRO B 101 -37.03 -8.92 20.33
C PRO B 101 -36.46 -9.85 19.25
N VAL B 102 -35.59 -9.30 18.41
CA VAL B 102 -34.98 -10.08 17.34
C VAL B 102 -33.67 -10.66 17.84
N ARG B 103 -33.59 -11.99 17.92
CA ARG B 103 -32.37 -12.67 18.36
C ARG B 103 -31.58 -13.16 17.15
N LEU B 104 -30.32 -12.77 17.05
CA LEU B 104 -29.43 -13.16 15.94
C LEU B 104 -28.16 -13.80 16.45
N TRP B 105 -27.61 -14.74 15.68
CA TRP B 105 -26.37 -15.39 16.08
C TRP B 105 -25.56 -15.76 14.85
N MET B 106 -24.25 -15.87 15.02
CA MET B 106 -23.37 -16.23 13.93
C MET B 106 -22.05 -16.71 14.51
N ALA B 107 -21.25 -17.36 13.69
CA ALA B 107 -19.95 -17.85 14.11
C ALA B 107 -19.06 -17.56 12.91
N GLY B 108 -17.96 -16.84 13.13
CA GLY B 108 -17.09 -16.50 12.03
C GLY B 108 -15.79 -15.87 12.48
N PRO B 109 -14.89 -15.60 11.53
CA PRO B 109 -13.59 -15.00 11.83
C PRO B 109 -13.68 -13.50 12.15
N MET B 110 -12.83 -13.05 13.06
CA MET B 110 -12.77 -11.65 13.46
C MET B 110 -11.31 -11.30 13.31
N PHE B 111 -11.03 -10.05 12.93
CA PHE B 111 -9.64 -9.64 12.69
C PHE B 111 -9.23 -8.44 13.51
N ARG B 112 -8.04 -8.55 14.12
CA ARG B 112 -7.48 -7.49 14.92
C ARG B 112 -5.98 -7.31 14.66
N ALA B 113 -5.61 -6.13 14.18
CA ALA B 113 -4.23 -5.81 13.89
C ALA B 113 -3.44 -5.62 15.17
N GLU B 114 -2.79 -6.68 15.65
CA GLU B 114 -2.00 -6.57 16.87
C GLU B 114 -0.51 -6.66 16.59
N ARG B 115 0.26 -5.96 17.43
CA ARG B 115 1.71 -5.92 17.28
C ARG B 115 2.35 -7.29 17.22
N PRO B 116 3.03 -7.60 16.10
CA PRO B 116 3.71 -8.85 15.84
C PRO B 116 4.80 -9.20 16.85
N GLN B 117 4.63 -10.37 17.47
CA GLN B 117 5.52 -10.96 18.46
C GLN B 117 4.62 -12.02 19.08
N LYS B 118 4.02 -12.82 18.18
CA LYS B 118 3.07 -13.85 18.53
C LYS B 118 1.84 -13.15 19.12
N GLY B 119 1.98 -12.59 20.32
CA GLY B 119 0.90 -11.88 20.98
C GLY B 119 -0.20 -12.89 21.26
N ARG B 120 -0.98 -13.16 20.22
CA ARG B 120 -2.05 -14.12 20.28
C ARG B 120 -2.56 -14.40 18.87
N TYR B 121 -3.66 -13.77 18.50
CA TYR B 121 -4.26 -13.97 17.19
C TYR B 121 -4.65 -12.68 16.48
N ARG B 122 -4.37 -12.63 15.18
CA ARG B 122 -4.75 -11.48 14.37
C ARG B 122 -6.04 -11.86 13.64
N GLN B 123 -6.27 -13.17 13.53
CA GLN B 123 -7.50 -13.71 12.95
C GLN B 123 -7.95 -14.80 13.90
N PHE B 124 -9.05 -14.57 14.59
CA PHE B 124 -9.59 -15.55 15.52
C PHE B 124 -11.06 -15.75 15.13
N HIS B 125 -11.74 -16.66 15.81
CA HIS B 125 -13.13 -16.94 15.47
C HIS B 125 -14.00 -16.88 16.69
N GLN B 126 -15.18 -16.28 16.57
CA GLN B 126 -16.08 -16.19 17.71
C GLN B 126 -17.53 -16.44 17.38
N VAL B 127 -18.25 -16.96 18.38
CA VAL B 127 -19.68 -17.19 18.27
C VAL B 127 -20.27 -15.90 18.85
N ASN B 128 -21.21 -15.31 18.15
CA ASN B 128 -21.81 -14.04 18.55
C ASN B 128 -23.32 -14.15 18.66
N TYR B 129 -23.87 -13.74 19.79
CA TYR B 129 -25.31 -13.76 20.04
C TYR B 129 -25.78 -12.34 20.27
N GLU B 130 -26.98 -12.03 19.80
CA GLU B 130 -27.50 -10.68 19.91
C GLU B 130 -29.02 -10.70 20.08
N ALA B 131 -29.53 -9.92 21.04
CA ALA B 131 -30.97 -9.81 21.28
C ALA B 131 -31.26 -8.32 21.16
N LEU B 132 -31.99 -7.96 20.11
CA LEU B 132 -32.28 -6.56 19.84
C LEU B 132 -33.75 -6.17 19.90
N GLY B 133 -33.99 -4.90 20.25
CA GLY B 133 -35.34 -4.38 20.32
C GLY B 133 -36.05 -4.33 21.67
N SER B 134 -35.33 -4.51 22.78
CA SER B 134 -35.97 -4.47 24.08
C SER B 134 -35.04 -4.12 25.24
N GLU B 135 -35.56 -3.34 26.17
CA GLU B 135 -34.82 -2.90 27.35
C GLU B 135 -34.96 -3.89 28.51
N ASN B 136 -35.91 -4.82 28.38
CA ASN B 136 -36.21 -5.80 29.43
C ASN B 136 -34.99 -6.57 29.96
N PRO B 137 -34.75 -6.49 31.28
CA PRO B 137 -33.62 -7.18 31.92
C PRO B 137 -33.66 -8.70 31.82
N ILE B 138 -34.78 -9.25 31.36
CA ILE B 138 -34.91 -10.69 31.19
C ILE B 138 -33.93 -11.13 30.09
N LEU B 139 -33.80 -10.29 29.07
CA LEU B 139 -32.91 -10.57 27.96
C LEU B 139 -31.45 -10.58 28.42
N ASP B 140 -31.11 -9.71 29.37
CA ASP B 140 -29.74 -9.64 29.87
C ASP B 140 -29.44 -10.95 30.61
N ALA B 141 -30.40 -11.39 31.43
CA ALA B 141 -30.23 -12.63 32.17
C ALA B 141 -30.10 -13.77 31.17
N GLU B 142 -30.98 -13.78 30.17
CA GLU B 142 -30.99 -14.81 29.13
C GLU B 142 -29.67 -14.87 28.40
N ALA B 143 -29.15 -13.71 28.03
CA ALA B 143 -27.88 -13.62 27.33
C ALA B 143 -26.80 -14.26 28.18
N VAL B 144 -26.81 -13.97 29.47
CA VAL B 144 -25.80 -14.53 30.37
C VAL B 144 -25.96 -16.04 30.50
N VAL B 145 -27.19 -16.51 30.58
CA VAL B 145 -27.46 -17.93 30.72
C VAL B 145 -27.09 -18.68 29.44
N LEU B 146 -27.36 -18.08 28.29
CA LEU B 146 -27.05 -18.69 27.01
C LEU B 146 -25.54 -18.87 26.86
N LEU B 147 -24.77 -17.84 27.18
CA LEU B 147 -23.31 -17.94 27.09
C LEU B 147 -22.82 -19.03 28.03
N TYR B 148 -23.34 -19.03 29.25
CA TYR B 148 -22.99 -19.99 30.28
C TYR B 148 -23.29 -21.40 29.81
N GLU B 149 -24.48 -21.60 29.25
CA GLU B 149 -24.90 -22.90 28.75
C GLU B 149 -24.12 -23.40 27.55
N CYS B 150 -23.72 -22.50 26.65
CA CYS B 150 -22.94 -22.90 25.47
C CYS B 150 -21.66 -23.63 25.94
N LEU B 151 -21.04 -23.09 26.98
CA LEU B 151 -19.82 -23.65 27.53
C LEU B 151 -20.12 -24.86 28.40
N LYS B 152 -21.21 -24.77 29.14
CA LYS B 152 -21.64 -25.84 30.04
C LYS B 152 -21.93 -27.11 29.24
N GLU B 153 -22.63 -26.96 28.12
CA GLU B 153 -22.99 -28.08 27.23
C GLU B 153 -21.77 -28.74 26.61
N LEU B 154 -20.69 -27.99 26.44
CA LEU B 154 -19.46 -28.52 25.86
C LEU B 154 -18.78 -29.47 26.82
N GLY B 155 -19.18 -29.42 28.09
CA GLY B 155 -18.59 -30.28 29.10
C GLY B 155 -17.76 -29.51 30.11
N LEU B 156 -17.56 -28.22 29.87
CA LEU B 156 -16.77 -27.40 30.77
C LEU B 156 -17.50 -27.30 32.10
N ARG B 157 -16.74 -27.37 33.18
CA ARG B 157 -17.29 -27.31 34.53
C ARG B 157 -16.69 -26.17 35.35
N ARG B 158 -15.40 -25.90 35.15
CA ARG B 158 -14.70 -24.86 35.88
C ARG B 158 -14.76 -23.46 35.26
N LEU B 159 -15.97 -22.90 35.19
CA LEU B 159 -16.18 -21.56 34.66
C LEU B 159 -16.40 -20.58 35.81
N LYS B 160 -16.08 -19.31 35.56
CA LYS B 160 -16.25 -18.25 36.57
C LYS B 160 -17.04 -17.11 35.92
N VAL B 161 -18.33 -17.04 36.21
CA VAL B 161 -19.17 -16.00 35.66
C VAL B 161 -19.01 -14.73 36.48
N LYS B 162 -18.88 -13.60 35.79
CA LYS B 162 -18.72 -12.31 36.44
C LYS B 162 -19.75 -11.35 35.86
N LEU B 163 -20.48 -10.67 36.74
CA LEU B 163 -21.51 -9.72 36.33
C LEU B 163 -21.22 -8.36 36.92
N SER B 164 -21.71 -7.32 36.28
CA SER B 164 -21.52 -5.96 36.74
C SER B 164 -22.36 -5.03 35.89
N SER B 165 -22.14 -3.74 36.01
CA SER B 165 -22.87 -2.77 35.23
C SER B 165 -21.99 -1.54 35.03
N VAL B 166 -22.27 -0.82 33.95
CA VAL B 166 -21.51 0.38 33.63
C VAL B 166 -22.46 1.56 33.71
N GLY B 167 -23.64 1.29 34.24
CA GLY B 167 -24.65 2.31 34.41
C GLY B 167 -25.12 2.75 33.06
N ASP B 168 -24.87 3.96 32.74
CA ASP B 168 -25.33 4.45 31.48
C ASP B 168 -24.26 5.42 31.07
N PRO B 169 -24.32 5.90 29.82
CA PRO B 169 -23.32 6.86 29.36
C PRO B 169 -23.12 8.02 30.34
N GLU B 170 -24.20 8.45 30.98
CA GLU B 170 -24.16 9.54 31.96
C GLU B 170 -23.34 9.13 33.18
N ASP B 171 -23.66 7.96 33.73
CA ASP B 171 -22.96 7.43 34.90
C ASP B 171 -21.49 7.18 34.58
N ARG B 172 -21.25 6.70 33.36
CA ARG B 172 -19.91 6.39 32.87
C ARG B 172 -19.11 7.70 32.84
N ALA B 173 -19.74 8.75 32.35
CA ALA B 173 -19.12 10.06 32.25
C ALA B 173 -18.73 10.59 33.63
N ARG B 174 -19.69 10.58 34.55
CA ARG B 174 -19.44 11.08 35.90
C ARG B 174 -18.33 10.31 36.64
N TYR B 175 -18.27 9.00 36.43
CA TYR B 175 -17.23 8.21 37.08
C TYR B 175 -15.87 8.62 36.52
N ASN B 176 -15.82 8.87 35.21
CA ASN B 176 -14.58 9.29 34.56
C ASN B 176 -14.11 10.62 35.16
N ALA B 177 -15.05 11.56 35.27
CA ALA B 177 -14.76 12.88 35.84
C ALA B 177 -14.18 12.70 37.23
N TYR B 178 -14.83 11.85 38.04
CA TYR B 178 -14.40 11.55 39.39
C TYR B 178 -12.95 11.06 39.40
N LEU B 179 -12.66 10.12 38.52
CA LEU B 179 -11.32 9.54 38.40
C LEU B 179 -10.27 10.60 38.07
N ARG B 180 -10.62 11.51 37.19
CA ARG B 180 -9.70 12.58 36.82
C ARG B 180 -9.44 13.47 38.03
N GLU B 181 -10.50 13.90 38.69
CA GLU B 181 -10.39 14.76 39.86
C GLU B 181 -9.53 14.18 40.98
N VAL B 182 -9.67 12.88 41.20
CA VAL B 182 -8.91 12.21 42.26
C VAL B 182 -7.47 11.88 41.84
N LEU B 183 -7.32 11.48 40.58
CA LEU B 183 -6.02 11.09 40.05
C LEU B 183 -5.10 12.18 39.52
N SER B 184 -5.65 13.16 38.79
CA SER B 184 -4.84 14.24 38.22
C SER B 184 -3.82 14.92 39.14
N PRO B 185 -4.23 15.30 40.37
CA PRO B 185 -3.22 15.95 41.24
C PRO B 185 -2.11 14.97 41.64
N HIS B 186 -2.32 13.68 41.42
CA HIS B 186 -1.35 12.65 41.75
C HIS B 186 -0.86 12.02 40.44
N ARG B 187 -1.10 12.73 39.34
CA ARG B 187 -0.72 12.30 38.00
C ARG B 187 0.70 11.76 37.90
N GLU B 188 1.62 12.42 38.60
CA GLU B 188 3.02 12.03 38.57
C GLU B 188 3.37 10.66 39.16
N ALA B 189 2.41 10.00 39.81
CA ALA B 189 2.67 8.70 40.38
C ALA B 189 2.09 7.56 39.52
N LEU B 190 1.61 7.92 38.33
CA LEU B 190 1.02 6.94 37.42
C LEU B 190 2.02 6.38 36.41
N SER B 191 1.74 5.17 35.91
CA SER B 191 2.58 4.54 34.91
C SER B 191 2.35 5.32 33.62
N GLU B 192 3.39 5.46 32.80
CA GLU B 192 3.29 6.18 31.53
C GLU B 192 2.00 5.80 30.79
N ASP B 193 1.71 4.51 30.75
CA ASP B 193 0.51 3.99 30.10
C ASP B 193 -0.75 4.64 30.69
N SER B 194 -0.84 4.60 32.02
CA SER B 194 -1.97 5.16 32.75
C SER B 194 -2.14 6.67 32.53
N LYS B 195 -1.03 7.39 32.42
CA LYS B 195 -1.06 8.84 32.21
C LYS B 195 -1.76 9.21 30.92
N GLU B 196 -1.70 8.32 29.92
CA GLU B 196 -2.36 8.54 28.65
C GLU B 196 -3.84 8.24 28.82
N ARG B 197 -4.13 7.10 29.44
CA ARG B 197 -5.50 6.65 29.68
C ARG B 197 -6.28 7.66 30.52
N LEU B 198 -5.56 8.46 31.30
CA LEU B 198 -6.17 9.47 32.14
C LEU B 198 -6.86 10.54 31.29
N GLU B 199 -6.43 10.65 30.03
CA GLU B 199 -6.99 11.63 29.10
C GLU B 199 -8.34 11.19 28.53
N GLU B 200 -8.38 9.99 27.95
CA GLU B 200 -9.62 9.48 27.38
C GLU B 200 -9.95 8.13 27.98
N ASN B 201 -11.10 8.06 28.64
CA ASN B 201 -11.57 6.84 29.28
C ASN B 201 -10.65 6.41 30.42
N PRO B 202 -10.54 7.25 31.48
CA PRO B 202 -9.71 6.99 32.65
C PRO B 202 -9.95 5.65 33.34
N MET B 203 -11.15 5.10 33.21
CA MET B 203 -11.49 3.81 33.83
C MET B 203 -10.47 2.71 33.61
N ARG B 204 -9.82 2.73 32.46
CA ARG B 204 -8.80 1.74 32.12
C ARG B 204 -7.69 1.67 33.14
N ILE B 205 -7.37 2.82 33.73
CA ILE B 205 -6.32 2.91 34.73
C ILE B 205 -6.62 1.96 35.90
N LEU B 206 -7.90 1.60 36.06
CA LEU B 206 -8.30 0.69 37.12
C LEU B 206 -7.80 -0.70 36.77
N ASP B 207 -8.11 -1.13 35.54
CA ASP B 207 -7.72 -2.45 35.04
C ASP B 207 -6.31 -2.53 34.46
N SER B 208 -5.42 -1.64 34.88
CA SER B 208 -4.05 -1.66 34.37
C SER B 208 -3.13 -2.51 35.24
N LYS B 209 -1.94 -2.80 34.72
CA LYS B 209 -0.95 -3.60 35.43
C LYS B 209 0.01 -2.71 36.24
N SER B 210 1.17 -3.28 36.60
CA SER B 210 2.19 -2.58 37.37
C SER B 210 1.75 -2.27 38.79
N GLU B 211 2.72 -2.23 39.70
CA GLU B 211 2.44 -1.94 41.09
C GLU B 211 2.20 -0.47 41.32
N ARG B 212 2.87 0.38 40.54
CA ARG B 212 2.72 1.82 40.68
C ARG B 212 1.26 2.22 40.76
N ASP B 213 0.48 1.76 39.78
CA ASP B 213 -0.93 2.11 39.72
C ASP B 213 -1.75 1.54 40.87
N GLN B 214 -1.67 0.22 41.04
CA GLN B 214 -2.42 -0.48 42.07
C GLN B 214 -2.27 0.07 43.49
N ALA B 215 -1.04 0.28 43.92
CA ALA B 215 -0.77 0.79 45.26
C ALA B 215 -1.38 2.18 45.44
N LEU B 216 -1.24 3.03 44.42
CA LEU B 216 -1.78 4.39 44.46
C LEU B 216 -3.30 4.36 44.60
N LEU B 217 -3.96 3.60 43.74
CA LEU B 217 -5.42 3.47 43.76
C LEU B 217 -5.88 3.05 45.16
N LYS B 218 -5.15 2.12 45.76
CA LYS B 218 -5.46 1.64 47.11
C LYS B 218 -5.41 2.75 48.14
N GLU B 219 -4.28 3.44 48.24
CA GLU B 219 -4.14 4.53 49.22
C GLU B 219 -5.12 5.68 48.98
N LEU B 220 -5.36 6.00 47.72
CA LEU B 220 -6.27 7.09 47.40
C LEU B 220 -7.71 6.78 47.74
N GLY B 221 -8.01 5.50 47.94
CA GLY B 221 -9.36 5.10 48.27
C GLY B 221 -10.31 5.35 47.12
N VAL B 222 -9.91 4.96 45.91
CA VAL B 222 -10.72 5.15 44.73
C VAL B 222 -11.95 4.24 44.84
N ARG B 223 -13.12 4.86 44.77
CA ARG B 223 -14.33 4.08 44.89
C ARG B 223 -14.77 3.45 43.58
N PRO B 224 -15.37 2.25 43.67
CA PRO B 224 -15.89 1.39 42.59
C PRO B 224 -16.91 2.04 41.67
N MET B 225 -16.89 1.63 40.41
CA MET B 225 -17.83 2.13 39.41
C MET B 225 -19.27 1.86 39.87
N LEU B 226 -19.45 0.79 40.66
CA LEU B 226 -20.76 0.43 41.18
C LEU B 226 -21.41 1.57 41.96
N ASP B 227 -20.59 2.27 42.73
CA ASP B 227 -21.06 3.37 43.55
C ASP B 227 -21.55 4.58 42.76
N PHE B 228 -21.38 4.53 41.44
CA PHE B 228 -21.80 5.64 40.57
C PHE B 228 -22.93 5.30 39.62
N LEU B 229 -23.57 4.15 39.82
CA LEU B 229 -24.66 3.76 38.95
C LEU B 229 -25.86 4.66 39.18
N GLY B 230 -26.58 5.00 38.11
CA GLY B 230 -27.79 5.81 38.25
C GLY B 230 -28.83 4.89 38.89
N GLU B 231 -29.83 5.38 39.62
CA GLU B 231 -30.80 4.46 40.24
C GLU B 231 -31.44 3.49 39.27
N GLU B 232 -32.05 4.00 38.20
CA GLU B 232 -32.66 3.13 37.19
C GLU B 232 -31.68 2.03 36.75
N ALA B 233 -30.41 2.35 36.66
CA ALA B 233 -29.39 1.39 36.29
C ALA B 233 -29.29 0.28 37.34
N ARG B 234 -29.20 0.66 38.61
CA ARG B 234 -29.10 -0.33 39.67
C ARG B 234 -30.37 -1.18 39.74
N ALA B 235 -31.53 -0.57 39.45
CA ALA B 235 -32.80 -1.31 39.47
C ALA B 235 -32.71 -2.42 38.45
N HIS B 236 -32.31 -2.04 37.24
CA HIS B 236 -32.17 -2.96 36.11
C HIS B 236 -31.22 -4.09 36.47
N LEU B 237 -30.05 -3.74 36.98
CA LEU B 237 -29.06 -4.75 37.36
C LEU B 237 -29.61 -5.72 38.42
N LYS B 238 -30.39 -5.21 39.36
CA LYS B 238 -30.94 -6.07 40.40
C LYS B 238 -31.89 -7.08 39.79
N GLU B 239 -32.64 -6.65 38.77
CA GLU B 239 -33.57 -7.51 38.07
C GLU B 239 -32.81 -8.67 37.43
N VAL B 240 -31.67 -8.35 36.84
CA VAL B 240 -30.83 -9.35 36.20
C VAL B 240 -30.34 -10.36 37.25
N GLU B 241 -29.90 -9.87 38.40
CA GLU B 241 -29.41 -10.76 39.46
C GLU B 241 -30.54 -11.64 39.97
N ARG B 242 -31.74 -11.08 40.04
CA ARG B 242 -32.91 -11.81 40.50
C ARG B 242 -33.10 -13.02 39.60
N HIS B 243 -33.08 -12.79 38.29
CA HIS B 243 -33.25 -13.84 37.29
C HIS B 243 -32.16 -14.90 37.34
N LEU B 244 -30.92 -14.47 37.41
CA LEU B 244 -29.80 -15.41 37.46
C LEU B 244 -29.84 -16.31 38.68
N GLU B 245 -30.13 -15.71 39.83
CA GLU B 245 -30.23 -16.45 41.09
C GLU B 245 -31.33 -17.50 40.95
N ARG B 246 -32.47 -17.10 40.38
CA ARG B 246 -33.60 -18.02 40.18
C ARG B 246 -33.21 -19.16 39.24
N LEU B 247 -32.43 -18.86 38.21
CA LEU B 247 -31.97 -19.86 37.27
C LEU B 247 -30.76 -20.61 37.82
N SER B 248 -30.35 -20.26 39.04
CA SER B 248 -29.21 -20.89 39.72
C SER B 248 -27.87 -20.78 39.00
N VAL B 249 -27.65 -19.66 38.31
CA VAL B 249 -26.40 -19.44 37.59
C VAL B 249 -25.40 -18.84 38.59
N PRO B 250 -24.39 -19.62 39.01
CA PRO B 250 -23.40 -19.09 39.96
C PRO B 250 -22.57 -17.96 39.37
N TYR B 251 -22.66 -16.79 39.98
CA TYR B 251 -21.91 -15.64 39.49
C TYR B 251 -21.29 -14.85 40.65
N GLU B 252 -20.44 -13.91 40.29
CA GLU B 252 -19.77 -13.05 41.24
C GLU B 252 -20.01 -11.66 40.72
N LEU B 253 -20.42 -10.74 41.58
CA LEU B 253 -20.65 -9.37 41.14
C LEU B 253 -19.31 -8.64 41.23
N GLU B 254 -18.84 -8.16 40.09
CA GLU B 254 -17.57 -7.46 40.02
C GLU B 254 -17.73 -5.98 40.27
N PRO B 255 -16.80 -5.38 41.03
CA PRO B 255 -16.81 -3.96 41.37
C PRO B 255 -16.90 -3.12 40.10
N ALA B 256 -16.31 -3.62 39.03
CA ALA B 256 -16.34 -2.94 37.74
C ALA B 256 -15.80 -3.88 36.66
N LEU B 257 -16.48 -3.93 35.53
CA LEU B 257 -16.06 -4.75 34.41
C LEU B 257 -15.72 -3.82 33.26
N VAL B 258 -14.44 -3.60 33.03
CA VAL B 258 -14.02 -2.73 31.94
C VAL B 258 -13.96 -3.58 30.68
N ARG B 259 -14.89 -3.33 29.77
CA ARG B 259 -14.97 -4.05 28.51
C ARG B 259 -14.23 -3.22 27.46
N GLY B 260 -13.47 -3.89 26.59
CA GLY B 260 -12.71 -3.19 25.58
C GLY B 260 -13.45 -2.39 24.51
N LEU B 261 -14.77 -2.35 24.55
CA LEU B 261 -15.53 -1.61 23.56
C LEU B 261 -16.30 -0.50 24.27
N ASP B 262 -16.51 0.62 23.59
CA ASP B 262 -17.19 1.74 24.23
C ASP B 262 -18.69 1.91 24.03
N TYR B 263 -19.36 0.96 23.41
CA TYR B 263 -20.81 1.09 23.21
C TYR B 263 -21.69 0.52 24.33
N TYR B 264 -21.04 -0.11 25.31
CA TYR B 264 -21.73 -0.73 26.44
C TYR B 264 -22.42 0.23 27.41
N VAL B 265 -23.62 -0.15 27.81
CA VAL B 265 -24.41 0.63 28.75
C VAL B 265 -25.13 -0.39 29.64
N ARG B 266 -25.07 -0.18 30.94
CA ARG B 266 -25.70 -1.08 31.91
C ARG B 266 -25.01 -2.44 32.05
N THR B 267 -25.74 -3.54 31.88
CA THR B 267 -25.17 -4.87 32.06
C THR B 267 -23.87 -5.15 31.30
N ALA B 268 -22.96 -5.82 31.99
CA ALA B 268 -21.67 -6.21 31.44
C ALA B 268 -21.32 -7.51 32.16
N PHE B 269 -20.94 -8.53 31.40
CA PHE B 269 -20.59 -9.82 31.99
C PHE B 269 -19.48 -10.52 31.21
N GLU B 270 -18.83 -11.46 31.87
CA GLU B 270 -17.73 -12.22 31.28
C GLU B 270 -17.62 -13.56 31.98
N VAL B 271 -17.24 -14.59 31.24
CA VAL B 271 -17.07 -15.93 31.82
C VAL B 271 -15.60 -16.27 31.61
N HIS B 272 -14.94 -16.65 32.70
CA HIS B 272 -13.53 -16.97 32.64
C HIS B 272 -13.25 -18.42 32.92
N HIS B 273 -11.98 -18.77 32.72
CA HIS B 273 -11.50 -20.10 32.95
C HIS B 273 -10.08 -19.89 33.45
N GLU B 274 -9.72 -20.56 34.54
CA GLU B 274 -8.38 -20.44 35.11
C GLU B 274 -7.35 -21.00 34.15
N GLU B 275 -7.52 -22.26 33.78
CA GLU B 275 -6.62 -22.98 32.87
C GLU B 275 -6.46 -22.35 31.47
N ILE B 276 -5.76 -21.22 31.40
CA ILE B 276 -5.46 -20.49 30.16
C ILE B 276 -4.33 -19.51 30.50
N GLY B 277 -4.31 -19.09 31.76
CA GLY B 277 -3.31 -18.13 32.20
C GLY B 277 -3.98 -16.80 31.98
N ALA B 278 -3.22 -15.78 31.57
CA ALA B 278 -3.81 -14.48 31.28
C ALA B 278 -4.75 -14.75 30.11
N GLN B 279 -5.66 -13.82 29.81
CA GLN B 279 -6.62 -14.04 28.73
C GLN B 279 -7.51 -15.22 29.17
N SER B 280 -7.89 -15.18 30.44
CA SER B 280 -8.71 -16.21 31.05
C SER B 280 -10.17 -16.10 30.60
N ALA B 281 -10.48 -15.01 29.91
CA ALA B 281 -11.84 -14.77 29.44
C ALA B 281 -12.19 -15.65 28.25
N LEU B 282 -13.20 -16.49 28.40
CA LEU B 282 -13.63 -17.36 27.32
C LEU B 282 -14.54 -16.52 26.44
N GLY B 283 -15.31 -15.64 27.07
CA GLY B 283 -16.22 -14.78 26.35
C GLY B 283 -16.91 -13.80 27.26
N GLY B 284 -17.65 -12.87 26.68
CA GLY B 284 -18.35 -11.88 27.46
C GLY B 284 -19.33 -11.10 26.62
N GLY B 285 -19.93 -10.07 27.21
CA GLY B 285 -20.90 -9.27 26.49
C GLY B 285 -21.55 -8.27 27.42
N GLY B 286 -22.67 -7.71 26.98
CA GLY B 286 -23.37 -6.74 27.79
C GLY B 286 -24.42 -6.02 26.98
N ARG B 287 -25.05 -5.02 27.59
CA ARG B 287 -26.10 -4.24 26.93
C ARG B 287 -25.44 -3.08 26.17
N TYR B 288 -26.09 -2.60 25.12
CA TYR B 288 -25.52 -1.53 24.32
C TYR B 288 -26.56 -0.69 23.61
N ASP B 289 -27.51 -0.14 24.36
CA ASP B 289 -28.53 0.71 23.76
C ASP B 289 -27.83 1.98 23.28
N GLY B 290 -28.30 2.55 22.17
CA GLY B 290 -27.66 3.75 21.65
C GLY B 290 -26.70 3.50 20.51
N LEU B 291 -26.19 2.27 20.40
CA LEU B 291 -25.28 1.89 19.33
C LEU B 291 -25.94 2.12 17.96
N SER B 292 -27.20 1.69 17.83
CA SER B 292 -27.93 1.86 16.58
C SER B 292 -27.97 3.34 16.19
N GLU B 293 -28.15 4.20 17.19
CA GLU B 293 -28.20 5.64 16.97
C GLU B 293 -26.86 6.15 16.50
N LEU B 294 -25.78 5.58 17.02
CA LEU B 294 -24.44 5.99 16.60
C LEU B 294 -24.24 5.68 15.11
N LEU B 295 -24.95 4.66 14.62
CA LEU B 295 -24.88 4.26 13.22
C LEU B 295 -25.95 4.97 12.40
N GLY B 296 -26.58 5.97 13.03
CA GLY B 296 -27.62 6.75 12.38
C GLY B 296 -29.01 6.15 12.33
N GLY B 297 -29.31 5.25 13.25
CA GLY B 297 -30.63 4.65 13.25
C GLY B 297 -31.45 5.09 14.45
N PRO B 298 -32.68 4.58 14.59
CA PRO B 298 -33.56 4.91 15.71
C PRO B 298 -32.98 4.27 16.98
N ARG B 299 -33.65 4.45 18.11
CA ARG B 299 -33.16 3.83 19.32
C ARG B 299 -33.55 2.37 19.27
N VAL B 300 -32.57 1.50 19.42
CA VAL B 300 -32.81 0.06 19.42
C VAL B 300 -31.97 -0.53 20.54
N PRO B 301 -32.62 -0.96 21.62
CA PRO B 301 -31.92 -1.55 22.76
C PRO B 301 -31.38 -2.94 22.37
N GLY B 302 -30.34 -3.39 23.06
CA GLY B 302 -29.79 -4.70 22.75
C GLY B 302 -28.78 -5.21 23.73
N VAL B 303 -28.72 -6.54 23.84
CA VAL B 303 -27.79 -7.23 24.72
C VAL B 303 -27.27 -8.40 23.91
N GLY B 304 -26.11 -8.92 24.30
CA GLY B 304 -25.57 -10.04 23.58
C GLY B 304 -24.24 -10.41 24.17
N PHE B 305 -23.59 -11.38 23.54
CA PHE B 305 -22.28 -11.83 23.99
C PHE B 305 -21.56 -12.43 22.79
N ALA B 306 -20.32 -12.83 23.02
CA ALA B 306 -19.51 -13.45 22.00
C ALA B 306 -18.43 -14.19 22.76
N PHE B 307 -17.94 -15.28 22.21
CA PHE B 307 -16.88 -16.02 22.87
C PHE B 307 -15.88 -16.51 21.85
N GLY B 308 -14.62 -16.54 22.24
CA GLY B 308 -13.57 -16.98 21.34
C GLY B 308 -13.48 -18.48 21.25
N VAL B 309 -13.71 -19.00 20.06
CA VAL B 309 -13.66 -20.43 19.83
C VAL B 309 -12.31 -21.00 20.24
N GLU B 310 -11.24 -20.31 19.90
CA GLU B 310 -9.90 -20.78 20.25
C GLU B 310 -9.74 -20.86 21.76
N ARG B 311 -10.23 -19.83 22.46
CA ARG B 311 -10.15 -19.78 23.92
C ARG B 311 -10.91 -20.97 24.49
N VAL B 312 -12.12 -21.18 24.00
CA VAL B 312 -12.95 -22.29 24.45
C VAL B 312 -12.26 -23.63 24.19
N ALA B 313 -11.56 -23.72 23.06
CA ALA B 313 -10.86 -24.96 22.72
C ALA B 313 -9.77 -25.25 23.75
N LEU B 314 -9.05 -24.20 24.15
CA LEU B 314 -7.99 -24.32 25.14
C LEU B 314 -8.59 -24.79 26.45
N ALA B 315 -9.71 -24.18 26.83
CA ALA B 315 -10.40 -24.54 28.06
C ALA B 315 -10.79 -26.01 28.03
N LEU B 316 -11.32 -26.46 26.89
CA LEU B 316 -11.71 -27.86 26.72
C LEU B 316 -10.50 -28.77 26.89
N GLU B 317 -9.40 -28.42 26.24
CA GLU B 317 -8.18 -29.20 26.32
C GLU B 317 -7.71 -29.27 27.77
N ALA B 318 -7.74 -28.13 28.45
CA ALA B 318 -7.33 -28.04 29.85
C ALA B 318 -8.16 -28.97 30.72
N GLU B 319 -9.45 -29.09 30.43
CA GLU B 319 -10.31 -29.96 31.22
C GLU B 319 -10.24 -31.40 30.74
N GLY B 320 -9.25 -31.70 29.91
CA GLY B 320 -9.05 -33.04 29.41
C GLY B 320 -9.97 -33.57 28.32
N PHE B 321 -10.72 -32.69 27.66
CA PHE B 321 -11.62 -33.11 26.60
C PHE B 321 -10.86 -33.32 25.31
N GLY B 322 -10.87 -34.55 24.83
CA GLY B 322 -10.16 -34.85 23.61
C GLY B 322 -11.10 -35.14 22.46
N LEU B 323 -10.50 -35.53 21.34
CA LEU B 323 -11.23 -35.87 20.14
C LEU B 323 -10.71 -37.24 19.70
N PRO B 324 -11.58 -38.11 19.17
CA PRO B 324 -11.17 -39.46 18.72
C PRO B 324 -10.40 -39.45 17.31
N GLU B 325 -9.37 -40.31 17.00
CA GLU B 325 -8.58 -40.39 15.69
C GLU B 325 -9.33 -40.16 14.37
N GLU B 326 -8.66 -39.52 13.41
CA GLU B 326 -9.23 -39.23 12.09
C GLU B 326 -9.62 -40.54 11.43
N LYS B 327 -10.87 -40.64 10.99
CA LYS B 327 -11.32 -41.86 10.32
C LYS B 327 -10.58 -42.07 9.01
N GLY B 328 -10.30 -43.34 8.70
CA GLY B 328 -9.62 -43.65 7.46
C GLY B 328 -10.67 -44.07 6.44
N PRO B 329 -10.26 -44.42 5.22
CA PRO B 329 -11.22 -44.84 4.19
C PRO B 329 -11.81 -46.20 4.50
N ASP B 330 -13.05 -46.43 4.07
CA ASP B 330 -13.70 -47.71 4.31
C ASP B 330 -12.97 -48.76 3.51
N LEU B 331 -12.54 -48.36 2.32
CA LEU B 331 -11.81 -49.25 1.42
C LEU B 331 -10.66 -48.55 0.72
N TYR B 332 -9.54 -49.25 0.62
CA TYR B 332 -8.36 -48.75 -0.07
C TYR B 332 -7.99 -49.80 -1.12
N LEU B 333 -8.25 -49.46 -2.38
CA LEU B 333 -7.96 -50.36 -3.50
C LEU B 333 -6.49 -50.26 -3.90
N ILE B 334 -5.85 -51.41 -3.96
CA ILE B 334 -4.46 -51.51 -4.36
C ILE B 334 -4.36 -52.29 -5.67
N PRO B 335 -3.92 -51.62 -6.76
CA PRO B 335 -3.77 -52.21 -8.09
C PRO B 335 -2.49 -53.07 -8.13
N LEU B 336 -2.59 -54.26 -8.71
CA LEU B 336 -1.44 -55.14 -8.80
C LEU B 336 -0.76 -55.07 -10.17
N THR B 337 -1.46 -54.50 -11.15
CA THR B 337 -0.96 -54.33 -12.51
C THR B 337 -1.26 -52.89 -12.93
N GLU B 338 -0.61 -52.39 -13.98
CA GLU B 338 -0.86 -51.01 -14.42
C GLU B 338 -2.30 -50.82 -14.90
N GLU B 339 -2.81 -51.77 -15.66
CA GLU B 339 -4.17 -51.70 -16.16
C GLU B 339 -5.16 -51.55 -15.00
N ALA B 340 -4.83 -52.18 -13.87
CA ALA B 340 -5.68 -52.14 -12.69
C ALA B 340 -5.83 -50.79 -12.01
N VAL B 341 -4.83 -49.92 -12.11
CA VAL B 341 -4.93 -48.60 -11.46
C VAL B 341 -6.17 -47.86 -11.89
N ALA B 342 -6.44 -47.82 -13.19
CA ALA B 342 -7.61 -47.13 -13.71
C ALA B 342 -8.87 -47.85 -13.26
N GLU B 343 -8.83 -49.18 -13.26
CA GLU B 343 -9.98 -49.97 -12.86
C GLU B 343 -10.31 -49.71 -11.39
N ALA B 344 -9.27 -49.52 -10.58
CA ALA B 344 -9.43 -49.22 -9.15
C ALA B 344 -10.17 -47.89 -9.03
N PHE B 345 -9.74 -46.91 -9.82
CA PHE B 345 -10.36 -45.61 -9.84
C PHE B 345 -11.85 -45.73 -10.21
N TYR B 346 -12.15 -46.51 -11.24
CA TYR B 346 -13.53 -46.70 -11.67
C TYR B 346 -14.37 -47.36 -10.58
N LEU B 347 -13.81 -48.40 -9.96
CA LEU B 347 -14.51 -49.10 -8.89
C LEU B 347 -14.76 -48.14 -7.73
N ALA B 348 -13.73 -47.39 -7.36
CA ALA B 348 -13.84 -46.42 -6.27
C ALA B 348 -15.01 -45.49 -6.56
N GLU B 349 -15.07 -44.97 -7.79
CA GLU B 349 -16.15 -44.07 -8.18
C GLU B 349 -17.53 -44.69 -8.06
N ALA B 350 -17.64 -45.98 -8.30
CA ALA B 350 -18.93 -46.66 -8.22
C ALA B 350 -19.40 -46.76 -6.77
N LEU B 351 -18.44 -46.81 -5.86
CA LEU B 351 -18.71 -46.94 -4.43
C LEU B 351 -19.01 -45.61 -3.72
N ARG B 352 -18.45 -44.52 -4.22
CA ARG B 352 -18.66 -43.20 -3.63
C ARG B 352 -19.98 -42.60 -4.07
N PRO B 353 -20.55 -41.66 -3.27
CA PRO B 353 -20.02 -41.18 -2.00
C PRO B 353 -20.57 -41.92 -0.79
N ARG B 354 -21.45 -42.89 -1.01
CA ARG B 354 -22.04 -43.66 0.09
C ARG B 354 -20.94 -44.37 0.91
N LEU B 355 -19.85 -44.71 0.24
CA LEU B 355 -18.72 -45.38 0.85
C LEU B 355 -17.48 -44.53 0.56
N ARG B 356 -16.55 -44.48 1.50
CA ARG B 356 -15.33 -43.72 1.28
C ARG B 356 -14.31 -44.69 0.72
N ALA B 357 -14.06 -44.58 -0.58
CA ALA B 357 -13.13 -45.46 -1.27
C ALA B 357 -11.96 -44.71 -1.87
N GLU B 358 -10.75 -45.20 -1.57
CA GLU B 358 -9.52 -44.59 -2.09
C GLU B 358 -8.73 -45.68 -2.80
N TYR B 359 -7.68 -45.30 -3.53
CA TYR B 359 -6.88 -46.27 -4.26
C TYR B 359 -5.48 -45.74 -4.54
N ALA B 360 -4.56 -46.66 -4.87
CA ALA B 360 -3.18 -46.32 -5.19
C ALA B 360 -3.11 -45.94 -6.67
N LEU B 361 -2.27 -44.96 -7.01
CA LEU B 361 -2.15 -44.52 -8.40
C LEU B 361 -1.10 -45.25 -9.21
N ALA B 362 -0.52 -46.29 -8.62
CA ALA B 362 0.52 -47.07 -9.28
C ALA B 362 0.46 -48.49 -8.75
N PRO B 363 0.85 -49.48 -9.57
CA PRO B 363 0.83 -50.87 -9.14
C PRO B 363 1.85 -51.10 -8.03
N ARG B 364 1.61 -52.11 -7.20
CA ARG B 364 2.52 -52.43 -6.12
C ARG B 364 2.29 -53.83 -5.61
N LYS B 365 3.29 -54.38 -4.93
CA LYS B 365 3.20 -55.72 -4.36
C LYS B 365 2.10 -55.70 -3.28
N PRO B 366 1.41 -56.83 -3.10
CA PRO B 366 0.33 -56.98 -2.11
C PRO B 366 0.73 -56.48 -0.71
N ALA B 367 1.85 -56.96 -0.20
CA ALA B 367 2.33 -56.58 1.12
C ALA B 367 2.49 -55.06 1.29
N LYS B 368 3.07 -54.42 0.27
CA LYS B 368 3.30 -52.98 0.27
C LYS B 368 1.99 -52.21 0.29
N GLY B 369 1.08 -52.58 -0.61
CA GLY B 369 -0.20 -51.92 -0.66
C GLY B 369 -0.99 -52.14 0.61
N LEU B 370 -0.81 -53.30 1.24
CA LEU B 370 -1.50 -53.62 2.47
C LEU B 370 -0.94 -52.71 3.56
N GLU B 371 0.36 -52.48 3.49
CA GLU B 371 1.07 -51.62 4.42
C GLU B 371 0.49 -50.20 4.33
N GLU B 372 0.25 -49.73 3.11
CA GLU B 372 -0.31 -48.40 2.84
C GLU B 372 -1.75 -48.26 3.28
N ALA B 373 -2.51 -49.34 3.16
CA ALA B 373 -3.90 -49.33 3.57
C ALA B 373 -3.93 -49.13 5.08
N LEU B 374 -3.05 -49.84 5.78
CA LEU B 374 -2.91 -49.76 7.23
C LEU B 374 -2.49 -48.34 7.60
N LYS B 375 -1.53 -47.82 6.83
CA LYS B 375 -0.97 -46.49 6.98
C LYS B 375 -2.01 -45.39 6.83
N ARG B 376 -3.11 -45.71 6.14
CA ARG B 376 -4.21 -44.78 5.91
C ARG B 376 -5.41 -45.06 6.81
N GLY B 377 -5.28 -46.06 7.68
CA GLY B 377 -6.35 -46.41 8.60
C GLY B 377 -7.59 -46.97 7.92
N ALA B 378 -7.38 -47.61 6.78
CA ALA B 378 -8.47 -48.21 6.01
C ALA B 378 -9.10 -49.41 6.73
N ALA B 379 -10.41 -49.56 6.60
CA ALA B 379 -11.10 -50.67 7.24
C ALA B 379 -10.83 -51.93 6.41
N PHE B 380 -10.98 -51.79 5.09
CA PHE B 380 -10.76 -52.89 4.17
C PHE B 380 -9.74 -52.54 3.12
N ALA B 381 -8.98 -53.55 2.72
CA ALA B 381 -7.98 -53.40 1.66
C ALA B 381 -8.65 -54.11 0.49
N GLY B 382 -8.45 -53.61 -0.72
CA GLY B 382 -9.05 -54.24 -1.88
C GLY B 382 -7.99 -54.51 -2.94
N PHE B 383 -7.85 -55.75 -3.36
CA PHE B 383 -6.85 -56.11 -4.36
C PHE B 383 -7.42 -56.23 -5.76
N LEU B 384 -6.71 -55.65 -6.74
CA LEU B 384 -7.12 -55.73 -8.13
C LEU B 384 -5.95 -56.16 -9.00
N GLY B 385 -5.83 -57.47 -9.19
CA GLY B 385 -4.77 -58.02 -10.01
C GLY B 385 -5.38 -58.62 -11.25
N GLU B 386 -4.57 -59.33 -12.03
CA GLU B 386 -5.03 -59.97 -13.28
C GLU B 386 -6.26 -60.84 -13.12
N ASP B 387 -6.25 -61.69 -12.10
CA ASP B 387 -7.34 -62.61 -11.85
C ASP B 387 -8.68 -61.93 -11.66
N GLU B 388 -8.78 -61.06 -10.67
CA GLU B 388 -10.03 -60.37 -10.40
C GLU B 388 -10.47 -59.46 -11.54
N LEU B 389 -9.52 -58.89 -12.29
CA LEU B 389 -9.87 -58.03 -13.41
C LEU B 389 -10.61 -58.83 -14.46
N ARG B 390 -10.08 -60.01 -14.77
CA ARG B 390 -10.69 -60.89 -15.76
C ARG B 390 -11.99 -61.53 -15.25
N ALA B 391 -12.06 -61.80 -13.95
CA ALA B 391 -13.25 -62.42 -13.37
C ALA B 391 -14.32 -61.41 -12.97
N GLY B 392 -14.00 -60.11 -13.01
CA GLY B 392 -14.95 -59.08 -12.63
C GLY B 392 -15.22 -59.11 -11.14
N GLU B 393 -14.20 -59.48 -10.38
CA GLU B 393 -14.28 -59.59 -8.93
C GLU B 393 -13.26 -58.69 -8.25
N VAL B 394 -13.28 -58.69 -6.92
CA VAL B 394 -12.35 -57.90 -6.12
C VAL B 394 -12.02 -58.71 -4.89
N THR B 395 -10.77 -58.67 -4.46
CA THR B 395 -10.38 -59.42 -3.26
C THR B 395 -10.31 -58.47 -2.08
N LEU B 396 -11.30 -58.54 -1.21
CA LEU B 396 -11.37 -57.69 -0.03
C LEU B 396 -10.72 -58.34 1.17
N LYS B 397 -10.19 -57.52 2.07
CA LYS B 397 -9.51 -58.03 3.27
C LYS B 397 -9.72 -57.06 4.42
N ARG B 398 -10.47 -57.48 5.44
CA ARG B 398 -10.67 -56.60 6.59
C ARG B 398 -9.33 -56.60 7.29
N LEU B 399 -8.72 -55.42 7.41
CA LEU B 399 -7.41 -55.30 8.03
C LEU B 399 -7.33 -55.67 9.51
N ALA B 400 -8.40 -55.44 10.25
CA ALA B 400 -8.41 -55.76 11.68
C ALA B 400 -8.19 -57.24 11.99
N THR B 401 -8.92 -58.10 11.27
CA THR B 401 -8.84 -59.55 11.46
C THR B 401 -8.07 -60.31 10.39
N GLY B 402 -7.82 -59.66 9.26
CA GLY B 402 -7.12 -60.33 8.18
C GLY B 402 -8.04 -61.18 7.31
N GLU B 403 -9.32 -61.30 7.70
CA GLU B 403 -10.30 -62.09 6.94
C GLU B 403 -10.35 -61.61 5.50
N GLN B 404 -10.38 -62.55 4.58
CA GLN B 404 -10.37 -62.23 3.16
C GLN B 404 -11.56 -62.81 2.41
N VAL B 405 -12.11 -62.03 1.49
CA VAL B 405 -13.26 -62.44 0.70
C VAL B 405 -13.07 -62.04 -0.75
N ARG B 406 -13.43 -62.94 -1.66
CA ARG B 406 -13.35 -62.69 -3.09
C ARG B 406 -14.81 -62.65 -3.56
N LEU B 407 -15.25 -61.50 -4.06
CA LEU B 407 -16.62 -61.37 -4.51
C LEU B 407 -16.72 -60.50 -5.75
N SER B 408 -17.87 -60.55 -6.43
CA SER B 408 -18.07 -59.78 -7.64
C SER B 408 -18.22 -58.30 -7.31
N ARG B 409 -17.81 -57.46 -8.24
CA ARG B 409 -17.89 -56.01 -8.09
C ARG B 409 -19.24 -55.52 -7.54
N GLU B 410 -20.33 -56.14 -7.97
CA GLU B 410 -21.67 -55.75 -7.54
C GLU B 410 -21.94 -55.95 -6.05
N GLU B 411 -21.48 -57.06 -5.50
CA GLU B 411 -21.69 -57.35 -4.07
C GLU B 411 -20.88 -56.46 -3.17
N VAL B 412 -19.74 -55.99 -3.67
CA VAL B 412 -18.84 -55.15 -2.88
C VAL B 412 -19.52 -54.04 -2.07
N PRO B 413 -20.36 -53.20 -2.70
CA PRO B 413 -21.02 -52.13 -1.94
C PRO B 413 -21.82 -52.67 -0.76
N GLY B 414 -22.63 -53.69 -1.02
CA GLY B 414 -23.45 -54.29 0.02
C GLY B 414 -22.64 -54.93 1.12
N TYR B 415 -21.65 -55.75 0.75
CA TYR B 415 -20.81 -56.43 1.73
C TYR B 415 -20.12 -55.44 2.66
N LEU B 416 -19.54 -54.40 2.09
CA LEU B 416 -18.85 -53.39 2.88
C LEU B 416 -19.80 -52.64 3.80
N LEU B 417 -20.96 -52.25 3.27
CA LEU B 417 -21.97 -51.53 4.05
C LEU B 417 -22.50 -52.31 5.24
N GLN B 418 -22.80 -53.58 5.03
CA GLN B 418 -23.31 -54.41 6.12
C GLN B 418 -22.20 -54.75 7.11
N ALA B 419 -20.96 -54.77 6.63
CA ALA B 419 -19.82 -55.08 7.48
C ALA B 419 -19.31 -53.89 8.28
N LEU B 420 -19.77 -52.69 7.93
CA LEU B 420 -19.33 -51.47 8.62
C LEU B 420 -20.47 -50.59 9.13
N GLY B 421 -21.69 -50.83 8.66
CA GLY B 421 -22.82 -50.03 9.08
C GLY B 421 -23.59 -50.59 10.26
N THR C 2 -2.12 8.73 -23.28
CA THR C 2 -3.23 8.89 -22.29
C THR C 2 -2.82 9.82 -21.15
N ALA C 3 -1.83 9.37 -20.36
CA ALA C 3 -1.34 10.12 -19.20
C ALA C 3 -0.84 11.53 -19.46
N ARG C 4 -1.06 12.39 -18.47
CA ARG C 4 -0.67 13.78 -18.48
C ARG C 4 0.08 13.99 -17.17
N ALA C 5 0.59 15.20 -16.98
CA ALA C 5 1.28 15.53 -15.73
C ALA C 5 0.14 15.80 -14.75
N VAL C 6 0.16 15.14 -13.60
CA VAL C 6 -0.91 15.31 -12.62
C VAL C 6 -1.22 16.77 -12.32
N ARG C 7 -2.50 17.09 -12.18
CA ARG C 7 -2.94 18.46 -11.91
C ARG C 7 -2.19 19.03 -10.70
N GLY C 8 -1.67 20.24 -10.84
CA GLY C 8 -0.92 20.87 -9.76
C GLY C 8 0.58 20.74 -9.92
N THR C 9 1.00 19.96 -10.91
CA THR C 9 2.43 19.75 -11.18
C THR C 9 2.60 20.03 -12.67
N LYS C 10 3.84 20.29 -13.09
CA LYS C 10 4.11 20.55 -14.50
C LYS C 10 5.58 20.38 -14.83
N ASP C 11 5.85 20.16 -16.10
CA ASP C 11 7.20 19.99 -16.58
C ASP C 11 7.82 21.36 -16.73
N LEU C 12 9.03 21.50 -16.21
CA LEU C 12 9.73 22.77 -16.30
C LEU C 12 10.77 22.71 -17.39
N PHE C 13 10.65 23.60 -18.36
CA PHE C 13 11.60 23.69 -19.46
C PHE C 13 11.43 25.04 -20.11
N GLY C 14 12.36 25.41 -20.99
CA GLY C 14 12.26 26.69 -21.67
C GLY C 14 12.43 27.89 -20.74
N LYS C 15 11.88 29.02 -21.17
CA LYS C 15 11.98 30.25 -20.39
C LYS C 15 11.55 30.10 -18.94
N GLU C 16 10.45 29.38 -18.73
CA GLU C 16 9.94 29.15 -17.38
C GLU C 16 11.00 28.52 -16.47
N LEU C 17 11.69 27.49 -16.95
CA LEU C 17 12.72 26.81 -16.18
C LEU C 17 13.87 27.79 -15.92
N ARG C 18 14.25 28.54 -16.95
CA ARG C 18 15.34 29.50 -16.84
C ARG C 18 15.09 30.59 -15.80
N MET C 19 13.85 31.04 -15.68
CA MET C 19 13.52 32.07 -14.69
C MET C 19 13.74 31.50 -13.30
N HIS C 20 13.31 30.25 -13.09
CA HIS C 20 13.49 29.59 -11.80
C HIS C 20 14.96 29.52 -11.42
N GLN C 21 15.79 29.22 -12.41
CA GLN C 21 17.21 29.12 -12.18
C GLN C 21 17.82 30.46 -11.82
N ARG C 22 17.38 31.52 -12.49
CA ARG C 22 17.88 32.87 -12.19
C ARG C 22 17.49 33.23 -10.76
N ILE C 23 16.26 32.93 -10.40
CA ILE C 23 15.74 33.20 -9.07
C ILE C 23 16.56 32.48 -8.01
N VAL C 24 16.79 31.18 -8.19
CA VAL C 24 17.58 30.44 -7.21
C VAL C 24 19.04 30.89 -7.21
N ALA C 25 19.55 31.29 -8.36
CA ALA C 25 20.94 31.75 -8.48
C ALA C 25 21.16 33.00 -7.64
N THR C 26 20.22 33.94 -7.73
CA THR C 26 20.26 35.19 -6.98
C THR C 26 20.17 34.92 -5.48
N ALA C 27 19.18 34.11 -5.10
CA ALA C 27 18.97 33.74 -3.72
C ALA C 27 20.26 33.14 -3.16
N ARG C 28 20.91 32.29 -3.96
CA ARG C 28 22.17 31.65 -3.56
C ARG C 28 23.22 32.70 -3.24
N LYS C 29 23.33 33.70 -4.10
CA LYS C 29 24.32 34.73 -3.90
C LYS C 29 24.10 35.52 -2.62
N VAL C 30 22.88 36.06 -2.44
CA VAL C 30 22.60 36.86 -1.25
C VAL C 30 22.70 36.08 0.05
N LEU C 31 22.12 34.88 0.05
CA LEU C 31 22.13 34.01 1.22
C LEU C 31 23.52 33.56 1.61
N GLU C 32 24.32 33.14 0.62
CA GLU C 32 25.67 32.67 0.92
C GLU C 32 26.62 33.79 1.33
N ALA C 33 26.30 35.02 0.93
CA ALA C 33 27.12 36.17 1.30
C ALA C 33 26.93 36.43 2.80
N ALA C 34 25.75 36.05 3.31
CA ALA C 34 25.43 36.21 4.71
C ALA C 34 25.96 35.06 5.55
N GLY C 35 26.64 34.12 4.87
CA GLY C 35 27.22 32.97 5.54
C GLY C 35 26.38 31.71 5.55
N ALA C 36 25.31 31.68 4.77
CA ALA C 36 24.45 30.51 4.72
C ALA C 36 25.12 29.34 3.99
N LEU C 37 24.98 28.15 4.54
CA LEU C 37 25.53 26.92 3.98
C LEU C 37 24.40 26.17 3.27
N GLU C 38 24.63 25.70 2.06
CA GLU C 38 23.58 24.96 1.34
C GLU C 38 23.43 23.55 1.90
N LEU C 39 22.21 23.21 2.30
CA LEU C 39 21.88 21.91 2.88
C LEU C 39 20.58 21.45 2.23
N VAL C 40 20.62 20.31 1.55
CA VAL C 40 19.45 19.77 0.88
C VAL C 40 18.98 18.54 1.63
N THR C 41 17.75 18.59 2.14
CA THR C 41 17.17 17.47 2.88
C THR C 41 16.39 16.57 1.91
N PRO C 42 16.18 15.30 2.30
CA PRO C 42 15.44 14.34 1.46
C PRO C 42 14.04 14.84 1.08
N ILE C 43 13.47 14.23 0.04
CA ILE C 43 12.15 14.60 -0.44
C ILE C 43 11.06 14.22 0.57
N PHE C 44 11.34 13.22 1.41
CA PHE C 44 10.39 12.80 2.41
C PHE C 44 11.05 12.56 3.76
N GLU C 45 10.25 12.70 4.82
CA GLU C 45 10.72 12.52 6.20
C GLU C 45 9.72 11.61 6.88
N GLU C 46 10.06 11.15 8.08
CA GLU C 46 9.13 10.32 8.85
C GLU C 46 7.95 11.27 9.04
N THR C 47 6.74 10.77 8.82
CA THR C 47 5.54 11.59 8.96
C THR C 47 5.50 12.44 10.25
N GLN C 48 6.08 11.92 11.33
CA GLN C 48 6.11 12.62 12.61
C GLN C 48 6.82 13.97 12.57
N VAL C 49 7.90 14.08 11.82
CA VAL C 49 8.66 15.33 11.72
C VAL C 49 7.72 16.48 11.35
N PHE C 50 6.76 16.24 10.48
CA PHE C 50 5.83 17.28 10.06
C PHE C 50 4.60 17.39 10.98
N GLU C 51 4.18 16.27 11.54
CA GLU C 51 3.04 16.26 12.45
C GLU C 51 3.36 17.10 13.68
N LYS C 52 4.40 16.67 14.40
CA LYS C 52 4.85 17.35 15.61
C LYS C 52 5.39 18.74 15.29
N GLY C 53 6.20 18.83 14.24
CA GLY C 53 6.77 20.11 13.86
C GLY C 53 5.77 21.18 13.45
N VAL C 54 5.03 20.94 12.38
CA VAL C 54 4.06 21.90 11.88
C VAL C 54 2.86 22.10 12.82
N GLY C 55 2.68 21.16 13.75
CA GLY C 55 1.58 21.24 14.70
C GLY C 55 0.37 20.48 14.20
N ALA C 56 -0.08 19.50 14.99
CA ALA C 56 -1.22 18.66 14.63
C ALA C 56 -2.56 19.38 14.42
N ALA C 57 -2.60 20.69 14.63
CA ALA C 57 -3.84 21.45 14.47
C ALA C 57 -3.93 22.22 13.17
N THR C 58 -2.85 22.23 12.40
CA THR C 58 -2.82 22.97 11.13
C THR C 58 -3.44 22.24 9.95
N ASP C 59 -3.96 23.02 9.00
CA ASP C 59 -4.58 22.51 7.78
C ASP C 59 -3.62 21.59 7.03
N ILE C 60 -2.36 22.01 6.94
CA ILE C 60 -1.31 21.26 6.26
C ILE C 60 -1.24 19.82 6.79
N VAL C 61 -0.99 19.67 8.08
CA VAL C 61 -0.88 18.36 8.70
C VAL C 61 -2.17 17.55 8.62
N ARG C 62 -3.29 18.18 8.94
CA ARG C 62 -4.58 17.52 8.94
C ARG C 62 -5.13 17.00 7.61
N LYS C 63 -4.88 17.72 6.52
CA LYS C 63 -5.44 17.29 5.25
C LYS C 63 -4.71 17.70 3.98
N GLU C 64 -3.46 18.15 4.10
CA GLU C 64 -2.74 18.59 2.90
C GLU C 64 -1.36 17.98 2.70
N MET C 65 -1.07 16.85 3.34
CA MET C 65 0.23 16.22 3.18
C MET C 65 0.15 14.90 2.43
N PHE C 66 1.06 14.72 1.48
CA PHE C 66 1.10 13.47 0.72
C PHE C 66 1.86 12.49 1.58
N THR C 67 1.12 11.71 2.35
CA THR C 67 1.74 10.74 3.24
C THR C 67 1.38 9.33 2.77
N PHE C 68 2.34 8.42 2.90
CA PHE C 68 2.17 7.01 2.48
C PHE C 68 2.98 6.11 3.42
N GLN C 69 2.77 4.80 3.38
CA GLN C 69 3.49 3.92 4.28
C GLN C 69 4.64 3.15 3.63
N ASP C 70 5.74 3.04 4.35
CA ASP C 70 6.95 2.36 3.92
C ASP C 70 6.83 0.83 3.98
N ARG C 71 7.60 0.14 3.13
CA ARG C 71 7.60 -1.33 3.10
C ARG C 71 7.99 -1.93 4.45
N GLY C 72 8.62 -1.10 5.29
CA GLY C 72 9.05 -1.55 6.60
C GLY C 72 8.20 -1.01 7.75
N GLY C 73 6.99 -0.52 7.44
CA GLY C 73 6.13 -0.02 8.50
C GLY C 73 6.16 1.46 8.78
N ARG C 74 7.33 2.09 8.70
CA ARG C 74 7.44 3.52 8.96
C ARG C 74 6.52 4.31 8.04
N SER C 75 5.93 5.38 8.56
CA SER C 75 5.04 6.24 7.78
C SER C 75 5.90 7.40 7.26
N LEU C 76 5.87 7.62 5.95
CA LEU C 76 6.66 8.66 5.33
C LEU C 76 5.78 9.72 4.70
N THR C 77 6.26 10.96 4.70
CA THR C 77 5.49 12.06 4.14
C THR C 77 6.32 12.98 3.25
N LEU C 78 5.75 13.31 2.09
CA LEU C 78 6.37 14.20 1.13
C LEU C 78 6.44 15.57 1.76
N ARG C 79 7.67 16.07 1.90
CA ARG C 79 7.94 17.37 2.50
C ARG C 79 7.04 18.51 1.99
N PRO C 80 6.20 19.07 2.88
CA PRO C 80 5.29 20.16 2.54
C PRO C 80 5.89 21.53 2.83
N GLU C 81 7.00 21.53 3.58
CA GLU C 81 7.68 22.77 3.97
C GLU C 81 9.09 22.40 4.44
N GLY C 82 10.01 23.37 4.44
CA GLY C 82 11.39 23.07 4.82
C GLY C 82 11.93 23.24 6.23
N THR C 83 11.37 24.15 7.01
CA THR C 83 11.87 24.40 8.38
C THR C 83 12.06 23.19 9.30
N ALA C 84 11.00 22.41 9.48
CA ALA C 84 11.08 21.22 10.34
C ALA C 84 12.21 20.29 9.91
N ALA C 85 12.33 20.06 8.60
CA ALA C 85 13.38 19.20 8.06
C ALA C 85 14.76 19.78 8.37
N MET C 86 14.91 21.09 8.20
CA MET C 86 16.17 21.77 8.48
C MET C 86 16.54 21.57 9.95
N VAL C 87 15.57 21.75 10.84
CA VAL C 87 15.81 21.56 12.28
C VAL C 87 16.16 20.10 12.57
N ARG C 88 15.49 19.18 11.87
CA ARG C 88 15.74 17.75 12.01
C ARG C 88 17.20 17.48 11.63
N ALA C 89 17.62 18.10 10.53
CA ALA C 89 18.99 17.93 10.05
C ALA C 89 19.96 18.50 11.08
N TYR C 90 19.66 19.70 11.58
CA TYR C 90 20.49 20.38 12.57
C TYR C 90 20.71 19.46 13.76
N LEU C 91 19.62 18.90 14.25
CA LEU C 91 19.66 17.99 15.38
C LEU C 91 20.50 16.77 15.06
N GLU C 92 20.13 16.07 13.99
CA GLU C 92 20.82 14.85 13.58
C GLU C 92 22.33 14.97 13.37
N HIS C 93 22.76 16.06 12.74
CA HIS C 93 24.19 16.25 12.46
C HIS C 93 24.98 16.90 13.56
N GLY C 94 24.35 17.06 14.73
CA GLY C 94 25.01 17.68 15.86
C GLY C 94 25.54 19.05 15.54
N MET C 95 24.76 19.83 14.81
CA MET C 95 25.18 21.17 14.42
C MET C 95 25.35 22.12 15.63
N LYS C 96 24.88 21.68 16.79
CA LYS C 96 24.98 22.47 18.02
C LYS C 96 26.44 22.68 18.43
N VAL C 97 27.33 21.88 17.86
CA VAL C 97 28.75 21.98 18.17
C VAL C 97 29.46 22.94 17.21
N TRP C 98 28.82 23.23 16.08
CA TRP C 98 29.40 24.15 15.11
C TRP C 98 29.27 25.54 15.70
N PRO C 99 30.09 26.50 15.24
CA PRO C 99 29.98 27.86 15.77
C PRO C 99 28.61 28.44 15.42
N GLN C 100 27.91 28.95 16.43
CA GLN C 100 26.56 29.51 16.27
C GLN C 100 26.58 30.99 15.89
N PRO C 101 25.54 31.47 15.19
CA PRO C 101 24.38 30.68 14.75
C PRO C 101 24.69 29.97 13.42
N VAL C 102 24.02 28.84 13.20
CA VAL C 102 24.19 28.07 11.99
C VAL C 102 23.16 28.52 10.96
N ARG C 103 23.62 29.08 9.86
CA ARG C 103 22.72 29.53 8.78
C ARG C 103 22.70 28.50 7.66
N LEU C 104 21.51 28.03 7.30
CA LEU C 104 21.33 27.03 6.24
C LEU C 104 20.34 27.51 5.19
N TRP C 105 20.55 27.09 3.95
CA TRP C 105 19.64 27.48 2.88
C TRP C 105 19.55 26.36 1.86
N MET C 106 18.44 26.33 1.14
CA MET C 106 18.23 25.33 0.11
C MET C 106 17.12 25.80 -0.81
N ALA C 107 17.00 25.17 -1.96
CA ALA C 107 15.97 25.50 -2.93
C ALA C 107 15.53 24.14 -3.45
N GLY C 108 14.24 23.87 -3.37
CA GLY C 108 13.75 22.58 -3.83
C GLY C 108 12.24 22.52 -3.87
N PRO C 109 11.70 21.39 -4.36
CA PRO C 109 10.26 21.16 -4.47
C PRO C 109 9.59 20.88 -3.12
N MET C 110 8.37 21.36 -2.96
CA MET C 110 7.60 21.16 -1.74
C MET C 110 6.28 20.61 -2.26
N PHE C 111 5.65 19.75 -1.47
CA PHE C 111 4.41 19.12 -1.90
C PHE C 111 3.27 19.31 -0.92
N ARG C 112 2.12 19.69 -1.47
CA ARG C 112 0.92 19.89 -0.67
C ARG C 112 -0.31 19.33 -1.35
N ALA C 113 -0.95 18.35 -0.71
CA ALA C 113 -2.15 17.72 -1.24
C ALA C 113 -3.34 18.66 -1.16
N GLU C 114 -3.60 19.39 -2.23
CA GLU C 114 -4.72 20.31 -2.25
C GLU C 114 -5.85 19.83 -3.14
N ARG C 115 -7.08 20.15 -2.76
CA ARG C 115 -8.27 19.74 -3.51
C ARG C 115 -8.21 20.11 -4.99
N PRO C 116 -8.25 19.09 -5.86
CA PRO C 116 -8.22 19.23 -7.31
C PRO C 116 -9.34 20.08 -7.91
N GLN C 117 -8.91 21.13 -8.61
CA GLN C 117 -9.74 22.11 -9.30
C GLN C 117 -8.76 23.28 -9.49
N LYS C 118 -7.57 22.95 -9.99
CA LYS C 118 -6.47 23.89 -10.18
C LYS C 118 -5.86 24.14 -8.79
N GLY C 119 -6.51 24.99 -7.98
CA GLY C 119 -6.03 25.29 -6.64
C GLY C 119 -4.56 25.66 -6.57
N ARG C 120 -4.00 26.05 -7.71
CA ARG C 120 -2.61 26.45 -7.86
C ARG C 120 -1.57 25.33 -8.03
N TYR C 121 -0.91 24.92 -6.94
CA TYR C 121 0.13 23.91 -7.04
C TYR C 121 0.16 22.83 -5.98
N ARG C 122 0.37 21.59 -6.42
CA ARG C 122 0.48 20.47 -5.50
C ARG C 122 1.97 20.19 -5.33
N GLN C 123 2.77 20.65 -6.30
CA GLN C 123 4.21 20.57 -6.25
C GLN C 123 4.72 21.93 -6.68
N PHE C 124 5.31 22.66 -5.74
CA PHE C 124 5.84 23.98 -6.03
C PHE C 124 7.29 23.97 -5.55
N HIS C 125 8.00 25.08 -5.75
CA HIS C 125 9.40 25.15 -5.35
C HIS C 125 9.66 26.39 -4.54
N GLN C 126 10.44 26.25 -3.47
CA GLN C 126 10.77 27.39 -2.64
C GLN C 126 12.22 27.46 -2.18
N VAL C 127 12.69 28.68 -1.97
CA VAL C 127 14.04 28.94 -1.48
C VAL C 127 13.78 29.06 0.02
N ASN C 128 14.56 28.35 0.81
CA ASN C 128 14.38 28.33 2.26
C ASN C 128 15.67 28.75 2.99
N TYR C 129 15.54 29.72 3.90
CA TYR C 129 16.66 30.22 4.68
C TYR C 129 16.39 29.94 6.14
N GLU C 130 17.43 29.59 6.89
CA GLU C 130 17.28 29.27 8.29
C GLU C 130 18.50 29.72 9.11
N ALA C 131 18.26 30.35 10.25
CA ALA C 131 19.32 30.80 11.14
C ALA C 131 19.01 30.15 12.49
N LEU C 132 19.83 29.18 12.87
CA LEU C 132 19.59 28.44 14.10
C LEU C 132 20.63 28.61 15.19
N GLY C 133 20.18 28.48 16.44
CA GLY C 133 21.08 28.57 17.58
C GLY C 133 21.17 29.90 18.31
N SER C 134 20.26 30.83 18.08
CA SER C 134 20.31 32.11 18.80
C SER C 134 18.97 32.85 18.90
N GLU C 135 18.77 33.47 20.06
CA GLU C 135 17.55 34.22 20.33
C GLU C 135 17.67 35.70 19.90
N ASN C 136 18.90 36.11 19.60
CA ASN C 136 19.18 37.49 19.21
C ASN C 136 18.28 38.05 18.09
N PRO C 137 17.61 39.18 18.35
CA PRO C 137 16.72 39.83 17.38
C PRO C 137 17.43 40.36 16.13
N ILE C 138 18.76 40.35 16.15
CA ILE C 138 19.53 40.78 14.98
C ILE C 138 19.29 39.79 13.84
N LEU C 139 19.18 38.52 14.19
CA LEU C 139 18.93 37.46 13.22
C LEU C 139 17.56 37.62 12.57
N ASP C 140 16.58 38.05 13.35
CA ASP C 140 15.23 38.25 12.84
C ASP C 140 15.26 39.37 11.80
N ALA C 141 15.95 40.46 12.14
CA ALA C 141 16.07 41.58 11.23
C ALA C 141 16.81 41.13 9.97
N GLU C 142 17.90 40.38 10.16
CA GLU C 142 18.70 39.85 9.06
C GLU C 142 17.86 38.98 8.15
N ALA C 143 17.09 38.08 8.75
CA ALA C 143 16.22 37.18 8.00
C ALA C 143 15.27 38.00 7.12
N VAL C 144 14.70 39.07 7.69
CA VAL C 144 13.78 39.92 6.95
C VAL C 144 14.50 40.64 5.82
N VAL C 145 15.71 41.14 6.10
CA VAL C 145 16.48 41.86 5.09
C VAL C 145 16.92 40.95 3.98
N LEU C 146 17.31 39.72 4.31
CA LEU C 146 17.74 38.74 3.32
C LEU C 146 16.62 38.42 2.35
N LEU C 147 15.41 38.14 2.87
CA LEU C 147 14.26 37.84 2.03
C LEU C 147 13.98 39.02 1.12
N TYR C 148 13.98 40.22 1.70
CA TYR C 148 13.72 41.47 0.99
C TYR C 148 14.73 41.65 -0.12
N GLU C 149 16.00 41.45 0.19
CA GLU C 149 17.07 41.59 -0.78
C GLU C 149 17.05 40.55 -1.91
N CYS C 150 16.63 39.32 -1.61
CA CYS C 150 16.56 38.27 -2.64
C CYS C 150 15.65 38.73 -3.75
N LEU C 151 14.54 39.36 -3.36
CA LEU C 151 13.56 39.87 -4.29
C LEU C 151 14.02 41.18 -4.93
N LYS C 152 14.64 42.02 -4.11
CA LYS C 152 15.13 43.31 -4.54
C LYS C 152 16.20 43.14 -5.63
N GLU C 153 17.11 42.19 -5.43
CA GLU C 153 18.18 41.90 -6.39
C GLU C 153 17.67 41.38 -7.72
N LEU C 154 16.50 40.74 -7.70
CA LEU C 154 15.89 40.21 -8.92
C LEU C 154 15.37 41.32 -9.81
N GLY C 155 15.24 42.51 -9.24
CA GLY C 155 14.75 43.65 -9.99
C GLY C 155 13.38 44.13 -9.53
N LEU C 156 12.74 43.35 -8.65
CA LEU C 156 11.43 43.71 -8.14
C LEU C 156 11.53 45.01 -7.35
N ARG C 157 10.54 45.87 -7.53
CA ARG C 157 10.51 47.15 -6.85
C ARG C 157 9.26 47.34 -6.01
N ARG C 158 8.14 46.81 -6.51
CA ARG C 158 6.86 46.94 -5.82
C ARG C 158 6.54 45.85 -4.80
N LEU C 159 7.34 45.79 -3.74
CA LEU C 159 7.15 44.81 -2.67
C LEU C 159 6.51 45.50 -1.47
N LYS C 160 5.81 44.72 -0.65
CA LYS C 160 5.16 45.23 0.55
C LYS C 160 5.57 44.35 1.72
N VAL C 161 6.53 44.80 2.51
CA VAL C 161 7.00 44.05 3.67
C VAL C 161 6.05 44.25 4.83
N LYS C 162 5.72 43.16 5.52
CA LYS C 162 4.82 43.21 6.65
C LYS C 162 5.46 42.50 7.82
N LEU C 163 5.49 43.16 8.97
CA LEU C 163 6.10 42.61 10.17
C LEU C 163 5.07 42.54 11.29
N SER C 164 5.28 41.63 12.23
CA SER C 164 4.38 41.48 13.36
C SER C 164 5.00 40.50 14.34
N SER C 165 4.22 40.07 15.33
CA SER C 165 4.70 39.13 16.32
C SER C 165 3.54 38.31 16.82
N VAL C 166 3.84 37.10 17.28
CA VAL C 166 2.83 36.20 17.78
C VAL C 166 3.10 35.97 19.26
N GLY C 167 4.05 36.73 19.81
CA GLY C 167 4.36 36.61 21.22
C GLY C 167 5.07 35.35 21.70
N ASP C 168 4.96 35.05 23.00
CA ASP C 168 5.59 33.90 23.66
C ASP C 168 4.48 32.92 24.02
N PRO C 169 4.83 31.67 24.40
CA PRO C 169 3.80 30.69 24.77
C PRO C 169 2.77 31.24 25.76
N GLU C 170 3.22 32.06 26.71
CA GLU C 170 2.35 32.67 27.71
C GLU C 170 1.36 33.62 27.04
N ASP C 171 1.88 34.52 26.21
CA ASP C 171 1.05 35.50 25.49
C ASP C 171 0.08 34.78 24.56
N ARG C 172 0.56 33.72 23.92
CA ARG C 172 -0.21 32.91 23.00
C ARG C 172 -1.40 32.31 23.77
N ALA C 173 -1.11 31.80 24.97
CA ALA C 173 -2.12 31.18 25.83
C ALA C 173 -3.20 32.19 26.21
N ARG C 174 -2.79 33.34 26.72
CA ARG C 174 -3.73 34.39 27.12
C ARG C 174 -4.62 34.88 25.99
N TYR C 175 -4.06 35.00 24.79
CA TYR C 175 -4.85 35.45 23.66
C TYR C 175 -5.91 34.39 23.34
N ASN C 176 -5.52 33.12 23.44
CA ASN C 176 -6.45 32.02 23.17
C ASN C 176 -7.60 32.09 24.17
N ALA C 177 -7.27 32.26 25.44
CA ALA C 177 -8.27 32.35 26.50
C ALA C 177 -9.24 33.49 26.17
N TYR C 178 -8.68 34.64 25.80
CA TYR C 178 -9.46 35.82 25.42
C TYR C 178 -10.45 35.47 24.31
N LEU C 179 -9.95 34.81 23.27
CA LEU C 179 -10.76 34.42 22.12
C LEU C 179 -11.92 33.52 22.55
N ARG C 180 -11.66 32.59 23.46
CA ARG C 180 -12.70 31.68 23.94
C ARG C 180 -13.77 32.48 24.67
N GLU C 181 -13.33 33.34 25.60
CA GLU C 181 -14.24 34.16 26.39
C GLU C 181 -15.16 35.05 25.56
N VAL C 182 -14.62 35.62 24.48
CA VAL C 182 -15.38 36.49 23.61
C VAL C 182 -16.26 35.73 22.61
N LEU C 183 -15.72 34.63 22.10
CA LEU C 183 -16.41 33.83 21.10
C LEU C 183 -17.39 32.76 21.59
N SER C 184 -17.04 32.03 22.66
CA SER C 184 -17.92 30.98 23.19
C SER C 184 -19.40 31.33 23.38
N PRO C 185 -19.73 32.49 23.99
CA PRO C 185 -21.16 32.79 24.14
C PRO C 185 -21.85 33.06 22.80
N HIS C 186 -21.05 33.24 21.75
CA HIS C 186 -21.55 33.48 20.39
C HIS C 186 -21.17 32.28 19.51
N ARG C 187 -20.83 31.17 20.18
CA ARG C 187 -20.41 29.92 19.53
C ARG C 187 -21.33 29.50 18.38
N GLU C 188 -22.63 29.68 18.57
CA GLU C 188 -23.62 29.30 17.58
C GLU C 188 -23.58 30.05 16.25
N ALA C 189 -22.79 31.12 16.17
CA ALA C 189 -22.69 31.89 14.93
C ALA C 189 -21.40 31.57 14.15
N LEU C 190 -20.69 30.54 14.60
CA LEU C 190 -19.44 30.14 13.96
C LEU C 190 -19.63 29.04 12.93
N SER C 191 -18.70 28.97 11.97
CA SER C 191 -18.73 27.94 10.94
C SER C 191 -18.33 26.64 11.64
N GLU C 192 -18.92 25.53 11.21
CA GLU C 192 -18.62 24.22 11.81
C GLU C 192 -17.12 24.05 12.04
N ASP C 193 -16.34 24.42 11.03
CA ASP C 193 -14.88 24.35 11.09
C ASP C 193 -14.35 25.13 12.30
N SER C 194 -14.79 26.38 12.40
CA SER C 194 -14.38 27.28 13.48
C SER C 194 -14.77 26.76 14.87
N LYS C 195 -15.94 26.13 14.98
CA LYS C 195 -16.42 25.60 16.25
C LYS C 195 -15.47 24.54 16.83
N GLU C 196 -14.77 23.84 15.94
CA GLU C 196 -13.80 22.83 16.36
C GLU C 196 -12.53 23.54 16.80
N ARG C 197 -12.07 24.48 15.97
CA ARG C 197 -10.87 25.26 16.24
C ARG C 197 -10.97 26.03 17.55
N LEU C 198 -12.20 26.31 17.97
CA LEU C 198 -12.45 27.04 19.21
C LEU C 198 -11.98 26.21 20.42
N GLU C 199 -11.88 24.90 20.23
CA GLU C 199 -11.44 23.99 21.28
C GLU C 199 -9.92 24.02 21.49
N GLU C 200 -9.17 23.79 20.43
CA GLU C 200 -7.72 23.80 20.50
C GLU C 200 -7.13 24.78 19.51
N ASN C 201 -6.43 25.78 20.05
CA ASN C 201 -5.80 26.81 19.24
C ASN C 201 -6.84 27.67 18.51
N PRO C 202 -7.68 28.39 19.28
CA PRO C 202 -8.74 29.26 18.74
C PRO C 202 -8.27 30.29 17.71
N MET C 203 -7.01 30.70 17.79
CA MET C 203 -6.45 31.69 16.85
C MET C 203 -6.76 31.44 15.38
N ARG C 204 -6.83 30.16 15.02
CA ARG C 204 -7.12 29.76 13.65
C ARG C 204 -8.43 30.36 13.13
N ILE C 205 -9.40 30.50 14.03
CA ILE C 205 -10.69 31.06 13.69
C ILE C 205 -10.54 32.46 13.07
N LEU C 206 -9.41 33.11 13.38
CA LEU C 206 -9.13 34.44 12.83
C LEU C 206 -8.82 34.28 11.34
N ASP C 207 -7.90 33.37 11.03
CA ASP C 207 -7.49 33.11 9.65
C ASP C 207 -8.38 32.13 8.87
N SER C 208 -9.64 32.02 9.26
CA SER C 208 -10.54 31.11 8.55
C SER C 208 -11.31 31.82 7.43
N LYS C 209 -11.96 31.03 6.59
CA LYS C 209 -12.73 31.56 5.47
C LYS C 209 -14.20 31.77 5.86
N SER C 210 -15.06 31.86 4.85
CA SER C 210 -16.50 32.06 5.03
C SER C 210 -16.83 33.43 5.62
N GLU C 211 -18.00 33.93 5.26
CA GLU C 211 -18.44 35.24 5.73
C GLU C 211 -18.95 35.13 7.17
N ARG C 212 -19.46 33.94 7.50
CA ARG C 212 -20.01 33.63 8.81
C ARG C 212 -19.08 34.07 9.95
N ASP C 213 -17.81 33.74 9.79
CA ASP C 213 -16.79 34.06 10.79
C ASP C 213 -16.34 35.52 10.74
N GLN C 214 -15.94 35.98 9.57
CA GLN C 214 -15.45 37.34 9.38
C GLN C 214 -16.37 38.44 9.89
N ALA C 215 -17.64 38.39 9.51
CA ALA C 215 -18.60 39.40 9.95
C ALA C 215 -18.74 39.42 11.47
N LEU C 216 -18.79 38.23 12.07
CA LEU C 216 -18.92 38.12 13.52
C LEU C 216 -17.72 38.75 14.22
N LEU C 217 -16.53 38.35 13.80
CA LEU C 217 -15.29 38.87 14.37
C LEU C 217 -15.30 40.40 14.32
N LYS C 218 -15.77 40.95 13.20
CA LYS C 218 -15.85 42.39 13.02
C LYS C 218 -16.77 43.05 14.04
N GLU C 219 -18.02 42.59 14.11
CA GLU C 219 -18.99 43.16 15.05
C GLU C 219 -18.61 42.98 16.52
N LEU C 220 -17.95 41.87 16.84
CA LEU C 220 -17.53 41.58 18.20
C LEU C 220 -16.34 42.44 18.64
N GLY C 221 -15.66 43.04 17.67
CA GLY C 221 -14.51 43.89 17.97
C GLY C 221 -13.37 43.08 18.57
N VAL C 222 -13.07 41.94 17.95
CA VAL C 222 -11.99 41.07 18.42
C VAL C 222 -10.67 41.79 18.21
N ARG C 223 -9.92 41.96 19.29
CA ARG C 223 -8.66 42.64 19.19
C ARG C 223 -7.51 41.75 18.76
N PRO C 224 -6.58 42.32 17.99
CA PRO C 224 -5.37 41.72 17.41
C PRO C 224 -4.44 41.06 18.39
N MET C 225 -3.78 40.00 17.94
CA MET C 225 -2.81 39.27 18.76
C MET C 225 -1.70 40.23 19.22
N LEU C 226 -1.44 41.26 18.42
CA LEU C 226 -0.42 42.26 18.75
C LEU C 226 -0.67 42.89 20.11
N ASP C 227 -1.95 43.15 20.40
CA ASP C 227 -2.37 43.77 21.66
C ASP C 227 -2.14 42.90 22.88
N PHE C 228 -1.69 41.66 22.69
CA PHE C 228 -1.46 40.75 23.80
C PHE C 228 0.00 40.32 23.96
N LEU C 229 0.90 41.01 23.26
CA LEU C 229 2.31 40.67 23.36
C LEU C 229 2.83 41.02 24.73
N GLY C 230 3.71 40.19 25.27
CA GLY C 230 4.27 40.48 26.57
C GLY C 230 5.36 41.49 26.40
N GLU C 231 5.95 41.78 27.56
CA GLU C 231 7.06 42.70 27.73
C GLU C 231 8.26 42.14 26.99
N GLU C 232 8.64 40.91 27.31
CA GLU C 232 9.79 40.33 26.64
C GLU C 232 9.56 40.20 25.13
N ALA C 233 8.37 39.76 24.73
CA ALA C 233 8.06 39.63 23.32
C ALA C 233 8.07 41.00 22.65
N ARG C 234 7.46 41.98 23.32
CA ARG C 234 7.37 43.36 22.84
C ARG C 234 8.75 43.97 22.73
N ALA C 235 9.61 43.65 23.67
CA ALA C 235 10.97 44.17 23.70
C ALA C 235 11.71 43.66 22.48
N HIS C 236 11.64 42.35 22.27
CA HIS C 236 12.30 41.68 21.15
C HIS C 236 11.83 42.26 19.83
N LEU C 237 10.52 42.43 19.65
CA LEU C 237 9.98 42.98 18.41
C LEU C 237 10.48 44.40 18.16
N LYS C 238 10.60 45.18 19.23
CA LYS C 238 11.05 46.56 19.09
C LYS C 238 12.49 46.58 18.58
N GLU C 239 13.29 45.63 19.06
CA GLU C 239 14.68 45.50 18.64
C GLU C 239 14.75 45.25 17.15
N VAL C 240 13.87 44.37 16.67
CA VAL C 240 13.81 44.03 15.26
C VAL C 240 13.45 45.28 14.46
N GLU C 241 12.46 46.04 14.91
CA GLU C 241 12.05 47.26 14.22
C GLU C 241 13.20 48.27 14.19
N ARG C 242 13.94 48.34 15.28
CA ARG C 242 15.06 49.24 15.40
C ARG C 242 16.06 48.95 14.29
N HIS C 243 16.39 47.67 14.12
CA HIS C 243 17.33 47.23 13.10
C HIS C 243 16.84 47.48 11.67
N LEU C 244 15.58 47.15 11.40
CA LEU C 244 15.01 47.35 10.07
C LEU C 244 14.99 48.82 9.68
N GLU C 245 14.57 49.66 10.61
CA GLU C 245 14.53 51.11 10.38
C GLU C 245 15.95 51.59 10.04
N ARG C 246 16.93 51.14 10.82
CA ARG C 246 18.32 51.52 10.59
C ARG C 246 18.81 51.06 9.22
N LEU C 247 18.37 49.87 8.80
CA LEU C 247 18.76 49.35 7.51
C LEU C 247 17.88 49.92 6.40
N SER C 248 16.95 50.80 6.79
CA SER C 248 16.03 51.44 5.85
C SER C 248 15.11 50.50 5.07
N VAL C 249 14.69 49.41 5.70
CA VAL C 249 13.80 48.45 5.06
C VAL C 249 12.37 48.92 5.29
N PRO C 250 11.69 49.42 4.25
CA PRO C 250 10.31 49.89 4.42
C PRO C 250 9.35 48.77 4.76
N TYR C 251 8.72 48.87 5.92
CA TYR C 251 7.78 47.85 6.35
C TYR C 251 6.54 48.47 6.98
N GLU C 252 5.55 47.62 7.22
CA GLU C 252 4.30 48.03 7.83
C GLU C 252 4.08 47.04 8.95
N LEU C 253 3.76 47.53 10.13
CA LEU C 253 3.53 46.63 11.24
C LEU C 253 2.08 46.18 11.14
N GLU C 254 1.87 44.87 11.02
CA GLU C 254 0.53 44.31 10.92
C GLU C 254 -0.04 43.96 12.28
N PRO C 255 -1.33 44.26 12.49
CA PRO C 255 -2.05 44.00 13.74
C PRO C 255 -1.98 42.52 14.13
N ALA C 256 -2.32 41.68 13.16
CA ALA C 256 -2.32 40.25 13.32
C ALA C 256 -2.01 39.65 11.97
N LEU C 257 -0.81 39.10 11.87
CA LEU C 257 -0.33 38.46 10.66
C LEU C 257 -0.22 37.01 11.10
N VAL C 258 -1.36 36.34 11.13
CA VAL C 258 -1.39 34.94 11.56
C VAL C 258 -0.77 34.05 10.47
N ARG C 259 0.27 33.33 10.89
CA ARG C 259 1.01 32.44 9.99
C ARG C 259 0.30 31.08 9.86
N GLY C 260 0.53 30.40 8.74
CA GLY C 260 -0.11 29.11 8.51
C GLY C 260 0.51 27.90 9.21
N LEU C 261 1.61 28.10 9.92
CA LEU C 261 2.28 27.01 10.60
C LEU C 261 2.28 27.33 12.10
N ASP C 262 1.99 26.32 12.92
CA ASP C 262 1.92 26.54 14.36
C ASP C 262 3.17 26.55 15.21
N TYR C 263 4.32 26.27 14.62
CA TYR C 263 5.58 26.25 15.37
C TYR C 263 6.19 27.64 15.66
N TYR C 264 5.60 28.67 15.06
CA TYR C 264 6.09 30.03 15.23
C TYR C 264 5.95 30.60 16.63
N VAL C 265 6.84 31.53 16.95
CA VAL C 265 6.85 32.22 18.24
C VAL C 265 7.57 33.55 17.98
N ARG C 266 6.99 34.64 18.47
CA ARG C 266 7.56 35.99 18.31
C ARG C 266 7.48 36.53 16.87
N THR C 267 8.61 36.94 16.30
CA THR C 267 8.63 37.52 14.96
C THR C 267 7.93 36.72 13.86
N ALA C 268 7.19 37.44 13.03
CA ALA C 268 6.47 36.85 11.91
C ALA C 268 6.47 37.93 10.83
N PHE C 269 6.82 37.57 9.61
CA PHE C 269 6.87 38.55 8.53
C PHE C 269 6.49 37.93 7.19
N GLU C 270 6.11 38.79 6.25
CA GLU C 270 5.72 38.37 4.91
C GLU C 270 5.95 39.51 3.94
N VAL C 271 6.34 39.18 2.70
CA VAL C 271 6.54 40.18 1.68
C VAL C 271 5.52 39.86 0.58
N HIS C 272 4.73 40.87 0.21
CA HIS C 272 3.72 40.67 -0.81
C HIS C 272 3.97 41.52 -2.05
N HIS C 273 3.32 41.15 -3.13
CA HIS C 273 3.41 41.88 -4.38
C HIS C 273 1.96 42.01 -4.82
N GLU C 274 1.56 43.23 -5.12
CA GLU C 274 0.19 43.53 -5.51
C GLU C 274 -0.30 42.97 -6.85
N GLU C 275 0.54 43.01 -7.87
CA GLU C 275 0.13 42.49 -9.18
C GLU C 275 0.39 40.98 -9.34
N ILE C 276 -0.43 40.17 -8.68
CA ILE C 276 -0.31 38.70 -8.79
C ILE C 276 -1.73 38.13 -8.68
N GLY C 277 -2.54 38.76 -7.83
CA GLY C 277 -3.90 38.32 -7.66
C GLY C 277 -4.18 37.92 -6.24
N ALA C 278 -5.16 37.03 -6.07
CA ALA C 278 -5.56 36.54 -4.76
C ALA C 278 -4.39 36.05 -3.91
N GLN C 279 -3.38 35.46 -4.55
CA GLN C 279 -2.22 34.96 -3.84
C GLN C 279 -1.08 35.93 -4.06
N SER C 280 -1.00 36.93 -3.18
CA SER C 280 0.02 37.97 -3.29
C SER C 280 1.32 37.79 -2.49
N ALA C 281 1.33 36.89 -1.51
CA ALA C 281 2.52 36.66 -0.69
C ALA C 281 3.62 35.96 -1.45
N LEU C 282 4.72 36.64 -1.69
CA LEU C 282 5.85 36.07 -2.41
C LEU C 282 6.56 35.11 -1.48
N GLY C 283 6.59 35.47 -0.20
CA GLY C 283 7.24 34.64 0.77
C GLY C 283 7.08 35.21 2.17
N GLY C 284 7.54 34.45 3.16
CA GLY C 284 7.44 34.89 4.53
C GLY C 284 8.24 34.00 5.45
N GLY C 285 8.12 34.24 6.76
CA GLY C 285 8.84 33.46 7.74
C GLY C 285 8.66 34.02 9.14
N GLY C 286 9.51 33.59 10.05
CA GLY C 286 9.41 34.06 11.41
C GLY C 286 10.28 33.23 12.33
N ARG C 287 10.19 33.51 13.62
CA ARG C 287 10.97 32.80 14.63
C ARG C 287 10.18 31.56 15.04
N TYR C 288 10.89 30.54 15.52
CA TYR C 288 10.24 29.28 15.89
C TYR C 288 11.03 28.49 16.93
N ASP C 289 11.32 29.12 18.06
CA ASP C 289 12.03 28.44 19.13
C ASP C 289 11.07 27.37 19.69
N GLY C 290 11.61 26.23 20.11
CA GLY C 290 10.76 25.19 20.64
C GLY C 290 10.46 24.07 19.64
N LEU C 291 10.60 24.36 18.35
CA LEU C 291 10.37 23.38 17.30
C LEU C 291 11.31 22.19 17.48
N SER C 292 12.58 22.46 17.74
CA SER C 292 13.56 21.40 17.95
C SER C 292 13.10 20.48 19.06
N GLU C 293 12.56 21.07 20.12
CA GLU C 293 12.08 20.31 21.26
C GLU C 293 10.91 19.43 20.88
N LEU C 294 10.05 19.92 19.99
CA LEU C 294 8.91 19.15 19.53
C LEU C 294 9.41 17.90 18.80
N LEU C 295 10.60 17.99 18.20
CA LEU C 295 11.19 16.87 17.47
C LEU C 295 12.09 16.05 18.40
N GLY C 296 11.97 16.32 19.69
CA GLY C 296 12.74 15.60 20.69
C GLY C 296 14.17 16.06 20.90
N GLY C 297 14.47 17.30 20.58
CA GLY C 297 15.82 17.79 20.76
C GLY C 297 15.91 18.84 21.85
N PRO C 298 17.11 19.40 22.10
CA PRO C 298 17.31 20.43 23.13
C PRO C 298 16.66 21.71 22.61
N ARG C 299 16.74 22.78 23.39
CA ARG C 299 16.16 24.05 22.94
C ARG C 299 17.13 24.64 21.92
N VAL C 300 16.63 24.94 20.74
CA VAL C 300 17.43 25.53 19.69
C VAL C 300 16.58 26.63 19.05
N PRO C 301 16.93 27.90 19.32
CA PRO C 301 16.18 29.03 18.76
C PRO C 301 16.42 29.12 17.26
N GLY C 302 15.50 29.74 16.54
CA GLY C 302 15.68 29.87 15.11
C GLY C 302 14.72 30.80 14.41
N VAL C 303 15.18 31.40 13.32
CA VAL C 303 14.38 32.29 12.49
C VAL C 303 14.72 31.94 11.05
N GLY C 304 13.84 32.29 10.14
CA GLY C 304 14.10 32.01 8.75
C GLY C 304 12.93 32.44 7.92
N PHE C 305 13.01 32.13 6.63
CA PHE C 305 11.94 32.47 5.71
C PHE C 305 12.01 31.50 4.55
N ALA C 306 11.06 31.64 3.65
CA ALA C 306 10.99 30.81 2.46
C ALA C 306 10.13 31.59 1.48
N PHE C 307 10.38 31.45 0.20
CA PHE C 307 9.56 32.13 -0.77
C PHE C 307 9.28 31.21 -1.96
N GLY C 308 8.08 31.35 -2.52
CA GLY C 308 7.69 30.53 -3.66
C GLY C 308 8.32 31.03 -4.95
N VAL C 309 9.12 30.17 -5.57
CA VAL C 309 9.77 30.53 -6.82
C VAL C 309 8.74 30.88 -7.89
N GLU C 310 7.66 30.11 -7.96
CA GLU C 310 6.61 30.37 -8.95
C GLU C 310 5.99 31.75 -8.70
N ARG C 311 5.70 32.05 -7.44
CA ARG C 311 5.10 33.34 -7.05
C ARG C 311 6.05 34.46 -7.49
N VAL C 312 7.33 34.31 -7.16
CA VAL C 312 8.35 35.29 -7.53
C VAL C 312 8.41 35.47 -9.05
N ALA C 313 8.26 34.37 -9.78
CA ALA C 313 8.30 34.41 -11.23
C ALA C 313 7.14 35.26 -11.77
N LEU C 314 5.97 35.09 -11.17
CA LEU C 314 4.77 35.86 -11.56
C LEU C 314 5.00 37.33 -11.31
N ALA C 315 5.56 37.63 -10.15
CA ALA C 315 5.85 39.00 -9.76
C ALA C 315 6.81 39.61 -10.77
N LEU C 316 7.83 38.86 -11.17
CA LEU C 316 8.80 39.34 -12.15
C LEU C 316 8.13 39.62 -13.48
N GLU C 317 7.27 38.71 -13.91
CA GLU C 317 6.55 38.87 -15.16
C GLU C 317 5.70 40.12 -15.10
N ALA C 318 4.98 40.27 -13.98
CA ALA C 318 4.12 41.43 -13.77
C ALA C 318 4.90 42.73 -13.86
N GLU C 319 6.13 42.75 -13.37
CA GLU C 319 6.94 43.95 -13.44
C GLU C 319 7.66 44.07 -14.79
N GLY C 320 7.23 43.27 -15.76
CA GLY C 320 7.80 43.30 -17.09
C GLY C 320 9.17 42.70 -17.33
N PHE C 321 9.66 41.91 -16.39
CA PHE C 321 10.97 41.28 -16.54
C PHE C 321 10.87 40.06 -17.43
N GLY C 322 11.57 40.11 -18.56
CA GLY C 322 11.52 39.00 -19.48
C GLY C 322 12.83 38.26 -19.53
N LEU C 323 12.87 37.27 -20.41
CA LEU C 323 14.05 36.46 -20.61
C LEU C 323 14.38 36.58 -22.07
N PRO C 324 15.68 36.65 -22.41
CA PRO C 324 16.08 36.77 -23.80
C PRO C 324 16.15 35.53 -24.59
N GLU C 325 16.95 35.75 -25.62
CA GLU C 325 17.07 34.70 -26.53
C GLU C 325 18.03 33.60 -26.22
N GLU C 326 17.45 32.42 -26.22
CA GLU C 326 18.16 31.19 -25.98
C GLU C 326 19.25 31.12 -27.04
N LYS C 327 20.48 30.87 -26.61
CA LYS C 327 21.59 30.79 -27.54
C LYS C 327 21.42 29.59 -28.46
N GLY C 328 21.83 29.75 -29.71
CA GLY C 328 21.74 28.66 -30.65
C GLY C 328 23.10 27.99 -30.74
N PRO C 329 23.23 26.95 -31.57
CA PRO C 329 24.53 26.26 -31.70
C PRO C 329 25.57 27.13 -32.41
N ASP C 330 26.84 26.94 -32.06
CA ASP C 330 27.91 27.69 -32.70
C ASP C 330 27.98 27.28 -34.15
N LEU C 331 27.74 25.99 -34.40
CA LEU C 331 27.78 25.44 -35.74
C LEU C 331 26.66 24.43 -35.96
N TYR C 332 26.05 24.50 -37.14
CA TYR C 332 25.01 23.57 -37.54
C TYR C 332 25.44 22.94 -38.87
N LEU C 333 25.85 21.67 -38.81
CA LEU C 333 26.30 20.95 -39.99
C LEU C 333 25.12 20.39 -40.77
N ILE C 334 25.12 20.69 -42.07
CA ILE C 334 24.09 20.24 -42.97
C ILE C 334 24.72 19.32 -44.02
N PRO C 335 24.33 18.04 -44.01
CA PRO C 335 24.83 17.02 -44.94
C PRO C 335 24.16 17.19 -46.29
N LEU C 336 24.94 17.10 -47.36
CA LEU C 336 24.37 17.25 -48.70
C LEU C 336 24.13 15.89 -49.37
N THR C 337 24.75 14.84 -48.83
CA THR C 337 24.61 13.48 -49.35
C THR C 337 24.34 12.59 -48.13
N GLU C 338 23.83 11.39 -48.35
CA GLU C 338 23.55 10.49 -47.24
C GLU C 338 24.82 10.09 -46.48
N GLU C 339 25.90 9.85 -47.21
CA GLU C 339 27.15 9.47 -46.59
C GLU C 339 27.64 10.57 -45.66
N ALA C 340 27.28 11.81 -45.97
CA ALA C 340 27.69 12.95 -45.18
C ALA C 340 27.03 13.07 -43.82
N VAL C 341 25.81 12.56 -43.66
CA VAL C 341 25.12 12.66 -42.36
C VAL C 341 25.96 12.10 -41.22
N ALA C 342 26.53 10.92 -41.41
CA ALA C 342 27.37 10.30 -40.39
C ALA C 342 28.64 11.10 -40.21
N GLU C 343 29.20 11.60 -41.31
CA GLU C 343 30.41 12.39 -41.23
C GLU C 343 30.18 13.67 -40.46
N ALA C 344 28.98 14.25 -40.61
CA ALA C 344 28.62 15.46 -39.89
C ALA C 344 28.62 15.12 -38.41
N PHE C 345 28.03 13.99 -38.06
CA PHE C 345 27.97 13.55 -36.68
C PHE C 345 29.38 13.41 -36.11
N TYR C 346 30.28 12.77 -36.88
CA TYR C 346 31.65 12.58 -36.44
C TYR C 346 32.36 13.91 -36.24
N LEU C 347 32.17 14.82 -37.18
CA LEU C 347 32.79 16.13 -37.08
C LEU C 347 32.27 16.87 -35.86
N ALA C 348 30.95 16.84 -35.67
CA ALA C 348 30.32 17.49 -34.53
C ALA C 348 30.96 16.98 -33.24
N GLU C 349 31.13 15.66 -33.14
CA GLU C 349 31.73 15.05 -31.97
C GLU C 349 33.16 15.51 -31.71
N ALA C 350 33.90 15.82 -32.78
CA ALA C 350 35.28 16.29 -32.65
C ALA C 350 35.34 17.71 -32.11
N LEU C 351 34.28 18.48 -32.36
CA LEU C 351 34.18 19.86 -31.91
C LEU C 351 33.64 20.03 -30.50
N ARG C 352 32.80 19.10 -30.05
CA ARG C 352 32.23 19.16 -28.70
C ARG C 352 33.20 18.63 -27.64
N PRO C 353 33.03 19.07 -26.37
CA PRO C 353 32.01 20.01 -25.91
C PRO C 353 32.48 21.46 -25.89
N ARG C 354 33.74 21.71 -26.28
CA ARG C 354 34.28 23.06 -26.29
C ARG C 354 33.46 23.98 -27.19
N LEU C 355 32.87 23.38 -28.22
CA LEU C 355 32.04 24.09 -29.18
C LEU C 355 30.70 23.38 -29.22
N ARG C 356 29.63 24.13 -29.39
CA ARG C 356 28.31 23.53 -29.47
C ARG C 356 28.03 23.30 -30.94
N ALA C 357 28.10 22.04 -31.34
CA ALA C 357 27.90 21.63 -32.73
C ALA C 357 26.70 20.69 -32.89
N GLU C 358 25.83 21.04 -33.82
CA GLU C 358 24.65 20.22 -34.12
C GLU C 358 24.66 19.92 -35.61
N TYR C 359 23.81 19.00 -36.05
CA TYR C 359 23.78 18.59 -37.46
C TYR C 359 22.43 18.01 -37.84
N ALA C 360 22.14 17.97 -39.14
CA ALA C 360 20.89 17.41 -39.64
C ALA C 360 21.08 15.90 -39.79
N LEU C 361 20.03 15.13 -39.54
CA LEU C 361 20.11 13.66 -39.64
C LEU C 361 19.74 13.10 -41.01
N ALA C 362 19.59 13.95 -41.99
CA ALA C 362 19.23 13.55 -43.33
C ALA C 362 19.77 14.59 -44.29
N PRO C 363 20.11 14.19 -45.53
CA PRO C 363 20.64 15.11 -46.54
C PRO C 363 19.56 16.13 -46.93
N ARG C 364 19.99 17.31 -47.37
CA ARG C 364 19.05 18.34 -47.80
C ARG C 364 19.74 19.35 -48.68
N LYS C 365 18.94 20.10 -49.42
CA LYS C 365 19.45 21.13 -50.31
C LYS C 365 20.06 22.25 -49.46
N PRO C 366 21.18 22.85 -49.93
CA PRO C 366 21.88 23.94 -49.23
C PRO C 366 20.95 24.99 -48.64
N ALA C 367 20.07 25.54 -49.48
CA ALA C 367 19.13 26.57 -49.05
C ALA C 367 18.26 26.13 -47.87
N LYS C 368 17.76 24.90 -47.93
CA LYS C 368 16.91 24.35 -46.89
C LYS C 368 17.67 24.20 -45.58
N GLY C 369 18.86 23.62 -45.66
CA GLY C 369 19.67 23.43 -44.46
C GLY C 369 20.09 24.76 -43.87
N LEU C 370 20.28 25.76 -44.73
CA LEU C 370 20.66 27.09 -44.29
C LEU C 370 19.50 27.71 -43.50
N GLU C 371 18.28 27.53 -43.97
CA GLU C 371 17.11 28.07 -43.26
C GLU C 371 16.99 27.38 -41.89
N GLU C 372 17.28 26.08 -41.85
CA GLU C 372 17.21 25.33 -40.60
C GLU C 372 18.26 25.82 -39.61
N ALA C 373 19.42 26.19 -40.13
CA ALA C 373 20.50 26.70 -39.29
C ALA C 373 20.03 28.03 -38.70
N LEU C 374 19.40 28.86 -39.54
CA LEU C 374 18.88 30.15 -39.13
C LEU C 374 17.80 30.00 -38.06
N LYS C 375 16.84 29.11 -38.29
CA LYS C 375 15.78 28.90 -37.31
C LYS C 375 16.44 28.52 -35.98
N ARG C 376 17.43 27.62 -36.02
CA ARG C 376 18.11 27.17 -34.81
C ARG C 376 19.00 28.23 -34.16
N GLY C 377 19.09 29.40 -34.78
CA GLY C 377 19.92 30.47 -34.25
C GLY C 377 21.41 30.18 -34.27
N ALA C 378 21.84 29.33 -35.21
CA ALA C 378 23.23 28.97 -35.32
C ALA C 378 24.09 30.13 -35.78
N ALA C 379 25.32 30.20 -35.27
CA ALA C 379 26.25 31.26 -35.65
C ALA C 379 26.81 30.95 -37.02
N PHE C 380 27.23 29.70 -37.20
CA PHE C 380 27.78 29.25 -38.45
C PHE C 380 27.02 28.05 -38.99
N ALA C 381 26.96 27.97 -40.32
CA ALA C 381 26.33 26.86 -41.01
C ALA C 381 27.53 26.12 -41.58
N GLY C 382 27.47 24.79 -41.62
CA GLY C 382 28.58 24.03 -42.15
C GLY C 382 28.07 23.06 -43.19
N PHE C 383 28.64 23.09 -44.38
CA PHE C 383 28.20 22.21 -45.45
C PHE C 383 29.12 21.03 -45.65
N LEU C 384 28.51 19.85 -45.81
CA LEU C 384 29.28 18.63 -46.05
C LEU C 384 28.71 17.90 -47.25
N GLY C 385 29.27 18.21 -48.42
CA GLY C 385 28.85 17.56 -49.65
C GLY C 385 29.97 16.67 -50.14
N GLU C 386 29.81 16.17 -51.37
CA GLU C 386 30.78 15.29 -52.00
C GLU C 386 32.20 15.86 -52.05
N ASP C 387 32.31 17.12 -52.44
CA ASP C 387 33.61 17.80 -52.55
C ASP C 387 34.39 17.86 -51.25
N GLU C 388 33.79 18.44 -50.21
CA GLU C 388 34.48 18.55 -48.92
C GLU C 388 34.75 17.21 -48.27
N LEU C 389 33.90 16.22 -48.54
CA LEU C 389 34.11 14.88 -47.99
C LEU C 389 35.40 14.26 -48.56
N ARG C 390 35.59 14.38 -49.87
CA ARG C 390 36.79 13.85 -50.54
C ARG C 390 38.04 14.70 -50.28
N ALA C 391 37.83 15.99 -50.01
CA ALA C 391 38.96 16.89 -49.75
C ALA C 391 39.31 16.98 -48.25
N GLY C 392 38.46 16.44 -47.39
CA GLY C 392 38.70 16.48 -45.96
C GLY C 392 38.53 17.89 -45.42
N GLU C 393 37.61 18.62 -46.05
CA GLU C 393 37.33 20.00 -45.69
C GLU C 393 35.87 20.20 -45.31
N VAL C 394 35.53 21.43 -44.94
CA VAL C 394 34.17 21.77 -44.55
C VAL C 394 33.93 23.18 -45.06
N THR C 395 32.73 23.46 -45.54
CA THR C 395 32.41 24.80 -46.02
C THR C 395 31.60 25.53 -44.94
N LEU C 396 32.24 26.46 -44.25
CA LEU C 396 31.59 27.23 -43.19
C LEU C 396 31.01 28.53 -43.72
N LYS C 397 29.95 29.00 -43.09
CA LYS C 397 29.30 30.23 -43.51
C LYS C 397 28.72 30.94 -42.30
N ARG C 398 29.27 32.10 -41.96
CA ARG C 398 28.73 32.84 -40.83
C ARG C 398 27.39 33.37 -41.34
N LEU C 399 26.32 32.97 -40.68
CA LEU C 399 24.98 33.37 -41.08
C LEU C 399 24.74 34.87 -41.01
N ALA C 400 25.54 35.56 -40.18
CA ALA C 400 25.44 37.01 -40.01
C ALA C 400 26.07 37.80 -41.17
N THR C 401 27.36 37.62 -41.38
CA THR C 401 28.07 38.33 -42.44
C THR C 401 27.94 37.69 -43.82
N GLY C 402 27.56 36.41 -43.85
CA GLY C 402 27.42 35.69 -45.12
C GLY C 402 28.78 35.23 -45.63
N GLU C 403 29.81 35.59 -44.89
CA GLU C 403 31.18 35.23 -45.23
C GLU C 403 31.32 33.72 -45.22
N GLN C 404 31.76 33.19 -46.34
CA GLN C 404 31.94 31.76 -46.49
C GLN C 404 33.41 31.41 -46.56
N VAL C 405 33.78 30.32 -45.89
CA VAL C 405 35.16 29.88 -45.85
C VAL C 405 35.21 28.36 -46.04
N ARG C 406 36.17 27.90 -46.83
CA ARG C 406 36.37 26.48 -47.07
C ARG C 406 37.72 26.15 -46.42
N LEU C 407 37.71 25.31 -45.40
CA LEU C 407 38.95 24.97 -44.71
C LEU C 407 38.99 23.50 -44.30
N SER C 408 40.17 23.02 -43.92
CA SER C 408 40.31 21.62 -43.52
C SER C 408 39.69 21.38 -42.15
N ARG C 409 39.23 20.16 -41.94
CA ARG C 409 38.61 19.76 -40.69
C ARG C 409 39.35 20.16 -39.41
N GLU C 410 40.67 19.97 -39.40
CA GLU C 410 41.48 20.29 -38.21
C GLU C 410 41.50 21.79 -37.88
N GLU C 411 41.32 22.65 -38.87
CA GLU C 411 41.33 24.10 -38.64
C GLU C 411 40.00 24.61 -38.08
N VAL C 412 38.91 23.95 -38.48
CA VAL C 412 37.57 24.33 -38.06
C VAL C 412 37.42 24.72 -36.59
N PRO C 413 37.94 23.91 -35.65
CA PRO C 413 37.81 24.27 -34.23
C PRO C 413 38.41 25.64 -33.91
N GLY C 414 39.64 25.86 -34.40
CA GLY C 414 40.32 27.12 -34.17
C GLY C 414 39.62 28.31 -34.80
N TYR C 415 39.27 28.19 -36.08
CA TYR C 415 38.59 29.26 -36.79
C TYR C 415 37.30 29.67 -36.08
N LEU C 416 36.50 28.70 -35.70
CA LEU C 416 35.24 28.97 -35.02
C LEU C 416 35.45 29.62 -33.66
N LEU C 417 36.42 29.11 -32.90
CA LEU C 417 36.72 29.65 -31.58
C LEU C 417 37.21 31.09 -31.60
N GLN C 418 38.09 31.41 -32.53
CA GLN C 418 38.62 32.76 -32.65
C GLN C 418 37.55 33.71 -33.22
N ALA C 419 36.62 33.16 -34.00
CA ALA C 419 35.56 33.95 -34.62
C ALA C 419 34.38 34.19 -33.69
N LEU C 420 34.33 33.46 -32.58
CA LEU C 420 33.23 33.60 -31.64
C LEU C 420 33.64 33.84 -30.18
N GLY C 421 34.92 33.61 -29.88
CA GLY C 421 35.41 33.80 -28.52
C GLY C 421 36.01 35.18 -28.27
N THR D 2 14.51 12.86 18.16
CA THR D 2 14.19 11.43 17.90
C THR D 2 14.44 11.06 16.43
N ALA D 3 13.68 11.69 15.54
CA ALA D 3 13.77 11.44 14.10
C ALA D 3 15.14 11.63 13.46
N ARG D 4 15.40 10.81 12.45
CA ARG D 4 16.63 10.80 11.67
C ARG D 4 16.16 10.84 10.23
N ALA D 5 17.12 10.91 9.31
CA ALA D 5 16.80 10.89 7.88
C ALA D 5 16.56 9.42 7.60
N VAL D 6 15.42 9.09 6.99
CA VAL D 6 15.07 7.71 6.69
C VAL D 6 16.19 6.95 5.99
N ARG D 7 16.40 5.70 6.40
CA ARG D 7 17.45 4.87 5.82
C ARG D 7 17.34 4.88 4.30
N GLY D 8 18.48 5.08 3.64
CA GLY D 8 18.50 5.12 2.18
C GLY D 8 18.46 6.51 1.61
N THR D 9 18.27 7.51 2.48
CA THR D 9 18.24 8.91 2.07
C THR D 9 19.21 9.63 2.99
N LYS D 10 19.66 10.82 2.60
CA LYS D 10 20.58 11.58 3.44
C LYS D 10 20.60 13.04 3.04
N ASP D 11 21.07 13.87 3.96
CA ASP D 11 21.17 15.31 3.73
C ASP D 11 22.44 15.57 2.95
N LEU D 12 22.32 16.36 1.89
CA LEU D 12 23.46 16.69 1.07
C LEU D 12 23.97 18.07 1.42
N PHE D 13 25.22 18.15 1.84
CA PHE D 13 25.84 19.42 2.17
C PHE D 13 27.35 19.21 2.16
N GLY D 14 28.09 20.31 2.25
CA GLY D 14 29.54 20.20 2.27
C GLY D 14 30.12 19.66 0.98
N LYS D 15 31.31 19.07 1.08
CA LYS D 15 32.00 18.53 -0.08
C LYS D 15 31.15 17.57 -0.91
N GLU D 16 30.40 16.72 -0.23
CA GLU D 16 29.54 15.76 -0.91
C GLU D 16 28.57 16.45 -1.86
N LEU D 17 27.91 17.50 -1.39
CA LEU D 17 26.96 18.24 -2.20
C LEU D 17 27.69 18.89 -3.38
N ARG D 18 28.84 19.49 -3.10
CA ARG D 18 29.64 20.15 -4.13
C ARG D 18 30.08 19.20 -5.25
N MET D 19 30.40 17.96 -4.92
CA MET D 19 30.82 17.01 -5.94
C MET D 19 29.63 16.74 -6.86
N HIS D 20 28.44 16.59 -6.28
CA HIS D 20 27.22 16.35 -7.07
C HIS D 20 26.99 17.48 -8.05
N GLN D 21 27.23 18.69 -7.59
CA GLN D 21 27.05 19.87 -8.41
C GLN D 21 28.05 19.92 -9.56
N ARG D 22 29.29 19.53 -9.29
CA ARG D 22 30.32 19.51 -10.33
C ARG D 22 29.92 18.49 -11.38
N ILE D 23 29.49 17.32 -10.92
CA ILE D 23 29.07 16.24 -11.81
C ILE D 23 27.92 16.69 -12.72
N VAL D 24 26.87 17.26 -12.14
CA VAL D 24 25.74 17.73 -12.95
C VAL D 24 26.14 18.88 -13.87
N ALA D 25 27.04 19.74 -13.40
CA ALA D 25 27.53 20.89 -14.18
C ALA D 25 28.22 20.41 -15.47
N THR D 26 29.08 19.40 -15.33
CA THR D 26 29.81 18.82 -16.45
C THR D 26 28.82 18.15 -17.42
N ALA D 27 27.93 17.34 -16.87
CA ALA D 27 26.92 16.65 -17.68
C ALA D 27 26.13 17.68 -18.48
N ARG D 28 25.79 18.80 -17.83
CA ARG D 28 25.04 19.87 -18.48
C ARG D 28 25.80 20.39 -19.69
N LYS D 29 27.11 20.60 -19.52
CA LYS D 29 27.93 21.13 -20.61
C LYS D 29 28.00 20.20 -21.82
N VAL D 30 28.36 18.93 -21.59
CA VAL D 30 28.48 17.99 -22.69
C VAL D 30 27.15 17.71 -23.37
N LEU D 31 26.11 17.53 -22.57
CA LEU D 31 24.78 17.25 -23.09
C LEU D 31 24.19 18.40 -23.89
N GLU D 32 24.32 19.61 -23.36
CA GLU D 32 23.78 20.77 -24.04
C GLU D 32 24.56 21.15 -25.30
N ALA D 33 25.82 20.74 -25.37
CA ALA D 33 26.65 21.01 -26.53
C ALA D 33 26.15 20.13 -27.68
N ALA D 34 25.55 18.99 -27.34
CA ALA D 34 25.00 18.07 -28.32
C ALA D 34 23.58 18.46 -28.71
N GLY D 35 23.11 19.59 -28.18
CA GLY D 35 21.78 20.07 -28.48
C GLY D 35 20.66 19.65 -27.54
N ALA D 36 21.01 19.09 -26.39
CA ALA D 36 19.99 18.64 -25.44
C ALA D 36 19.36 19.82 -24.72
N LEU D 37 18.05 19.77 -24.56
CA LEU D 37 17.27 20.80 -23.87
C LEU D 37 16.95 20.29 -22.47
N GLU D 38 17.15 21.12 -21.45
CA GLU D 38 16.85 20.69 -20.08
C GLU D 38 15.34 20.65 -19.84
N LEU D 39 14.84 19.51 -19.38
CA LEU D 39 13.42 19.29 -19.13
C LEU D 39 13.32 18.55 -17.80
N VAL D 40 12.67 19.18 -16.81
CA VAL D 40 12.50 18.57 -15.50
C VAL D 40 11.05 18.16 -15.31
N THR D 41 10.83 16.86 -15.12
CA THR D 41 9.49 16.31 -14.92
C THR D 41 9.18 16.27 -13.43
N PRO D 42 7.88 16.23 -13.07
CA PRO D 42 7.46 16.19 -11.66
C PRO D 42 8.06 15.02 -10.89
N ILE D 43 8.04 15.10 -9.57
CA ILE D 43 8.58 14.06 -8.70
C ILE D 43 7.74 12.78 -8.76
N PHE D 44 6.46 12.92 -9.13
CA PHE D 44 5.59 11.76 -9.23
C PHE D 44 4.72 11.83 -10.48
N GLU D 45 4.33 10.65 -10.97
CA GLU D 45 3.50 10.52 -12.16
C GLU D 45 2.36 9.58 -11.80
N GLU D 46 1.37 9.46 -12.69
CA GLU D 46 0.27 8.54 -12.46
C GLU D 46 0.98 7.19 -12.43
N THR D 47 0.64 6.36 -11.46
CA THR D 47 1.28 5.06 -11.31
C THR D 47 1.39 4.26 -12.63
N GLN D 48 0.43 4.46 -13.53
CA GLN D 48 0.42 3.76 -14.81
C GLN D 48 1.61 4.06 -15.71
N VAL D 49 2.10 5.29 -15.69
CA VAL D 49 3.24 5.68 -16.53
C VAL D 49 4.43 4.73 -16.28
N PHE D 50 4.63 4.32 -15.03
CA PHE D 50 5.72 3.43 -14.70
C PHE D 50 5.37 1.96 -14.84
N GLU D 51 4.10 1.61 -14.60
CA GLU D 51 3.64 0.22 -14.72
C GLU D 51 3.77 -0.22 -16.17
N LYS D 52 3.06 0.48 -17.04
CA LYS D 52 3.05 0.19 -18.48
C LYS D 52 4.41 0.45 -19.08
N GLY D 53 5.01 1.58 -18.71
CA GLY D 53 6.31 1.93 -19.23
C GLY D 53 7.44 0.97 -18.90
N VAL D 54 7.75 0.84 -17.61
CA VAL D 54 8.82 -0.03 -17.17
C VAL D 54 8.54 -1.53 -17.36
N GLY D 55 7.26 -1.86 -17.60
CA GLY D 55 6.88 -3.24 -17.81
C GLY D 55 6.44 -3.90 -16.52
N ALA D 56 5.20 -4.37 -16.48
CA ALA D 56 4.63 -5.01 -15.29
C ALA D 56 5.33 -6.27 -14.77
N ALA D 57 6.37 -6.73 -15.48
CA ALA D 57 7.10 -7.92 -15.06
C ALA D 57 8.41 -7.63 -14.35
N THR D 58 8.82 -6.36 -14.32
CA THR D 58 10.09 -5.99 -13.68
C THR D 58 10.03 -5.82 -12.15
N ASP D 59 11.18 -6.06 -11.51
CA ASP D 59 11.33 -5.95 -10.07
C ASP D 59 10.90 -4.57 -9.57
N ILE D 60 11.32 -3.54 -10.31
CA ILE D 60 11.00 -2.15 -9.98
C ILE D 60 9.49 -1.96 -9.80
N VAL D 61 8.72 -2.26 -10.85
CA VAL D 61 7.26 -2.10 -10.81
C VAL D 61 6.58 -2.99 -9.77
N ARG D 62 6.96 -4.26 -9.73
CA ARG D 62 6.36 -5.21 -8.82
C ARG D 62 6.57 -5.00 -7.32
N LYS D 63 7.73 -4.49 -6.91
CA LYS D 63 7.97 -4.33 -5.47
C LYS D 63 8.96 -3.25 -5.05
N GLU D 64 9.32 -2.33 -5.94
CA GLU D 64 10.30 -1.30 -5.60
C GLU D 64 9.87 0.15 -5.87
N MET D 65 8.59 0.40 -6.01
CA MET D 65 8.14 1.76 -6.27
C MET D 65 7.36 2.32 -5.09
N PHE D 66 7.64 3.58 -4.73
CA PHE D 66 6.94 4.25 -3.64
C PHE D 66 5.66 4.79 -4.27
N THR D 67 4.60 4.01 -4.18
CA THR D 67 3.32 4.41 -4.74
C THR D 67 2.34 4.66 -3.61
N PHE D 68 1.49 5.66 -3.80
CA PHE D 68 0.50 6.04 -2.80
C PHE D 68 -0.76 6.58 -3.47
N GLN D 69 -1.75 6.90 -2.64
CA GLN D 69 -3.02 7.41 -3.11
C GLN D 69 -3.17 8.90 -2.86
N ASP D 70 -3.69 9.57 -3.88
CA ASP D 70 -3.95 11.00 -3.91
C ASP D 70 -5.22 11.34 -3.12
N ARG D 71 -5.31 12.56 -2.61
CA ARG D 71 -6.49 12.99 -1.85
C ARG D 71 -7.59 13.23 -2.89
N GLY D 72 -8.09 12.13 -3.44
CA GLY D 72 -9.11 12.17 -4.47
C GLY D 72 -9.29 10.77 -5.01
N GLY D 73 -8.32 9.90 -4.73
CA GLY D 73 -8.39 8.52 -5.18
C GLY D 73 -7.30 8.10 -6.16
N ARG D 74 -6.83 9.05 -6.98
CA ARG D 74 -5.79 8.79 -7.98
C ARG D 74 -4.51 8.15 -7.44
N SER D 75 -4.03 7.11 -8.11
CA SER D 75 -2.81 6.44 -7.69
C SER D 75 -1.59 7.14 -8.32
N LEU D 76 -0.70 7.62 -7.45
CA LEU D 76 0.52 8.32 -7.85
C LEU D 76 1.76 7.55 -7.41
N THR D 77 2.84 7.67 -8.17
CA THR D 77 4.06 6.96 -7.83
C THR D 77 5.30 7.84 -7.95
N LEU D 78 6.16 7.75 -6.92
CA LEU D 78 7.41 8.48 -6.88
C LEU D 78 8.30 7.92 -7.98
N ARG D 79 8.66 8.79 -8.92
CA ARG D 79 9.50 8.45 -10.05
C ARG D 79 10.74 7.62 -9.69
N PRO D 80 10.79 6.37 -10.20
CA PRO D 80 11.90 5.45 -9.94
C PRO D 80 12.97 5.52 -11.03
N GLU D 81 12.61 6.15 -12.16
CA GLU D 81 13.50 6.27 -13.32
C GLU D 81 12.97 7.40 -14.22
N GLY D 82 13.81 7.96 -15.07
CA GLY D 82 13.37 9.07 -15.91
C GLY D 82 12.81 8.90 -17.30
N THR D 83 13.23 7.86 -18.03
CA THR D 83 12.79 7.64 -19.41
C THR D 83 11.29 7.71 -19.69
N ALA D 84 10.50 6.91 -18.98
CA ALA D 84 9.05 6.91 -19.17
C ALA D 84 8.46 8.31 -19.03
N ALA D 85 8.91 9.02 -17.99
CA ALA D 85 8.44 10.38 -17.72
C ALA D 85 8.79 11.30 -18.88
N MET D 86 10.02 11.17 -19.38
CA MET D 86 10.48 11.98 -20.51
C MET D 86 9.58 11.74 -21.71
N VAL D 87 9.28 10.46 -21.99
CA VAL D 87 8.42 10.10 -23.12
C VAL D 87 7.01 10.64 -22.89
N ARG D 88 6.55 10.60 -21.64
CA ARG D 88 5.23 11.09 -21.26
C ARG D 88 5.20 12.58 -21.56
N ALA D 89 6.29 13.28 -21.23
CA ALA D 89 6.40 14.71 -21.46
C ALA D 89 6.40 14.99 -22.96
N TYR D 90 7.19 14.22 -23.70
CA TYR D 90 7.31 14.35 -25.15
C TYR D 90 5.93 14.27 -25.77
N LEU D 91 5.20 13.24 -25.38
CA LEU D 91 3.84 13.02 -25.87
C LEU D 91 2.93 14.19 -25.53
N GLU D 92 2.84 14.51 -24.24
CA GLU D 92 2.00 15.58 -23.74
C GLU D 92 2.23 16.94 -24.38
N HIS D 93 3.48 17.33 -24.57
CA HIS D 93 3.79 18.62 -25.14
C HIS D 93 3.82 18.68 -26.65
N GLY D 94 3.37 17.60 -27.28
CA GLY D 94 3.36 17.54 -28.73
C GLY D 94 4.72 17.83 -29.30
N MET D 95 5.76 17.33 -28.63
CA MET D 95 7.14 17.54 -29.06
C MET D 95 7.42 16.85 -30.40
N LYS D 96 6.47 16.05 -30.87
CA LYS D 96 6.62 15.36 -32.16
C LYS D 96 6.66 16.36 -33.31
N VAL D 97 6.03 17.51 -33.12
CA VAL D 97 6.00 18.54 -34.16
C VAL D 97 7.25 19.40 -34.17
N TRP D 98 8.15 19.19 -33.21
CA TRP D 98 9.39 19.96 -33.18
C TRP D 98 10.36 19.30 -34.13
N PRO D 99 11.41 20.02 -34.55
CA PRO D 99 12.36 19.37 -35.46
C PRO D 99 13.00 18.19 -34.74
N GLN D 100 12.94 17.01 -35.37
CA GLN D 100 13.48 15.78 -34.81
C GLN D 100 14.95 15.58 -35.16
N PRO D 101 15.70 14.84 -34.32
CA PRO D 101 15.22 14.23 -33.09
C PRO D 101 15.27 15.23 -31.93
N VAL D 102 14.39 15.03 -30.96
CA VAL D 102 14.31 15.91 -29.79
C VAL D 102 15.21 15.34 -28.69
N ARG D 103 16.25 16.06 -28.32
CA ARG D 103 17.15 15.63 -27.26
C ARG D 103 16.81 16.34 -25.95
N LEU D 104 16.57 15.57 -24.89
CA LEU D 104 16.21 16.11 -23.58
C LEU D 104 17.14 15.58 -22.51
N TRP D 105 17.39 16.40 -21.49
CA TRP D 105 18.24 15.97 -20.38
C TRP D 105 17.75 16.61 -19.08
N MET D 106 18.06 15.95 -17.97
CA MET D 106 17.70 16.46 -16.66
C MET D 106 18.55 15.76 -15.61
N ALA D 107 18.60 16.32 -14.41
CA ALA D 107 19.34 15.74 -13.30
C ALA D 107 18.41 15.92 -12.11
N GLY D 108 18.13 14.84 -11.41
CA GLY D 108 17.24 14.94 -10.27
C GLY D 108 17.17 13.67 -9.48
N PRO D 109 16.42 13.68 -8.37
CA PRO D 109 16.27 12.52 -7.50
C PRO D 109 15.36 11.44 -8.08
N MET D 110 15.69 10.19 -7.80
CA MET D 110 14.92 9.04 -8.26
C MET D 110 14.67 8.23 -6.99
N PHE D 111 13.51 7.58 -6.90
CA PHE D 111 13.16 6.84 -5.70
C PHE D 111 12.85 5.38 -5.95
N ARG D 112 13.44 4.52 -5.14
CA ARG D 112 13.23 3.09 -5.23
C ARG D 112 13.06 2.45 -3.85
N ALA D 113 11.89 1.86 -3.62
CA ALA D 113 11.58 1.20 -2.35
C ALA D 113 12.35 -0.12 -2.24
N GLU D 114 13.51 -0.07 -1.59
CA GLU D 114 14.30 -1.27 -1.43
C GLU D 114 14.32 -1.73 0.02
N ARG D 115 14.40 -3.05 0.19
CA ARG D 115 14.40 -3.66 1.52
C ARG D 115 15.45 -3.07 2.45
N PRO D 116 14.99 -2.49 3.57
CA PRO D 116 15.82 -1.86 4.61
C PRO D 116 16.85 -2.80 5.25
N GLN D 117 18.10 -2.39 5.13
CA GLN D 117 19.29 -3.07 5.65
C GLN D 117 20.42 -2.41 4.87
N LYS D 118 20.45 -1.08 4.93
CA LYS D 118 21.40 -0.26 4.18
C LYS D 118 20.91 -0.35 2.73
N GLY D 119 21.20 -1.48 2.07
CA GLY D 119 20.77 -1.71 0.70
C GLY D 119 20.99 -0.55 -0.26
N ARG D 120 22.03 0.25 0.01
CA ARG D 120 22.40 1.40 -0.81
C ARG D 120 21.51 2.64 -0.70
N TYR D 121 20.67 2.90 -1.71
CA TYR D 121 19.85 4.11 -1.71
C TYR D 121 18.37 3.96 -2.07
N ARG D 122 17.51 4.62 -1.30
CA ARG D 122 16.08 4.63 -1.59
C ARG D 122 15.78 5.92 -2.34
N GLN D 123 16.66 6.91 -2.17
CA GLN D 123 16.57 8.18 -2.88
C GLN D 123 17.98 8.46 -3.39
N PHE D 124 18.17 8.37 -4.70
CA PHE D 124 19.46 8.64 -5.32
C PHE D 124 19.23 9.68 -6.39
N HIS D 125 20.30 10.13 -7.06
CA HIS D 125 20.16 11.15 -8.09
C HIS D 125 20.84 10.74 -9.36
N GLN D 126 20.20 11.01 -10.49
CA GLN D 126 20.80 10.64 -11.76
C GLN D 126 20.64 11.69 -12.86
N VAL D 127 21.62 11.70 -13.76
CA VAL D 127 21.61 12.59 -14.92
C VAL D 127 20.98 11.69 -15.99
N ASN D 128 19.98 12.21 -16.68
CA ASN D 128 19.25 11.46 -17.68
C ASN D 128 19.26 12.16 -19.03
N TYR D 129 19.65 11.42 -20.07
CA TYR D 129 19.71 11.95 -21.43
C TYR D 129 18.76 11.13 -22.29
N GLU D 130 18.09 11.80 -23.22
CA GLU D 130 17.10 11.16 -24.08
C GLU D 130 17.10 11.77 -25.49
N ALA D 131 17.10 10.92 -26.51
CA ALA D 131 17.06 11.36 -27.91
C ALA D 131 15.84 10.66 -28.48
N LEU D 132 14.80 11.43 -28.78
CA LEU D 132 13.56 10.88 -29.29
C LEU D 132 13.18 11.29 -30.70
N GLY D 133 12.45 10.41 -31.37
CA GLY D 133 11.97 10.67 -32.72
C GLY D 133 12.75 10.10 -33.89
N SER D 134 13.69 9.18 -33.66
CA SER D 134 14.46 8.62 -34.76
C SER D 134 15.06 7.24 -34.49
N GLU D 135 15.02 6.40 -35.53
CA GLU D 135 15.54 5.04 -35.46
C GLU D 135 17.02 4.98 -35.82
N ASN D 136 17.55 6.06 -36.37
CA ASN D 136 18.95 6.14 -36.80
C ASN D 136 19.98 5.70 -35.74
N PRO D 137 20.82 4.70 -36.08
CA PRO D 137 21.85 4.19 -35.17
C PRO D 137 22.92 5.21 -34.80
N ILE D 138 22.92 6.37 -35.45
CA ILE D 138 23.89 7.43 -35.15
C ILE D 138 23.58 7.94 -33.73
N LEU D 139 22.29 8.01 -33.41
CA LEU D 139 21.85 8.48 -32.10
C LEU D 139 22.29 7.52 -31.01
N ASP D 140 22.28 6.22 -31.30
CA ASP D 140 22.69 5.21 -30.33
C ASP D 140 24.17 5.39 -30.03
N ALA D 141 24.96 5.60 -31.09
CA ALA D 141 26.38 5.81 -30.93
C ALA D 141 26.61 7.10 -30.14
N GLU D 142 25.88 8.14 -30.51
CA GLU D 142 25.96 9.45 -29.85
C GLU D 142 25.64 9.32 -28.37
N ALA D 143 24.56 8.61 -28.06
CA ALA D 143 24.15 8.40 -26.69
C ALA D 143 25.29 7.75 -25.89
N VAL D 144 25.92 6.75 -26.49
CA VAL D 144 27.03 6.05 -25.85
C VAL D 144 28.22 6.98 -25.65
N VAL D 145 28.55 7.77 -26.66
CA VAL D 145 29.67 8.70 -26.59
C VAL D 145 29.43 9.81 -25.56
N LEU D 146 28.18 10.28 -25.49
CA LEU D 146 27.82 11.34 -24.54
C LEU D 146 28.00 10.85 -23.11
N LEU D 147 27.50 9.65 -22.81
CA LEU D 147 27.65 9.08 -21.47
C LEU D 147 29.12 8.92 -21.14
N TYR D 148 29.88 8.38 -22.09
CA TYR D 148 31.30 8.17 -21.94
C TYR D 148 32.01 9.48 -21.67
N GLU D 149 31.69 10.50 -22.45
CA GLU D 149 32.31 11.80 -22.30
C GLU D 149 31.96 12.53 -21.01
N CYS D 150 30.73 12.36 -20.50
CA CYS D 150 30.33 12.99 -19.23
C CYS D 150 31.28 12.56 -18.12
N LEU D 151 31.62 11.27 -18.14
CA LEU D 151 32.51 10.67 -17.16
C LEU D 151 33.96 11.04 -17.47
N LYS D 152 34.30 10.99 -18.76
CA LYS D 152 35.64 11.29 -19.22
C LYS D 152 36.03 12.72 -18.85
N GLU D 153 35.12 13.66 -19.02
CA GLU D 153 35.35 15.08 -18.72
C GLU D 153 35.55 15.32 -17.22
N LEU D 154 34.97 14.46 -16.39
CA LEU D 154 35.10 14.58 -14.95
C LEU D 154 36.50 14.24 -14.50
N GLY D 155 37.24 13.58 -15.38
CA GLY D 155 38.61 13.19 -15.05
C GLY D 155 38.77 11.69 -14.91
N LEU D 156 37.66 10.95 -14.96
CA LEU D 156 37.71 9.51 -14.84
C LEU D 156 38.44 8.94 -16.03
N ARG D 157 39.28 7.94 -15.78
CA ARG D 157 40.06 7.31 -16.83
C ARG D 157 39.79 5.81 -16.90
N ARG D 158 39.60 5.18 -15.75
CA ARG D 158 39.35 3.75 -15.68
C ARG D 158 37.90 3.31 -15.84
N LEU D 159 37.34 3.56 -17.03
CA LEU D 159 35.97 3.18 -17.33
C LEU D 159 35.96 1.95 -18.23
N LYS D 160 34.87 1.17 -18.18
CA LYS D 160 34.73 -0.02 -18.99
C LYS D 160 33.38 0.04 -19.71
N VAL D 161 33.41 0.43 -20.98
CA VAL D 161 32.19 0.53 -21.78
C VAL D 161 31.79 -0.85 -22.26
N LYS D 162 30.51 -1.16 -22.15
CA LYS D 162 29.99 -2.44 -22.60
C LYS D 162 28.79 -2.18 -23.50
N LEU D 163 28.80 -2.83 -24.67
CA LEU D 163 27.73 -2.67 -25.65
C LEU D 163 27.12 -4.02 -25.98
N SER D 164 25.86 -4.02 -26.40
CA SER D 164 25.18 -5.25 -26.75
C SER D 164 23.84 -4.87 -27.39
N SER D 165 22.97 -5.86 -27.58
CA SER D 165 21.68 -5.63 -28.17
C SER D 165 20.70 -6.65 -27.62
N VAL D 166 19.42 -6.28 -27.59
CA VAL D 166 18.38 -7.16 -27.10
C VAL D 166 17.47 -7.52 -28.27
N GLY D 167 17.90 -7.12 -29.47
CA GLY D 167 17.16 -7.41 -30.69
C GLY D 167 15.80 -6.81 -30.85
N ASP D 168 14.97 -7.52 -31.63
CA ASP D 168 13.58 -7.12 -31.86
C ASP D 168 12.74 -8.01 -30.97
N PRO D 169 11.48 -7.63 -30.70
CA PRO D 169 10.61 -8.45 -29.84
C PRO D 169 10.61 -9.94 -30.20
N GLU D 170 10.68 -10.23 -31.51
CA GLU D 170 10.70 -11.60 -32.00
C GLU D 170 11.98 -12.32 -31.56
N ASP D 171 13.11 -11.67 -31.79
CA ASP D 171 14.42 -12.21 -31.41
C ASP D 171 14.51 -12.38 -29.91
N ARG D 172 13.95 -11.41 -29.19
CA ARG D 172 13.93 -11.39 -27.73
C ARG D 172 13.15 -12.62 -27.25
N ALA D 173 12.01 -12.86 -27.89
CA ALA D 173 11.15 -14.00 -27.56
C ALA D 173 11.89 -15.32 -27.75
N ARG D 174 12.46 -15.52 -28.94
CA ARG D 174 13.19 -16.74 -29.24
C ARG D 174 14.35 -17.01 -28.30
N TYR D 175 15.08 -15.97 -27.91
CA TYR D 175 16.19 -16.16 -27.00
C TYR D 175 15.66 -16.63 -25.65
N ASN D 176 14.54 -16.07 -25.23
CA ASN D 176 13.93 -16.44 -23.96
C ASN D 176 13.55 -17.91 -23.99
N ALA D 177 12.90 -18.33 -25.08
CA ALA D 177 12.50 -19.72 -25.27
C ALA D 177 13.73 -20.62 -25.14
N TYR D 178 14.80 -20.23 -25.83
CA TYR D 178 16.07 -20.97 -25.80
C TYR D 178 16.57 -21.14 -24.37
N LEU D 179 16.56 -20.03 -23.62
CA LEU D 179 17.01 -20.04 -22.24
C LEU D 179 16.19 -21.00 -21.38
N ARG D 180 14.87 -21.02 -21.60
CA ARG D 180 14.01 -21.91 -20.84
C ARG D 180 14.36 -23.35 -21.17
N GLU D 181 14.46 -23.67 -22.46
CA GLU D 181 14.78 -25.02 -22.91
C GLU D 181 16.10 -25.55 -22.36
N VAL D 182 17.11 -24.70 -22.29
CA VAL D 182 18.41 -25.10 -21.78
C VAL D 182 18.48 -25.12 -20.26
N LEU D 183 17.82 -24.16 -19.63
CA LEU D 183 17.84 -24.05 -18.17
C LEU D 183 16.83 -24.86 -17.38
N SER D 184 15.59 -24.94 -17.85
CA SER D 184 14.54 -25.69 -17.14
C SER D 184 14.91 -27.09 -16.64
N PRO D 185 15.54 -27.94 -17.47
CA PRO D 185 15.87 -29.28 -16.96
C PRO D 185 16.95 -29.21 -15.87
N HIS D 186 17.60 -28.06 -15.74
CA HIS D 186 18.62 -27.85 -14.73
C HIS D 186 18.11 -26.81 -13.72
N ARG D 187 16.81 -26.60 -13.72
CA ARG D 187 16.11 -25.64 -12.86
C ARG D 187 16.55 -25.71 -11.40
N GLU D 188 16.76 -26.92 -10.92
CA GLU D 188 17.15 -27.15 -9.53
C GLU D 188 18.52 -26.61 -9.12
N ALA D 189 19.33 -26.16 -10.07
CA ALA D 189 20.65 -25.63 -9.76
C ALA D 189 20.68 -24.10 -9.79
N LEU D 190 19.51 -23.49 -9.92
CA LEU D 190 19.39 -22.04 -9.97
C LEU D 190 19.12 -21.40 -8.61
N SER D 191 19.49 -20.14 -8.48
CA SER D 191 19.26 -19.40 -7.23
C SER D 191 17.77 -19.12 -7.19
N GLU D 192 17.19 -19.13 -5.99
CA GLU D 192 15.75 -18.88 -5.82
C GLU D 192 15.29 -17.71 -6.69
N ASP D 193 16.08 -16.65 -6.69
CA ASP D 193 15.79 -15.45 -7.48
C ASP D 193 15.66 -15.81 -8.96
N SER D 194 16.66 -16.52 -9.48
CA SER D 194 16.71 -16.93 -10.87
C SER D 194 15.54 -17.84 -11.26
N LYS D 195 15.13 -18.72 -10.35
CA LYS D 195 14.01 -19.64 -10.60
C LYS D 195 12.71 -18.90 -10.92
N GLU D 196 12.57 -17.71 -10.36
CA GLU D 196 11.40 -16.88 -10.61
C GLU D 196 11.55 -16.22 -11.97
N ARG D 197 12.73 -15.65 -12.19
CA ARG D 197 13.04 -14.97 -13.44
C ARG D 197 12.93 -15.90 -14.64
N LEU D 198 13.06 -17.20 -14.38
CA LEU D 198 12.96 -18.21 -15.44
C LEU D 198 11.53 -18.24 -16.02
N GLU D 199 10.58 -17.75 -15.24
CA GLU D 199 9.18 -17.71 -15.66
C GLU D 199 8.88 -16.58 -16.63
N GLU D 200 9.22 -15.36 -16.24
CA GLU D 200 9.00 -14.20 -17.10
C GLU D 200 10.29 -13.44 -17.33
N ASN D 201 10.69 -13.36 -18.58
CA ASN D 201 11.91 -12.66 -18.98
C ASN D 201 13.16 -13.35 -18.41
N PRO D 202 13.41 -14.61 -18.82
CA PRO D 202 14.55 -15.42 -18.39
C PRO D 202 15.92 -14.75 -18.54
N MET D 203 16.05 -13.83 -19.50
CA MET D 203 17.31 -13.14 -19.75
C MET D 203 17.99 -12.58 -18.51
N ARG D 204 17.19 -12.16 -17.53
CA ARG D 204 17.69 -11.60 -16.29
C ARG D 204 18.63 -12.55 -15.58
N ILE D 205 18.37 -13.85 -15.71
CA ILE D 205 19.18 -14.88 -15.08
C ILE D 205 20.63 -14.75 -15.53
N LEU D 206 20.84 -14.14 -16.68
CA LEU D 206 22.18 -13.93 -17.21
C LEU D 206 22.88 -12.89 -16.35
N ASP D 207 22.21 -11.75 -16.15
CA ASP D 207 22.74 -10.64 -15.37
C ASP D 207 22.52 -10.77 -13.86
N SER D 208 22.36 -11.99 -13.34
CA SER D 208 22.15 -12.16 -11.91
C SER D 208 23.46 -12.39 -11.16
N LYS D 209 23.40 -12.30 -9.84
CA LYS D 209 24.57 -12.49 -8.99
C LYS D 209 24.71 -13.96 -8.55
N SER D 210 25.47 -14.18 -7.48
CA SER D 210 25.72 -15.51 -6.92
C SER D 210 26.53 -16.40 -7.85
N GLU D 211 27.29 -17.30 -7.26
CA GLU D 211 28.12 -18.22 -8.03
C GLU D 211 27.27 -19.33 -8.61
N ARG D 212 26.22 -19.68 -7.88
CA ARG D 212 25.29 -20.75 -8.28
C ARG D 212 24.83 -20.62 -9.73
N ASP D 213 24.50 -19.41 -10.15
CA ASP D 213 24.04 -19.15 -11.51
C ASP D 213 25.18 -19.10 -12.53
N GLN D 214 26.19 -18.28 -12.24
CA GLN D 214 27.32 -18.09 -13.13
C GLN D 214 28.04 -19.37 -13.56
N ALA D 215 28.38 -20.22 -12.60
CA ALA D 215 29.06 -21.47 -12.90
C ALA D 215 28.22 -22.36 -13.80
N LEU D 216 26.92 -22.43 -13.51
CA LEU D 216 26.01 -23.25 -14.30
C LEU D 216 25.96 -22.76 -15.74
N LEU D 217 25.73 -21.47 -15.91
CA LEU D 217 25.67 -20.86 -17.24
C LEU D 217 26.92 -21.19 -18.03
N LYS D 218 28.07 -21.14 -17.36
CA LYS D 218 29.36 -21.44 -17.98
C LYS D 218 29.41 -22.89 -18.49
N GLU D 219 29.14 -23.84 -17.61
CA GLU D 219 29.19 -25.25 -17.97
C GLU D 219 28.14 -25.66 -18.99
N LEU D 220 26.98 -25.00 -18.99
CA LEU D 220 25.91 -25.30 -19.94
C LEU D 220 26.21 -24.75 -21.33
N GLY D 221 27.16 -23.83 -21.41
CA GLY D 221 27.51 -23.23 -22.68
C GLY D 221 26.38 -22.40 -23.24
N VAL D 222 25.78 -21.56 -22.40
CA VAL D 222 24.67 -20.71 -22.81
C VAL D 222 25.19 -19.68 -23.81
N ARG D 223 24.56 -19.65 -24.98
CA ARG D 223 24.92 -18.77 -26.08
C ARG D 223 24.39 -17.34 -25.91
N PRO D 224 25.22 -16.33 -26.22
CA PRO D 224 24.93 -14.89 -26.14
C PRO D 224 23.70 -14.45 -26.92
N MET D 225 23.03 -13.42 -26.41
CA MET D 225 21.84 -12.85 -27.06
C MET D 225 22.21 -12.41 -28.49
N LEU D 226 23.47 -12.04 -28.67
CA LEU D 226 23.95 -11.60 -29.98
C LEU D 226 23.70 -12.67 -31.06
N ASP D 227 23.89 -13.94 -30.67
CA ASP D 227 23.70 -15.10 -31.56
C ASP D 227 22.28 -15.27 -32.04
N PHE D 228 21.36 -14.50 -31.47
CA PHE D 228 19.95 -14.63 -31.82
C PHE D 228 19.33 -13.41 -32.47
N LEU D 229 20.15 -12.47 -32.89
CA LEU D 229 19.64 -11.28 -33.54
C LEU D 229 19.08 -11.63 -34.91
N GLY D 230 17.98 -10.99 -35.31
CA GLY D 230 17.42 -11.23 -36.62
C GLY D 230 18.27 -10.41 -37.59
N GLU D 231 17.95 -10.31 -38.88
CA GLU D 231 18.85 -9.53 -39.74
C GLU D 231 18.92 -8.02 -39.45
N GLU D 232 17.77 -7.39 -39.24
CA GLU D 232 17.70 -5.95 -39.02
C GLU D 232 18.34 -5.46 -37.73
N ALA D 233 18.14 -6.19 -36.64
CA ALA D 233 18.72 -5.83 -35.35
C ALA D 233 20.23 -5.87 -35.42
N ARG D 234 20.78 -6.94 -35.98
CA ARG D 234 22.24 -7.11 -36.12
C ARG D 234 22.82 -6.02 -37.01
N ALA D 235 22.06 -5.63 -38.03
CA ALA D 235 22.51 -4.59 -38.95
C ALA D 235 22.67 -3.29 -38.19
N HIS D 236 21.61 -2.95 -37.45
CA HIS D 236 21.58 -1.74 -36.65
C HIS D 236 22.72 -1.73 -35.65
N LEU D 237 22.94 -2.84 -34.95
CA LEU D 237 24.02 -2.92 -33.98
C LEU D 237 25.38 -2.73 -34.63
N LYS D 238 25.56 -3.28 -35.83
CA LYS D 238 26.83 -3.15 -36.53
C LYS D 238 27.11 -1.68 -36.87
N GLU D 239 26.05 -0.96 -37.21
CA GLU D 239 26.17 0.46 -37.54
C GLU D 239 26.68 1.22 -36.32
N VAL D 240 26.15 0.87 -35.15
CA VAL D 240 26.54 1.50 -33.90
C VAL D 240 28.01 1.24 -33.62
N GLU D 241 28.45 0.00 -33.83
CA GLU D 241 29.86 -0.37 -33.62
C GLU D 241 30.76 0.38 -34.59
N ARG D 242 30.26 0.55 -35.81
CA ARG D 242 31.02 1.25 -36.85
C ARG D 242 31.31 2.66 -36.36
N HIS D 243 30.27 3.34 -35.86
CA HIS D 243 30.40 4.71 -35.36
C HIS D 243 31.32 4.83 -34.14
N LEU D 244 31.17 3.92 -33.19
CA LEU D 244 31.99 3.95 -31.98
C LEU D 244 33.46 3.73 -32.30
N GLU D 245 33.74 2.78 -33.17
CA GLU D 245 35.10 2.48 -33.58
C GLU D 245 35.71 3.72 -34.23
N ARG D 246 34.94 4.37 -35.09
CA ARG D 246 35.39 5.58 -35.77
C ARG D 246 35.66 6.70 -34.77
N LEU D 247 34.83 6.80 -33.74
CA LEU D 247 35.01 7.82 -32.71
C LEU D 247 36.05 7.36 -31.67
N SER D 248 36.62 6.18 -31.89
CA SER D 248 37.64 5.62 -31.00
C SER D 248 37.18 5.40 -29.55
N VAL D 249 35.92 5.02 -29.37
CA VAL D 249 35.40 4.75 -28.04
C VAL D 249 35.68 3.29 -27.73
N PRO D 250 36.63 3.04 -26.80
CA PRO D 250 36.96 1.65 -26.45
C PRO D 250 35.80 0.93 -25.76
N TYR D 251 35.30 -0.13 -26.38
CA TYR D 251 34.19 -0.88 -25.82
C TYR D 251 34.41 -2.38 -25.94
N GLU D 252 33.55 -3.12 -25.26
CA GLU D 252 33.60 -4.56 -25.26
C GLU D 252 32.19 -4.98 -25.60
N LEU D 253 32.03 -5.91 -26.54
CA LEU D 253 30.71 -6.36 -26.90
C LEU D 253 30.34 -7.48 -25.92
N GLU D 254 29.26 -7.28 -25.18
CA GLU D 254 28.80 -8.26 -24.21
C GLU D 254 27.83 -9.25 -24.82
N PRO D 255 27.98 -10.54 -24.46
CA PRO D 255 27.14 -11.63 -24.95
C PRO D 255 25.68 -11.30 -24.69
N ALA D 256 25.44 -10.67 -23.55
CA ALA D 256 24.10 -10.28 -23.16
C ALA D 256 24.17 -9.18 -22.11
N LEU D 257 23.49 -8.07 -22.40
CA LEU D 257 23.43 -6.95 -21.49
C LEU D 257 21.95 -6.82 -21.16
N VAL D 258 21.53 -7.59 -20.17
CA VAL D 258 20.14 -7.59 -19.76
C VAL D 258 19.82 -6.38 -18.89
N ARG D 259 19.29 -5.35 -19.51
CA ARG D 259 18.94 -4.15 -18.76
C ARG D 259 17.71 -4.43 -17.88
N GLY D 260 17.67 -3.82 -16.71
CA GLY D 260 16.57 -4.03 -15.78
C GLY D 260 15.17 -3.57 -16.17
N LEU D 261 15.00 -3.04 -17.39
CA LEU D 261 13.69 -2.57 -17.80
C LEU D 261 13.25 -3.32 -19.06
N ASP D 262 11.96 -3.63 -19.15
CA ASP D 262 11.45 -4.38 -20.28
C ASP D 262 11.04 -3.58 -21.50
N TYR D 263 11.26 -2.27 -21.49
CA TYR D 263 10.89 -1.45 -22.65
C TYR D 263 12.04 -1.37 -23.68
N TYR D 264 13.20 -1.88 -23.28
CA TYR D 264 14.38 -1.85 -24.13
C TYR D 264 14.24 -2.70 -25.38
N VAL D 265 14.78 -2.18 -26.47
CA VAL D 265 14.74 -2.88 -27.75
C VAL D 265 16.02 -2.47 -28.46
N ARG D 266 16.73 -3.46 -29.01
CA ARG D 266 17.97 -3.23 -29.72
C ARG D 266 19.15 -2.83 -28.84
N THR D 267 19.80 -1.69 -29.13
CA THR D 267 20.97 -1.24 -28.37
C THR D 267 20.81 -1.18 -26.86
N ALA D 268 21.83 -1.65 -26.16
CA ALA D 268 21.87 -1.66 -24.71
C ALA D 268 23.34 -1.47 -24.36
N PHE D 269 23.63 -0.54 -23.46
CA PHE D 269 25.00 -0.28 -23.06
C PHE D 269 25.12 0.13 -21.60
N GLU D 270 26.33 -0.02 -21.06
CA GLU D 270 26.61 0.32 -19.67
C GLU D 270 28.10 0.65 -19.53
N VAL D 271 28.41 1.58 -18.63
CA VAL D 271 29.79 1.94 -18.39
C VAL D 271 30.06 1.61 -16.93
N HIS D 272 31.12 0.83 -16.70
CA HIS D 272 31.47 0.40 -15.35
C HIS D 272 32.79 0.96 -14.91
N HIS D 273 33.10 0.73 -13.63
CA HIS D 273 34.32 1.19 -13.02
C HIS D 273 34.69 0.14 -12.00
N GLU D 274 35.94 -0.32 -12.00
CA GLU D 274 36.36 -1.36 -11.08
C GLU D 274 36.35 -0.98 -9.60
N GLU D 275 36.86 0.19 -9.26
CA GLU D 275 36.92 0.63 -7.86
C GLU D 275 35.62 1.16 -7.27
N ILE D 276 34.64 0.29 -7.11
CA ILE D 276 33.34 0.66 -6.55
C ILE D 276 32.74 -0.57 -5.88
N GLY D 277 33.17 -1.75 -6.34
CA GLY D 277 32.67 -2.98 -5.78
C GLY D 277 31.46 -3.46 -6.55
N ALA D 278 30.56 -4.16 -5.87
CA ALA D 278 29.34 -4.66 -6.51
C ALA D 278 28.59 -3.44 -7.02
N GLN D 279 27.79 -3.63 -8.06
CA GLN D 279 27.04 -2.52 -8.67
C GLN D 279 28.07 -1.48 -9.12
N SER D 280 28.95 -1.95 -10.00
CA SER D 280 30.03 -1.14 -10.56
C SER D 280 29.57 -0.26 -11.73
N ALA D 281 28.32 -0.43 -12.13
CA ALA D 281 27.78 0.34 -13.24
C ALA D 281 27.60 1.79 -12.83
N LEU D 282 28.34 2.68 -13.47
CA LEU D 282 28.21 4.10 -13.19
C LEU D 282 26.93 4.57 -13.85
N GLY D 283 26.62 3.99 -15.01
CA GLY D 283 25.42 4.35 -15.72
C GLY D 283 25.23 3.47 -16.93
N GLY D 284 24.09 3.62 -17.60
CA GLY D 284 23.80 2.83 -18.77
C GLY D 284 22.58 3.35 -19.51
N GLY D 285 22.17 2.64 -20.54
CA GLY D 285 21.02 3.05 -21.31
C GLY D 285 20.80 2.14 -22.51
N GLY D 286 19.97 2.60 -23.43
CA GLY D 286 19.69 1.79 -24.60
C GLY D 286 18.52 2.35 -25.38
N ARG D 287 18.13 1.64 -26.42
CA ARG D 287 17.04 2.06 -27.27
C ARG D 287 15.73 1.53 -26.68
N TYR D 288 14.62 2.21 -26.94
CA TYR D 288 13.34 1.80 -26.39
C TYR D 288 12.14 2.24 -27.23
N ASP D 289 12.15 1.85 -28.50
CA ASP D 289 11.04 2.18 -29.38
C ASP D 289 9.82 1.39 -28.87
N GLY D 290 8.63 1.96 -28.99
CA GLY D 290 7.45 1.26 -28.52
C GLY D 290 6.97 1.69 -27.15
N LEU D 291 7.86 2.30 -26.36
CA LEU D 291 7.51 2.78 -25.03
C LEU D 291 6.41 3.83 -25.12
N SER D 292 6.51 4.74 -26.08
CA SER D 292 5.50 5.78 -26.25
C SER D 292 4.14 5.14 -26.49
N GLU D 293 4.13 4.05 -27.26
CA GLU D 293 2.90 3.34 -27.58
C GLU D 293 2.32 2.70 -26.33
N LEU D 294 3.18 2.20 -25.45
CA LEU D 294 2.71 1.60 -24.20
C LEU D 294 1.99 2.66 -23.36
N LEU D 295 2.38 3.92 -23.53
CA LEU D 295 1.77 5.04 -22.81
C LEU D 295 0.61 5.63 -23.61
N GLY D 296 0.20 4.90 -24.66
CA GLY D 296 -0.90 5.33 -25.50
C GLY D 296 -0.59 6.39 -26.54
N GLY D 297 0.65 6.48 -26.97
CA GLY D 297 1.00 7.47 -27.97
C GLY D 297 1.38 6.81 -29.29
N PRO D 298 1.75 7.60 -30.30
CA PRO D 298 2.16 7.09 -31.62
C PRO D 298 3.52 6.42 -31.45
N ARG D 299 4.07 5.89 -32.54
CA ARG D 299 5.38 5.27 -32.46
C ARG D 299 6.41 6.38 -32.42
N VAL D 300 7.25 6.36 -31.40
CA VAL D 300 8.29 7.36 -31.24
C VAL D 300 9.54 6.61 -30.81
N PRO D 301 10.52 6.47 -31.71
CA PRO D 301 11.77 5.78 -31.41
C PRO D 301 12.58 6.62 -30.41
N GLY D 302 13.46 5.99 -29.65
CA GLY D 302 14.27 6.74 -28.72
C GLY D 302 15.41 5.96 -28.10
N VAL D 303 16.48 6.67 -27.76
CA VAL D 303 17.65 6.08 -27.11
C VAL D 303 18.03 7.08 -26.05
N GLY D 304 18.78 6.64 -25.06
CA GLY D 304 19.23 7.52 -24.01
C GLY D 304 20.01 6.77 -22.99
N PHE D 305 20.38 7.45 -21.92
CA PHE D 305 21.13 6.84 -20.85
C PHE D 305 20.84 7.62 -19.58
N ALA D 306 21.41 7.15 -18.48
CA ALA D 306 21.26 7.79 -17.19
C ALA D 306 22.41 7.27 -16.36
N PHE D 307 22.93 8.09 -15.44
CA PHE D 307 23.99 7.61 -14.59
C PHE D 307 23.79 8.10 -13.18
N GLY D 308 24.18 7.27 -12.22
CA GLY D 308 24.02 7.61 -10.82
C GLY D 308 25.09 8.58 -10.35
N VAL D 309 24.66 9.76 -9.92
CA VAL D 309 25.59 10.77 -9.44
C VAL D 309 26.39 10.24 -8.26
N GLU D 310 25.75 9.51 -7.35
CA GLU D 310 26.45 8.95 -6.20
C GLU D 310 27.52 7.98 -6.65
N ARG D 311 27.17 7.13 -7.61
CA ARG D 311 28.09 6.13 -8.16
C ARG D 311 29.30 6.85 -8.76
N VAL D 312 29.02 7.85 -9.58
CA VAL D 312 30.07 8.63 -10.22
C VAL D 312 30.97 9.31 -9.17
N ALA D 313 30.37 9.75 -8.07
CA ALA D 313 31.12 10.40 -7.00
C ALA D 313 32.10 9.43 -6.38
N LEU D 314 31.66 8.19 -6.18
CA LEU D 314 32.49 7.13 -5.61
C LEU D 314 33.65 6.84 -6.55
N ALA D 315 33.35 6.77 -7.84
CA ALA D 315 34.38 6.52 -8.85
C ALA D 315 35.41 7.64 -8.81
N LEU D 316 34.94 8.87 -8.69
CA LEU D 316 35.83 10.03 -8.62
C LEU D 316 36.74 9.93 -7.41
N GLU D 317 36.15 9.61 -6.26
CA GLU D 317 36.90 9.47 -5.03
C GLU D 317 37.97 8.38 -5.19
N ALA D 318 37.55 7.25 -5.76
CA ALA D 318 38.44 6.11 -5.98
C ALA D 318 39.62 6.51 -6.85
N GLU D 319 39.39 7.36 -7.83
CA GLU D 319 40.49 7.79 -8.68
C GLU D 319 41.25 8.95 -8.08
N GLY D 320 41.04 9.19 -6.79
CA GLY D 320 41.74 10.26 -6.08
C GLY D 320 41.34 11.70 -6.33
N PHE D 321 40.18 11.93 -6.94
CA PHE D 321 39.72 13.29 -7.19
C PHE D 321 39.09 13.88 -5.95
N GLY D 322 39.71 14.95 -5.44
CA GLY D 322 39.20 15.58 -4.25
C GLY D 322 38.56 16.93 -4.54
N LEU D 323 38.16 17.60 -3.47
CA LEU D 323 37.55 18.90 -3.55
C LEU D 323 38.35 19.80 -2.61
N PRO D 324 38.59 21.06 -2.99
CA PRO D 324 39.35 21.96 -2.12
C PRO D 324 38.45 22.46 -0.94
N GLU D 325 38.97 22.52 0.29
CA GLU D 325 38.24 23.02 1.48
C GLU D 325 37.14 24.05 1.25
N GLU D 326 36.10 23.97 2.08
CA GLU D 326 34.96 24.89 2.02
C GLU D 326 35.50 26.30 2.24
N LYS D 327 35.16 27.22 1.34
CA LYS D 327 35.62 28.59 1.46
C LYS D 327 35.03 29.24 2.70
N GLY D 328 35.82 30.08 3.35
CA GLY D 328 35.35 30.78 4.52
C GLY D 328 34.90 32.17 4.11
N PRO D 329 34.44 33.01 5.05
CA PRO D 329 33.99 34.36 4.70
C PRO D 329 35.18 35.27 4.34
N ASP D 330 34.93 36.23 3.46
CA ASP D 330 35.98 37.16 3.06
C ASP D 330 36.36 37.99 4.27
N LEU D 331 35.34 38.34 5.05
CA LEU D 331 35.53 39.14 6.26
C LEU D 331 34.69 38.64 7.43
N TYR D 332 35.31 38.63 8.60
CA TYR D 332 34.61 38.24 9.82
C TYR D 332 34.80 39.40 10.81
N LEU D 333 33.71 40.14 11.02
CA LEU D 333 33.72 41.28 11.93
C LEU D 333 33.56 40.82 13.37
N ILE D 334 34.47 41.28 14.22
CA ILE D 334 34.43 40.95 15.63
C ILE D 334 34.20 42.25 16.43
N PRO D 335 33.06 42.33 17.13
CA PRO D 335 32.69 43.50 17.95
C PRO D 335 33.47 43.49 19.26
N LEU D 336 33.98 44.63 19.67
CA LEU D 336 34.74 44.72 20.91
C LEU D 336 33.91 45.27 22.08
N THR D 337 32.76 45.85 21.74
CA THR D 337 31.82 46.42 22.72
C THR D 337 30.42 45.94 22.31
N GLU D 338 29.45 46.00 23.21
CA GLU D 338 28.10 45.56 22.89
C GLU D 338 27.48 46.44 21.80
N GLU D 339 27.72 47.74 21.88
CA GLU D 339 27.18 48.65 20.89
C GLU D 339 27.66 48.28 19.49
N ALA D 340 28.88 47.73 19.42
CA ALA D 340 29.50 47.32 18.16
C ALA D 340 28.85 46.13 17.45
N VAL D 341 28.26 45.20 18.18
CA VAL D 341 27.65 44.03 17.55
C VAL D 341 26.64 44.41 16.46
N ALA D 342 25.75 45.35 16.77
CA ALA D 342 24.77 45.78 15.79
C ALA D 342 25.47 46.49 14.66
N GLU D 343 26.50 47.29 14.98
CA GLU D 343 27.23 48.03 13.96
C GLU D 343 27.91 47.07 12.99
N ALA D 344 28.39 45.95 13.53
CA ALA D 344 29.06 44.92 12.73
C ALA D 344 28.03 44.37 11.76
N PHE D 345 26.83 44.11 12.27
CA PHE D 345 25.76 43.59 11.44
C PHE D 345 25.46 44.57 10.30
N TYR D 346 25.36 45.85 10.63
CA TYR D 346 25.08 46.87 9.61
C TYR D 346 26.17 46.94 8.56
N LEU D 347 27.43 46.92 9.01
CA LEU D 347 28.56 46.97 8.10
C LEU D 347 28.53 45.75 7.20
N ALA D 348 28.32 44.58 7.80
CA ALA D 348 28.26 43.33 7.04
C ALA D 348 27.23 43.48 5.93
N GLU D 349 26.06 44.00 6.28
CA GLU D 349 24.99 44.19 5.30
C GLU D 349 25.36 45.12 4.15
N ALA D 350 26.21 46.10 4.41
CA ALA D 350 26.64 47.04 3.38
C ALA D 350 27.59 46.36 2.39
N LEU D 351 28.32 45.37 2.87
CA LEU D 351 29.29 44.64 2.07
C LEU D 351 28.68 43.52 1.23
N ARG D 352 27.59 42.92 1.71
CA ARG D 352 26.93 41.82 0.99
C ARG D 352 26.04 42.34 -0.13
N PRO D 353 25.78 41.51 -1.15
CA PRO D 353 26.27 40.13 -1.29
C PRO D 353 27.55 40.04 -2.12
N ARG D 354 28.06 41.17 -2.59
CA ARG D 354 29.27 41.19 -3.41
C ARG D 354 30.45 40.60 -2.62
N LEU D 355 30.40 40.78 -1.31
CA LEU D 355 31.42 40.27 -0.40
C LEU D 355 30.73 39.39 0.64
N ARG D 356 31.39 38.32 1.04
CA ARG D 356 30.82 37.43 2.04
C ARG D 356 31.34 37.93 3.37
N ALA D 357 30.45 38.59 4.11
CA ALA D 357 30.79 39.17 5.41
C ALA D 357 29.98 38.57 6.54
N GLU D 358 30.67 38.13 7.58
CA GLU D 358 30.02 37.54 8.75
C GLU D 358 30.49 38.31 9.98
N TYR D 359 29.85 38.09 11.13
CA TYR D 359 30.21 38.80 12.35
C TYR D 359 29.80 38.01 13.59
N ALA D 360 30.39 38.38 14.73
CA ALA D 360 30.08 37.74 16.01
C ALA D 360 28.87 38.45 16.60
N LEU D 361 28.00 37.70 17.28
CA LEU D 361 26.79 38.28 17.87
C LEU D 361 26.97 38.78 19.31
N ALA D 362 28.20 38.77 19.78
CA ALA D 362 28.50 39.21 21.14
C ALA D 362 29.92 39.75 21.17
N PRO D 363 30.19 40.72 22.05
CA PRO D 363 31.53 41.31 22.17
C PRO D 363 32.52 40.27 22.66
N ARG D 364 33.78 40.44 22.32
CA ARG D 364 34.82 39.52 22.75
C ARG D 364 36.19 40.17 22.62
N LYS D 365 37.16 39.64 23.36
CA LYS D 365 38.49 40.19 23.30
C LYS D 365 39.08 39.88 21.92
N PRO D 366 39.94 40.78 21.41
CA PRO D 366 40.60 40.67 20.10
C PRO D 366 41.15 39.28 19.76
N ALA D 367 41.97 38.72 20.65
CA ALA D 367 42.57 37.41 20.45
C ALA D 367 41.53 36.30 20.22
N LYS D 368 40.47 36.33 21.02
CA LYS D 368 39.40 35.34 20.91
C LYS D 368 38.69 35.46 19.58
N GLY D 369 38.30 36.68 19.22
CA GLY D 369 37.61 36.91 17.97
C GLY D 369 38.48 36.55 16.79
N LEU D 370 39.78 36.76 16.93
CA LEU D 370 40.74 36.45 15.88
C LEU D 370 40.79 34.92 15.71
N GLU D 371 40.75 34.22 16.84
CA GLU D 371 40.75 32.77 16.88
C GLU D 371 39.53 32.26 16.10
N GLU D 372 38.38 32.87 16.35
CA GLU D 372 37.12 32.49 15.69
C GLU D 372 37.13 32.77 14.19
N ALA D 373 37.79 33.85 13.80
CA ALA D 373 37.89 34.21 12.39
C ALA D 373 38.68 33.11 11.70
N LEU D 374 39.75 32.67 12.35
CA LEU D 374 40.63 31.62 11.83
C LEU D 374 39.83 30.31 11.76
N LYS D 375 39.05 30.06 12.82
CA LYS D 375 38.19 28.87 12.96
C LYS D 375 37.09 28.82 11.90
N ARG D 376 36.86 29.95 11.25
CA ARG D 376 35.85 30.05 10.19
C ARG D 376 36.50 30.17 8.83
N GLY D 377 37.82 30.15 8.78
CA GLY D 377 38.54 30.25 7.52
C GLY D 377 38.40 31.59 6.83
N ALA D 378 38.20 32.64 7.63
CA ALA D 378 38.04 33.99 7.10
C ALA D 378 39.33 34.55 6.51
N ALA D 379 39.21 35.30 5.42
CA ALA D 379 40.39 35.89 4.79
C ALA D 379 40.87 37.06 5.64
N PHE D 380 39.92 37.91 6.01
CA PHE D 380 40.21 39.07 6.82
C PHE D 380 39.38 39.09 8.10
N ALA D 381 39.98 39.63 9.15
CA ALA D 381 39.29 39.78 10.43
C ALA D 381 39.03 41.27 10.47
N GLY D 382 37.91 41.67 11.03
CA GLY D 382 37.58 43.10 11.12
C GLY D 382 37.23 43.46 12.54
N PHE D 383 37.93 44.43 13.12
CA PHE D 383 37.67 44.83 14.49
C PHE D 383 36.82 46.08 14.60
N LEU D 384 35.82 46.05 15.49
CA LEU D 384 34.95 47.19 15.72
C LEU D 384 34.88 47.49 17.21
N GLY D 385 35.78 48.37 17.66
CA GLY D 385 35.82 48.77 19.05
C GLY D 385 35.37 50.20 19.13
N GLU D 386 35.48 50.82 20.30
CA GLU D 386 35.04 52.20 20.43
C GLU D 386 35.74 53.15 19.48
N ASP D 387 37.06 53.05 19.39
CA ASP D 387 37.82 53.93 18.52
C ASP D 387 37.28 53.98 17.09
N GLU D 388 37.20 52.84 16.44
CA GLU D 388 36.71 52.81 15.06
C GLU D 388 35.24 53.19 14.96
N LEU D 389 34.46 52.91 15.99
CA LEU D 389 33.04 53.28 15.97
C LEU D 389 32.89 54.80 15.93
N ARG D 390 33.67 55.48 16.74
CA ARG D 390 33.64 56.93 16.81
C ARG D 390 34.25 57.55 15.55
N ALA D 391 35.32 56.93 15.06
CA ALA D 391 36.02 57.42 13.87
C ALA D 391 35.38 57.04 12.54
N GLY D 392 34.42 56.13 12.57
CA GLY D 392 33.76 55.70 11.34
C GLY D 392 34.71 54.86 10.50
N GLU D 393 35.58 54.13 11.17
CA GLU D 393 36.56 53.28 10.53
C GLU D 393 36.42 51.82 10.96
N VAL D 394 37.28 50.97 10.41
CA VAL D 394 37.29 49.55 10.71
C VAL D 394 38.74 49.10 10.69
N THR D 395 39.14 48.24 11.61
CA THR D 395 40.50 47.73 11.61
C THR D 395 40.53 46.35 10.98
N LEU D 396 41.03 46.27 9.75
CA LEU D 396 41.12 45.00 9.03
C LEU D 396 42.47 44.32 9.25
N LYS D 397 42.47 43.00 9.19
CA LYS D 397 43.69 42.24 9.40
C LYS D 397 43.66 40.99 8.52
N ARG D 398 44.53 40.91 7.53
CA ARG D 398 44.57 39.72 6.68
C ARG D 398 45.17 38.65 7.58
N LEU D 399 44.42 37.59 7.81
CA LEU D 399 44.85 36.52 8.68
C LEU D 399 46.09 35.71 8.26
N ALA D 400 46.26 35.43 6.97
CA ALA D 400 47.43 34.65 6.55
C ALA D 400 48.79 35.32 6.84
N THR D 401 48.88 36.63 6.58
CA THR D 401 50.10 37.38 6.80
C THR D 401 50.15 38.12 8.14
N GLY D 402 48.97 38.47 8.65
CA GLY D 402 48.89 39.20 9.91
C GLY D 402 48.94 40.70 9.68
N GLU D 403 48.89 41.12 8.42
CA GLU D 403 48.93 42.52 8.04
C GLU D 403 47.68 43.26 8.52
N GLN D 404 47.84 44.49 9.01
CA GLN D 404 46.71 45.25 9.55
C GLN D 404 46.55 46.63 8.94
N VAL D 405 45.31 47.01 8.67
CA VAL D 405 45.00 48.30 8.07
C VAL D 405 43.79 48.92 8.76
N ARG D 406 43.85 50.22 8.99
CA ARG D 406 42.76 50.95 9.62
C ARG D 406 42.26 51.88 8.50
N LEU D 407 41.02 51.70 8.08
CA LEU D 407 40.46 52.54 7.02
C LEU D 407 39.01 52.86 7.25
N SER D 408 38.50 53.84 6.51
CA SER D 408 37.11 54.25 6.68
C SER D 408 36.18 53.21 6.10
N ARG D 409 34.98 53.13 6.67
CA ARG D 409 33.96 52.19 6.23
C ARG D 409 33.79 52.12 4.71
N GLU D 410 33.91 53.26 4.03
CA GLU D 410 33.74 53.28 2.57
C GLU D 410 34.88 52.61 1.84
N GLU D 411 36.10 52.71 2.36
CA GLU D 411 37.25 52.11 1.70
C GLU D 411 37.27 50.59 1.82
N VAL D 412 36.56 50.09 2.81
CA VAL D 412 36.51 48.66 3.07
C VAL D 412 36.10 47.77 1.89
N PRO D 413 34.95 48.05 1.23
CA PRO D 413 34.55 47.21 0.11
C PRO D 413 35.62 47.12 -0.98
N GLY D 414 36.14 48.28 -1.38
CA GLY D 414 37.16 48.34 -2.41
C GLY D 414 38.46 47.65 -2.02
N TYR D 415 38.96 47.94 -0.82
CA TYR D 415 40.20 47.34 -0.34
C TYR D 415 40.11 45.82 -0.33
N LEU D 416 39.01 45.30 0.21
CA LEU D 416 38.82 43.85 0.29
C LEU D 416 38.72 43.23 -1.08
N LEU D 417 37.94 43.86 -1.97
CA LEU D 417 37.78 43.36 -3.34
C LEU D 417 39.06 43.30 -4.14
N GLN D 418 39.87 44.35 -4.06
CA GLN D 418 41.15 44.38 -4.78
C GLN D 418 42.17 43.44 -4.14
N ALA D 419 42.01 43.20 -2.84
CA ALA D 419 42.93 42.33 -2.11
C ALA D 419 42.59 40.86 -2.25
N LEU D 420 41.40 40.55 -2.75
CA LEU D 420 40.95 39.17 -2.91
C LEU D 420 40.47 38.80 -4.32
N GLY D 421 40.22 39.81 -5.15
CA GLY D 421 39.74 39.56 -6.49
C GLY D 421 40.83 39.50 -7.54
#